data_6APB
#
_entry.id   6APB
#
_cell.length_a   88.450
_cell.length_b   99.040
_cell.length_c   323.309
_cell.angle_alpha   90.000
_cell.angle_beta   90.000
_cell.angle_gamma   90.000
#
_symmetry.space_group_name_H-M   'P 21 21 21'
#
loop_
_entity.id
_entity.type
_entity.pdbx_description
1 polymer 'Fusion glycoprotein F0,Fusion glycoprotein F0'
2 polymer 'IgG H chain'
3 polymer 'ADI-14359 Fab Light Chain'
4 non-polymer 2-acetamido-2-deoxy-beta-D-glucopyranose
#
loop_
_entity_poly.entity_id
_entity_poly.type
_entity_poly.pdbx_seq_one_letter_code
_entity_poly.pdbx_strand_id
1 'polypeptide(L)'
;MELLILKANAITTILTAVTFCFASGQNITEEFYQSTCSAVSKGYLSALRTGWYTSVITIELSNIKENKCNGTDAKVKLIK
QELDKYKNAVTELQLLMQSTPATNNRARRELPRFMNYTLNNAKKTNVTLSKKRKRRAIASGVAVSKVLHLEGEVNKIKSA
LLSTNKAVVSLSNGVSVLTSKVLDLKNYIDKQLLPIVNKQSCSISNIETVIEFQQKNNRLLEITREFSVNAGVTTPVSTY
MLTNSELLSLINDMPITNDQKKLMSNNVQIVRQQSYSIMSIIKEEVLAYVVQLPLYGVIDTPCWKLHTSPLCTTNTKEGS
NICLTRTDRGWYCDNAGSVSFFPQAETCKVQSNRVFCDTMNSLTLPSEVNLCNVDIFNPKYDCKIMTSKTDVSSSVITSL
GAIVSCYGKTKCTASNKNRGIIKTFSNGCDYVSNKGVDTVSVGNTLYYVNKQEGKSLYVKGEPIINFYDPLVFPSDEFDA
SISQVNEKINQSLAFIRKSDELLGLEVLFQ
;
A,B,C
2 'polypeptide(L)'
;QVTLRESGPALVKPTQTLTLTCTFSGFSLSTSGMCVSWIRQPPGKALEWLARIDWDDDKYYSTSLKTRLTISKDTSKNQV
VLTMTNMDPVDTATYYCARATNYDSSGYYSLYFDYWGQGTLVTVSSASTKGPSVFPLAPSSKSTSGGTAALGCLVKDYFP
EPVTVSWNSGALTSGVHTFPAVLQSSGLYSLSSVVTVPSSSLGTQTYICNVNHKPSNTKVDKKVEPKSCD
;
H
3 'polypeptide(L)'
;DIQMTQSPSSLSASVGDRVTITCRASQSISSYLNWYQQKPGKAPKLLIYAASSLQSGVPSRFSGSGSGTDFTLTISSLQP
EDFATYYCQQSYSTPYTFGGGTKVEIKRTVAAPSVFIFPPSDEQLKSGTASVVCLLNNFYPREAKVQWKVDNALQSGNSQ
ESVTEQDSKDSTYSLSSTLTLSKADYEKHKVYACEVTHQGLSSPVTKSFNRGEC
;
L
#
loop_
_chem_comp.id
_chem_comp.type
_chem_comp.name
_chem_comp.formula
NAG D-saccharide, beta linking 2-acetamido-2-deoxy-beta-D-glucopyranose 'C8 H15 N O6'
#
# COMPACT_ATOMS: atom_id res chain seq x y z
N ASN A 27 -7.56 5.13 -39.29
CA ASN A 27 -7.39 6.13 -38.25
C ASN A 27 -5.98 6.16 -37.68
N ILE A 28 -5.77 5.43 -36.60
CA ILE A 28 -4.53 5.47 -35.84
C ILE A 28 -3.58 4.37 -36.28
N THR A 29 -2.39 4.77 -36.71
CA THR A 29 -1.38 3.83 -37.16
C THR A 29 -0.04 4.12 -36.48
N GLU A 30 0.99 3.37 -36.89
CA GLU A 30 2.28 3.46 -36.23
C GLU A 30 3.40 3.10 -37.19
N GLU A 31 4.27 4.08 -37.43
CA GLU A 31 5.43 3.89 -38.29
C GLU A 31 6.66 3.59 -37.46
N PHE A 32 7.49 2.65 -37.91
CA PHE A 32 8.72 2.35 -37.20
C PHE A 32 9.95 2.72 -37.99
N TYR A 33 10.75 3.60 -37.42
CA TYR A 33 11.96 4.06 -38.06
C TYR A 33 13.16 3.27 -37.54
N GLN A 34 13.67 2.34 -38.35
CA GLN A 34 14.80 1.52 -37.94
C GLN A 34 16.07 2.38 -37.83
N SER A 35 16.06 3.44 -38.62
CA SER A 35 17.19 4.35 -38.77
C SER A 35 17.59 5.00 -37.45
N THR A 36 16.62 5.24 -36.59
CA THR A 36 16.89 5.87 -35.31
C THR A 36 16.32 5.07 -34.16
N CYS A 37 16.00 3.80 -34.46
CA CYS A 37 15.21 2.93 -33.61
C CYS A 37 14.18 3.72 -32.81
N SER A 38 12.98 3.83 -33.38
CA SER A 38 11.92 4.60 -32.75
C SER A 38 10.60 4.40 -33.48
N ALA A 39 9.51 4.45 -32.75
CA ALA A 39 8.19 4.31 -33.36
C ALA A 39 7.41 5.60 -33.15
N VAL A 40 6.63 6.00 -34.16
CA VAL A 40 5.76 7.15 -33.99
C VAL A 40 4.33 6.65 -34.15
N SER A 41 3.41 7.22 -33.36
CA SER A 41 2.00 6.84 -33.45
C SER A 41 1.20 7.99 -34.04
N LYS A 42 0.95 7.93 -35.33
CA LYS A 42 0.30 9.01 -36.06
C LYS A 42 -1.23 8.94 -35.95
N GLY A 43 -1.89 10.06 -36.27
CA GLY A 43 -3.32 10.09 -36.50
C GLY A 43 -4.14 10.48 -35.30
N TYR A 44 -3.59 11.30 -34.43
CA TYR A 44 -4.34 11.79 -33.29
C TYR A 44 -4.80 13.22 -33.53
N LEU A 45 -5.76 13.67 -32.73
CA LEU A 45 -6.27 15.02 -32.81
C LEU A 45 -6.19 15.73 -31.46
N SER A 46 -5.64 16.94 -31.46
CA SER A 46 -5.27 17.60 -30.21
C SER A 46 -6.39 18.37 -29.53
N ALA A 47 -6.08 18.82 -28.32
CA ALA A 47 -6.93 19.69 -27.54
C ALA A 47 -6.09 20.26 -26.42
N LEU A 48 -5.44 21.40 -26.65
CA LEU A 48 -4.48 21.93 -25.70
C LEU A 48 -5.15 22.91 -24.75
N ARG A 49 -5.10 22.63 -23.45
CA ARG A 49 -5.65 23.53 -22.46
C ARG A 49 -4.77 24.78 -22.33
N THR A 50 -5.39 25.95 -22.45
CA THR A 50 -4.65 27.20 -22.27
C THR A 50 -5.40 28.19 -21.38
N GLY A 51 -6.49 27.75 -20.76
CA GLY A 51 -7.26 28.64 -19.91
C GLY A 51 -8.20 27.92 -18.97
N TRP A 52 -8.79 28.69 -18.06
CA TRP A 52 -9.74 28.12 -17.10
C TRP A 52 -11.10 28.81 -17.15
N TYR A 53 -12.15 28.01 -17.09
CA TYR A 53 -13.52 28.53 -16.98
C TYR A 53 -14.05 28.25 -15.58
N THR A 54 -14.46 29.30 -14.86
CA THR A 54 -14.93 29.10 -13.49
C THR A 54 -16.40 29.47 -13.29
N SER A 55 -17.14 28.53 -12.71
CA SER A 55 -18.54 28.72 -12.38
C SER A 55 -18.77 28.49 -10.89
N VAL A 56 -19.64 29.30 -10.29
CA VAL A 56 -19.91 29.22 -8.86
C VAL A 56 -21.19 28.45 -8.61
N ILE A 57 -21.06 27.19 -8.18
CA ILE A 57 -22.23 26.39 -7.88
C ILE A 57 -22.63 26.52 -6.40
N THR A 58 -23.94 26.52 -6.15
CA THR A 58 -24.48 26.72 -4.81
C THR A 58 -25.53 25.63 -4.55
N ILE A 59 -25.68 25.22 -3.30
CA ILE A 59 -26.60 24.13 -2.95
C ILE A 59 -27.20 24.36 -1.58
N GLU A 60 -28.53 24.35 -1.54
CA GLU A 60 -29.26 24.59 -0.31
C GLU A 60 -29.51 23.31 0.45
N LEU A 61 -29.71 23.43 1.75
CA LEU A 61 -29.94 22.28 2.59
C LEU A 61 -31.44 22.05 2.78
N SER A 62 -31.93 20.85 2.52
CA SER A 62 -33.28 20.51 2.94
C SER A 62 -33.23 20.23 4.43
N ASN A 63 -33.45 21.25 5.26
CA ASN A 63 -33.29 21.09 6.70
C ASN A 63 -34.37 20.19 7.33
N ILE A 64 -34.07 19.67 8.51
CA ILE A 64 -35.05 18.92 9.30
C ILE A 64 -35.43 19.62 10.61
N LYS A 65 -36.71 19.92 10.71
CA LYS A 65 -37.32 20.46 11.92
C LYS A 65 -37.63 19.32 12.91
N GLU A 66 -36.96 19.33 14.06
CA GLU A 66 -37.07 18.25 15.03
C GLU A 66 -38.39 18.39 15.78
N ASN A 67 -39.23 17.37 15.60
CA ASN A 67 -40.54 17.31 16.23
C ASN A 67 -40.51 16.80 17.65
N LYS A 68 -40.96 17.67 18.56
CA LYS A 68 -40.84 17.39 19.97
C LYS A 68 -42.09 16.63 20.40
N CYS A 69 -41.87 15.46 20.98
CA CYS A 69 -42.89 14.54 21.42
C CYS A 69 -42.18 13.40 22.14
N ASN A 70 -42.90 12.64 22.97
CA ASN A 70 -42.27 11.54 23.66
C ASN A 70 -42.10 10.36 22.70
N GLY A 71 -40.88 9.89 22.47
CA GLY A 71 -40.71 8.78 21.53
C GLY A 71 -40.73 7.42 22.22
N THR A 72 -40.00 6.44 21.67
CA THR A 72 -39.97 5.11 22.26
C THR A 72 -38.94 5.02 23.38
N ASP A 73 -37.73 5.48 23.06
CA ASP A 73 -36.65 5.57 24.02
C ASP A 73 -36.33 7.05 24.22
N ALA A 74 -36.27 7.49 25.47
CA ALA A 74 -36.08 8.91 25.74
C ALA A 74 -34.64 9.33 25.47
N LYS A 75 -33.73 8.36 25.53
CA LYS A 75 -32.31 8.61 25.29
C LYS A 75 -31.98 8.67 23.80
N VAL A 76 -32.93 8.28 22.94
CA VAL A 76 -32.66 8.22 21.52
C VAL A 76 -33.23 9.43 20.78
N LYS A 77 -32.39 10.43 20.57
CA LYS A 77 -32.77 11.62 19.81
C LYS A 77 -32.18 11.59 18.41
N LEU A 78 -32.68 10.73 17.53
CA LEU A 78 -32.07 10.56 16.21
C LEU A 78 -31.97 11.86 15.42
N ILE A 79 -33.08 12.59 15.33
CA ILE A 79 -33.13 13.83 14.57
C ILE A 79 -32.01 14.78 14.98
N LYS A 80 -31.81 14.92 16.28
CA LYS A 80 -30.81 15.84 16.80
C LYS A 80 -29.42 15.32 16.48
N GLN A 81 -29.20 14.05 16.80
CA GLN A 81 -27.90 13.41 16.63
C GLN A 81 -27.46 13.41 15.16
N GLU A 82 -28.43 13.51 14.25
CA GLU A 82 -28.14 13.54 12.82
C GLU A 82 -27.70 14.92 12.36
N LEU A 83 -28.40 15.96 12.80
CA LEU A 83 -28.02 17.35 12.51
C LEU A 83 -26.67 17.71 13.11
N ASP A 84 -26.44 17.27 14.35
CA ASP A 84 -25.19 17.53 15.04
C ASP A 84 -24.05 16.98 14.22
N LYS A 85 -24.16 15.70 13.86
CA LYS A 85 -23.23 15.07 12.94
C LYS A 85 -22.97 15.96 11.73
N TYR A 86 -24.03 16.49 11.13
CA TYR A 86 -23.90 17.36 9.96
C TYR A 86 -23.28 18.73 10.28
N LYS A 87 -23.85 19.42 11.26
CA LYS A 87 -23.32 20.72 11.70
C LYS A 87 -21.83 20.66 12.04
N ASN A 88 -21.39 19.50 12.50
CA ASN A 88 -19.98 19.32 12.84
C ASN A 88 -19.11 19.27 11.59
N ALA A 89 -19.47 18.38 10.66
CA ALA A 89 -18.79 18.31 9.36
C ALA A 89 -18.67 19.68 8.70
N VAL A 90 -19.73 20.48 8.82
CA VAL A 90 -19.74 21.82 8.26
C VAL A 90 -18.79 22.73 9.03
N THR A 91 -18.69 22.48 10.33
CA THR A 91 -17.78 23.25 11.16
C THR A 91 -16.33 22.93 10.80
N GLU A 92 -16.04 21.65 10.57
CA GLU A 92 -14.68 21.22 10.29
C GLU A 92 -14.18 21.85 9.01
N LEU A 93 -15.04 21.92 8.00
CA LEU A 93 -14.72 22.57 6.73
C LEU A 93 -14.54 24.06 6.91
N GLN A 94 -15.43 24.69 7.67
CA GLN A 94 -15.32 26.12 7.94
C GLN A 94 -13.94 26.49 8.52
N LEU A 95 -13.28 25.53 9.16
CA LEU A 95 -12.02 25.84 9.81
C LEU A 95 -10.84 25.61 8.86
N LEU A 96 -11.14 25.15 7.66
CA LEU A 96 -10.11 24.99 6.65
C LEU A 96 -9.84 26.32 5.90
N MET A 97 -10.70 27.30 6.13
CA MET A 97 -10.59 28.57 5.40
C MET A 97 -9.89 29.63 6.23
N ALA A 143 -117.39 -22.45 49.90
CA ALA A 143 -116.69 -23.72 49.78
C ALA A 143 -115.31 -23.66 50.45
N VAL A 144 -115.26 -24.05 51.71
CA VAL A 144 -114.03 -23.99 52.52
C VAL A 144 -112.83 -24.69 51.88
N SER A 145 -113.11 -25.67 51.03
CA SER A 145 -112.06 -26.47 50.42
C SER A 145 -111.22 -25.69 49.42
N LYS A 146 -111.83 -24.72 48.74
CA LYS A 146 -111.11 -23.90 47.77
C LYS A 146 -110.16 -22.90 48.43
N VAL A 147 -110.64 -22.23 49.48
CA VAL A 147 -109.83 -21.29 50.22
C VAL A 147 -108.52 -21.92 50.71
N LEU A 148 -108.64 -23.03 51.43
CA LEU A 148 -107.47 -23.71 51.98
C LEU A 148 -106.45 -24.07 50.88
N HIS A 149 -106.93 -24.59 49.75
CA HIS A 149 -106.07 -24.83 48.59
C HIS A 149 -105.45 -23.54 48.09
N LEU A 150 -106.30 -22.53 47.91
CA LEU A 150 -105.88 -21.22 47.40
C LEU A 150 -104.91 -20.52 48.36
N GLU A 151 -104.77 -21.09 49.54
CA GLU A 151 -103.83 -20.60 50.56
C GLU A 151 -102.45 -21.20 50.29
N GLY A 152 -102.40 -22.51 50.13
CA GLY A 152 -101.19 -23.19 49.69
C GLY A 152 -100.70 -22.74 48.32
N GLU A 153 -101.59 -22.17 47.52
CA GLU A 153 -101.22 -21.60 46.23
C GLU A 153 -100.42 -20.33 46.44
N VAL A 154 -101.02 -19.39 47.16
CA VAL A 154 -100.38 -18.13 47.52
C VAL A 154 -99.01 -18.36 48.19
N ASN A 155 -98.95 -19.40 49.04
CA ASN A 155 -97.69 -19.73 49.71
C ASN A 155 -96.59 -20.21 48.76
N LYS A 156 -96.96 -21.02 47.76
CA LYS A 156 -96.01 -21.53 46.80
C LYS A 156 -95.40 -20.40 45.98
N ILE A 157 -96.27 -19.52 45.49
CA ILE A 157 -95.86 -18.44 44.61
C ILE A 157 -95.05 -17.39 45.38
N LYS A 158 -95.27 -17.29 46.70
CA LYS A 158 -94.40 -16.48 47.54
C LYS A 158 -92.96 -16.98 47.50
N SER A 159 -92.79 -18.25 47.81
CA SER A 159 -91.47 -18.89 47.79
C SER A 159 -90.83 -18.81 46.41
N ALA A 160 -91.63 -19.04 45.38
CA ALA A 160 -91.19 -18.91 43.99
C ALA A 160 -90.58 -17.53 43.73
N LEU A 161 -91.27 -16.50 44.22
CA LEU A 161 -90.85 -15.12 43.99
C LEU A 161 -89.55 -14.83 44.73
N LEU A 162 -89.34 -15.54 45.83
CA LEU A 162 -88.11 -15.38 46.61
C LEU A 162 -86.88 -15.88 45.85
N SER A 163 -87.04 -16.98 45.11
CA SER A 163 -85.94 -17.48 44.29
C SER A 163 -85.70 -16.61 43.07
N THR A 164 -86.80 -16.12 42.49
CA THR A 164 -86.71 -15.23 41.33
C THR A 164 -85.97 -13.96 41.71
N ASN A 165 -86.17 -13.52 42.95
CA ASN A 165 -85.47 -12.36 43.48
C ASN A 165 -83.97 -12.63 43.59
N LYS A 166 -83.62 -13.78 44.17
CA LYS A 166 -82.23 -14.21 44.24
C LYS A 166 -81.56 -14.25 42.86
N ALA A 167 -82.31 -14.75 41.88
CA ALA A 167 -81.82 -14.84 40.50
C ALA A 167 -81.42 -13.47 39.97
N VAL A 168 -82.27 -12.48 40.19
CA VAL A 168 -82.01 -11.13 39.70
C VAL A 168 -80.82 -10.57 40.45
N VAL A 169 -80.65 -11.00 41.70
CA VAL A 169 -79.54 -10.53 42.51
C VAL A 169 -78.23 -11.15 42.03
N SER A 170 -78.27 -12.43 41.65
CA SER A 170 -77.10 -13.09 41.09
C SER A 170 -76.68 -12.47 39.76
N LEU A 171 -77.64 -12.35 38.84
CA LEU A 171 -77.37 -11.75 37.54
C LEU A 171 -76.81 -10.34 37.68
N SER A 172 -77.38 -9.55 38.59
CA SER A 172 -76.89 -8.21 38.85
C SER A 172 -75.42 -8.20 39.26
N ASN A 173 -75.05 -9.15 40.11
CA ASN A 173 -73.65 -9.26 40.56
C ASN A 173 -72.75 -9.71 39.41
N GLY A 174 -73.21 -10.70 38.65
CA GLY A 174 -72.59 -11.06 37.40
C GLY A 174 -72.30 -9.85 36.51
N VAL A 175 -73.35 -9.09 36.21
CA VAL A 175 -73.24 -7.92 35.36
C VAL A 175 -72.30 -6.87 35.96
N SER A 176 -72.31 -6.78 37.29
CA SER A 176 -71.45 -5.82 37.98
C SER A 176 -69.97 -6.15 37.76
N VAL A 177 -69.59 -7.41 37.98
CA VAL A 177 -68.23 -7.86 37.74
C VAL A 177 -67.83 -7.66 36.28
N LEU A 178 -68.69 -8.09 35.36
CA LEU A 178 -68.44 -7.94 33.93
C LEU A 178 -68.22 -6.48 33.57
N THR A 179 -69.02 -5.60 34.17
CA THR A 179 -68.92 -4.18 33.92
C THR A 179 -67.54 -3.65 34.31
N SER A 180 -67.10 -4.01 35.51
CA SER A 180 -65.79 -3.61 35.99
C SER A 180 -64.67 -4.16 35.09
N LYS A 181 -64.85 -5.35 34.55
CA LYS A 181 -63.83 -5.93 33.66
C LYS A 181 -63.84 -5.25 32.29
N VAL A 182 -64.99 -4.72 31.89
CA VAL A 182 -65.08 -3.94 30.66
C VAL A 182 -64.38 -2.59 30.86
N LEU A 183 -64.56 -2.00 32.03
CA LEU A 183 -63.88 -0.77 32.38
C LEU A 183 -62.38 -1.00 32.40
N ASP A 184 -61.95 -2.11 32.99
CA ASP A 184 -60.54 -2.45 33.08
C ASP A 184 -59.93 -2.69 31.71
N LEU A 185 -60.73 -3.23 30.80
CA LEU A 185 -60.28 -3.52 29.45
C LEU A 185 -60.02 -2.23 28.69
N LYS A 186 -60.92 -1.27 28.83
CA LYS A 186 -60.76 0.02 28.18
C LYS A 186 -59.55 0.76 28.76
N ASN A 187 -59.45 0.73 30.09
CA ASN A 187 -58.35 1.40 30.77
C ASN A 187 -57.00 0.80 30.43
N TYR A 188 -56.98 -0.47 30.05
CA TYR A 188 -55.74 -1.03 29.52
C TYR A 188 -55.40 -0.34 28.21
N ILE A 189 -56.36 -0.34 27.29
CA ILE A 189 -56.18 0.30 25.99
C ILE A 189 -55.76 1.77 26.11
N ASP A 190 -56.34 2.48 27.07
CA ASP A 190 -56.14 3.92 27.15
C ASP A 190 -54.87 4.29 27.90
N LYS A 191 -54.56 3.56 28.97
CA LYS A 191 -53.43 3.92 29.83
C LYS A 191 -52.17 3.11 29.52
N GLN A 192 -52.35 1.89 29.03
CA GLN A 192 -51.21 1.01 28.79
C GLN A 192 -50.83 0.92 27.32
N LEU A 193 -51.81 0.66 26.47
CA LEU A 193 -51.54 0.34 25.08
C LEU A 193 -51.41 1.59 24.21
N LEU A 194 -52.41 2.47 24.30
CA LEU A 194 -52.45 3.68 23.47
C LEU A 194 -51.21 4.57 23.60
N PRO A 195 -50.72 4.83 24.83
CA PRO A 195 -49.52 5.69 24.90
C PRO A 195 -48.32 5.10 24.16
N ILE A 196 -48.17 3.77 24.22
CA ILE A 196 -47.05 3.11 23.54
C ILE A 196 -47.16 3.21 22.02
N VAL A 197 -48.39 3.13 21.51
CA VAL A 197 -48.61 3.17 20.06
C VAL A 197 -48.38 4.58 19.53
N ASN A 198 -48.50 5.56 20.41
CA ASN A 198 -48.21 6.93 20.02
C ASN A 198 -46.70 7.17 20.08
N LYS A 199 -46.06 6.58 21.09
CA LYS A 199 -44.59 6.62 21.18
C LYS A 199 -43.94 5.92 19.99
N GLN A 200 -44.64 4.94 19.41
CA GLN A 200 -44.11 4.25 18.25
C GLN A 200 -44.27 5.12 17.02
N SER A 201 -45.38 5.86 16.95
CA SER A 201 -45.60 6.79 15.85
C SER A 201 -44.55 7.89 15.83
N CYS A 202 -44.07 8.27 17.01
CA CYS A 202 -43.08 9.32 17.12
C CYS A 202 -41.72 8.82 16.64
N SER A 203 -41.35 7.61 17.06
CA SER A 203 -40.08 7.05 16.65
C SER A 203 -40.05 6.75 15.16
N ILE A 204 -41.17 6.24 14.62
CA ILE A 204 -41.26 5.98 13.20
C ILE A 204 -41.18 7.28 12.39
N SER A 205 -41.81 8.33 12.92
CA SER A 205 -41.76 9.63 12.28
C SER A 205 -40.33 10.17 12.28
N ASN A 206 -39.70 10.13 13.45
CA ASN A 206 -38.29 10.52 13.58
C ASN A 206 -37.39 9.77 12.60
N ILE A 207 -37.48 8.45 12.61
CA ILE A 207 -36.67 7.62 11.73
C ILE A 207 -36.87 8.03 10.28
N GLU A 208 -38.11 7.99 9.81
CA GLU A 208 -38.47 8.44 8.46
C GLU A 208 -37.81 9.76 8.07
N THR A 209 -37.94 10.75 8.95
CA THR A 209 -37.35 12.06 8.71
C THR A 209 -35.84 11.98 8.49
N VAL A 210 -35.13 11.31 9.39
CA VAL A 210 -33.68 11.11 9.25
C VAL A 210 -33.31 10.50 7.90
N ILE A 211 -33.94 9.38 7.56
CA ILE A 211 -33.70 8.73 6.27
C ILE A 211 -34.03 9.69 5.12
N GLU A 212 -35.04 10.53 5.33
CA GLU A 212 -35.47 11.45 4.28
C GLU A 212 -34.48 12.62 4.18
N PHE A 213 -33.80 12.91 5.29
CA PHE A 213 -32.72 13.90 5.30
C PHE A 213 -31.56 13.41 4.46
N GLN A 214 -31.24 12.13 4.62
CA GLN A 214 -30.09 11.51 3.96
C GLN A 214 -30.34 11.30 2.47
N GLN A 215 -31.61 11.31 2.08
CA GLN A 215 -31.99 11.11 0.69
C GLN A 215 -32.10 12.41 -0.08
N LYS A 216 -32.68 13.42 0.56
CA LYS A 216 -32.96 14.68 -0.11
C LYS A 216 -31.77 15.64 -0.07
N ASN A 217 -30.73 15.25 0.66
CA ASN A 217 -29.49 16.01 0.69
C ASN A 217 -28.34 15.17 0.21
N ASN A 218 -28.69 14.13 -0.54
CA ASN A 218 -27.73 13.18 -1.11
C ASN A 218 -26.50 13.87 -1.69
N ARG A 219 -26.73 14.87 -2.54
CA ARG A 219 -25.63 15.52 -3.25
C ARG A 219 -24.83 16.40 -2.31
N LEU A 220 -25.54 17.18 -1.50
CA LEU A 220 -24.90 18.04 -0.51
C LEU A 220 -24.01 17.23 0.42
N LEU A 221 -24.50 16.07 0.82
CA LEU A 221 -23.78 15.20 1.76
C LEU A 221 -22.56 14.54 1.12
N GLU A 222 -22.66 14.19 -0.16
CA GLU A 222 -21.54 13.60 -0.90
C GLU A 222 -20.44 14.61 -1.10
N ILE A 223 -20.84 15.85 -1.36
CA ILE A 223 -19.91 16.93 -1.61
C ILE A 223 -19.14 17.32 -0.35
N THR A 224 -19.82 17.32 0.79
CA THR A 224 -19.15 17.65 2.04
C THR A 224 -18.17 16.56 2.42
N ARG A 225 -18.45 15.32 2.05
CA ARG A 225 -17.51 14.23 2.26
C ARG A 225 -16.27 14.42 1.38
N GLU A 226 -16.51 14.79 0.13
CA GLU A 226 -15.44 14.96 -0.85
C GLU A 226 -14.49 16.06 -0.39
N PHE A 227 -15.05 17.19 -0.02
CA PHE A 227 -14.26 18.30 0.51
C PHE A 227 -13.61 17.94 1.84
N SER A 228 -14.27 17.11 2.64
CA SER A 228 -13.72 16.65 3.92
C SER A 228 -12.51 15.76 3.69
N VAL A 229 -12.65 14.84 2.74
CA VAL A 229 -11.60 13.88 2.41
C VAL A 229 -10.39 14.56 1.78
N ASN A 230 -10.63 15.56 0.93
CA ASN A 230 -9.54 16.16 0.17
C ASN A 230 -9.17 17.57 0.62
N ALA A 231 -9.63 17.97 1.80
CA ALA A 231 -9.29 19.26 2.40
C ALA A 231 -9.70 20.44 1.51
N GLY A 232 -10.84 20.29 0.84
CA GLY A 232 -11.51 21.40 0.19
C GLY A 232 -11.18 21.60 -1.28
N VAL A 233 -10.44 20.67 -1.87
CA VAL A 233 -10.08 20.74 -3.27
C VAL A 233 -10.03 19.33 -3.87
N THR A 234 -10.95 19.02 -4.77
CA THR A 234 -11.00 17.72 -5.39
C THR A 234 -10.72 17.75 -6.90
N THR A 235 -10.31 16.60 -7.42
CA THR A 235 -10.20 16.37 -8.87
C THR A 235 -10.13 14.86 -9.06
N PRO A 236 -10.92 14.33 -10.00
CA PRO A 236 -11.79 15.02 -10.95
C PRO A 236 -13.09 15.54 -10.34
N VAL A 237 -13.84 16.30 -11.12
CA VAL A 237 -15.12 16.83 -10.68
C VAL A 237 -16.18 15.74 -10.78
N SER A 238 -16.62 15.26 -9.61
CA SER A 238 -17.55 14.15 -9.53
C SER A 238 -18.91 14.45 -10.16
N THR A 239 -19.77 13.43 -10.20
CA THR A 239 -21.12 13.61 -10.70
C THR A 239 -22.02 14.12 -9.59
N TYR A 240 -21.47 14.19 -8.38
CA TYR A 240 -22.18 14.79 -7.25
C TYR A 240 -21.93 16.28 -7.25
N MET A 241 -20.71 16.65 -7.62
CA MET A 241 -20.30 18.05 -7.59
C MET A 241 -20.94 18.82 -8.75
N LEU A 242 -21.09 18.14 -9.88
CA LEU A 242 -21.60 18.74 -11.10
C LEU A 242 -22.23 17.67 -11.99
N THR A 243 -23.54 17.71 -12.14
CA THR A 243 -24.24 16.68 -12.90
C THR A 243 -24.02 16.90 -14.39
N ASN A 244 -24.38 15.91 -15.19
CA ASN A 244 -24.11 15.97 -16.62
C ASN A 244 -24.82 17.14 -17.31
N SER A 245 -26.10 17.34 -17.02
CA SER A 245 -26.86 18.42 -17.64
C SER A 245 -26.32 19.78 -17.20
N GLU A 246 -25.76 19.83 -16.00
CA GLU A 246 -25.16 21.07 -15.51
C GLU A 246 -23.83 21.31 -16.23
N LEU A 247 -23.04 20.25 -16.39
CA LEU A 247 -21.79 20.34 -17.13
C LEU A 247 -22.04 20.84 -18.55
N LEU A 248 -23.01 20.25 -19.24
CA LEU A 248 -23.36 20.64 -20.59
C LEU A 248 -23.86 22.07 -20.64
N SER A 249 -24.64 22.44 -19.63
CA SER A 249 -25.12 23.81 -19.47
C SER A 249 -23.95 24.79 -19.44
N LEU A 250 -22.96 24.50 -18.59
CA LEU A 250 -21.74 25.31 -18.49
C LEU A 250 -20.94 25.30 -19.79
N ILE A 251 -20.91 24.17 -20.47
CA ILE A 251 -20.17 24.04 -21.71
C ILE A 251 -20.72 24.96 -22.79
N ASN A 252 -22.03 24.97 -22.94
CA ASN A 252 -22.68 25.82 -23.93
C ASN A 252 -22.65 27.31 -23.60
N ASP A 253 -21.91 27.68 -22.55
CA ASP A 253 -21.82 29.08 -22.15
C ASP A 253 -20.38 29.58 -22.24
N MET A 254 -19.46 28.65 -22.48
CA MET A 254 -18.04 28.99 -22.59
C MET A 254 -17.75 29.78 -23.88
N PRO A 255 -16.78 30.70 -23.81
CA PRO A 255 -16.38 31.55 -24.94
C PRO A 255 -15.54 30.79 -25.98
N ILE A 256 -16.08 29.72 -26.53
CA ILE A 256 -15.36 28.87 -27.47
C ILE A 256 -16.19 28.58 -28.72
N THR A 257 -15.56 27.99 -29.74
CA THR A 257 -16.26 27.67 -30.99
C THR A 257 -17.20 26.50 -30.78
N ASN A 258 -18.13 26.32 -31.72
CA ASN A 258 -19.10 25.23 -31.64
C ASN A 258 -18.46 23.85 -31.70
N ASP A 259 -17.33 23.76 -32.39
CA ASP A 259 -16.60 22.50 -32.50
C ASP A 259 -16.01 22.10 -31.15
N GLN A 260 -15.53 23.08 -30.40
CA GLN A 260 -14.97 22.81 -29.09
C GLN A 260 -16.08 22.42 -28.12
N LYS A 261 -17.17 23.18 -28.11
CA LYS A 261 -18.36 22.81 -27.32
C LYS A 261 -18.82 21.40 -27.63
N LYS A 262 -18.77 21.03 -28.91
CA LYS A 262 -19.21 19.70 -29.32
C LYS A 262 -18.23 18.65 -28.83
N LEU A 263 -16.95 18.94 -29.01
CA LEU A 263 -15.88 18.06 -28.55
C LEU A 263 -16.01 17.72 -27.07
N MET A 264 -16.08 18.76 -26.24
CA MET A 264 -16.19 18.59 -24.79
C MET A 264 -17.47 17.83 -24.42
N SER A 265 -18.56 18.15 -25.10
CA SER A 265 -19.82 17.46 -24.89
C SER A 265 -19.71 15.97 -25.16
N ASN A 266 -18.74 15.60 -26.00
CA ASN A 266 -18.52 14.19 -26.35
C ASN A 266 -17.49 13.50 -25.45
N ASN A 267 -16.59 14.29 -24.88
CA ASN A 267 -15.60 13.75 -23.95
C ASN A 267 -15.77 14.29 -22.55
N VAL A 268 -16.97 14.18 -22.00
CA VAL A 268 -17.26 14.69 -20.66
C VAL A 268 -16.38 14.05 -19.60
N GLN A 269 -16.03 12.78 -19.82
CA GLN A 269 -15.19 12.06 -18.87
C GLN A 269 -13.83 12.71 -18.73
N ILE A 270 -13.11 12.84 -19.83
CA ILE A 270 -11.82 13.52 -19.87
C ILE A 270 -11.92 14.93 -19.31
N VAL A 271 -12.98 15.64 -19.71
CA VAL A 271 -13.22 17.01 -19.26
C VAL A 271 -13.34 17.09 -17.75
N ARG A 272 -14.01 16.10 -17.16
CA ARG A 272 -14.14 16.06 -15.71
C ARG A 272 -12.80 15.79 -15.05
N GLN A 273 -11.95 15.01 -15.73
CA GLN A 273 -10.64 14.62 -15.18
C GLN A 273 -9.61 15.72 -15.27
N GLN A 274 -9.90 16.75 -16.07
CA GLN A 274 -9.01 17.90 -16.19
C GLN A 274 -9.54 19.10 -15.41
N SER A 275 -10.57 18.85 -14.61
CA SER A 275 -11.25 19.91 -13.87
C SER A 275 -10.97 19.85 -12.38
N TYR A 276 -11.18 20.97 -11.70
CA TYR A 276 -11.06 21.03 -10.25
C TYR A 276 -12.37 21.50 -9.60
N SER A 277 -12.49 21.25 -8.32
CA SER A 277 -13.64 21.72 -7.55
C SER A 277 -13.12 22.28 -6.23
N ILE A 278 -13.24 23.59 -6.07
CA ILE A 278 -12.66 24.28 -4.93
C ILE A 278 -13.74 24.87 -4.03
N MET A 279 -13.86 24.30 -2.83
CA MET A 279 -14.73 24.82 -1.78
C MET A 279 -14.58 26.34 -1.62
N SER A 280 -15.70 27.06 -1.62
CA SER A 280 -15.63 28.53 -1.57
C SER A 280 -16.30 29.14 -0.35
N ILE A 281 -17.56 28.77 -0.11
CA ILE A 281 -18.28 29.24 1.08
C ILE A 281 -19.15 28.14 1.66
N ILE A 282 -19.00 27.90 2.95
CA ILE A 282 -19.78 26.86 3.58
C ILE A 282 -20.40 27.32 4.91
N LYS A 283 -21.73 27.40 4.90
CA LYS A 283 -22.50 27.71 6.09
C LYS A 283 -23.43 26.52 6.32
N GLU A 284 -24.07 26.47 7.49
CA GLU A 284 -24.90 25.32 7.85
C GLU A 284 -26.03 25.04 6.86
N GLU A 285 -26.66 26.09 6.35
CA GLU A 285 -27.87 25.92 5.55
C GLU A 285 -27.61 25.98 4.04
N VAL A 286 -26.40 26.36 3.64
CA VAL A 286 -26.09 26.47 2.22
C VAL A 286 -24.59 26.24 1.97
N LEU A 287 -24.28 25.54 0.89
CA LEU A 287 -22.90 25.27 0.52
C LEU A 287 -22.61 25.83 -0.86
N ALA A 288 -21.41 26.39 -1.03
CA ALA A 288 -21.05 27.05 -2.29
C ALA A 288 -19.58 26.80 -2.63
N TYR A 289 -19.33 26.58 -3.90
CA TYR A 289 -18.01 26.19 -4.37
C TYR A 289 -17.80 26.50 -5.84
N VAL A 290 -16.60 26.93 -6.18
CA VAL A 290 -16.25 27.16 -7.56
C VAL A 290 -15.84 25.86 -8.26
N VAL A 291 -16.47 25.58 -9.39
CA VAL A 291 -16.03 24.51 -10.27
C VAL A 291 -15.14 25.15 -11.32
N GLN A 292 -14.01 24.51 -11.62
CA GLN A 292 -13.01 25.10 -12.51
C GLN A 292 -12.73 24.18 -13.69
N LEU A 293 -13.36 24.47 -14.81
CA LEU A 293 -13.26 23.65 -16.02
C LEU A 293 -12.16 24.14 -16.97
N PRO A 294 -11.60 23.23 -17.77
CA PRO A 294 -10.50 23.62 -18.65
C PRO A 294 -10.99 24.25 -19.94
N LEU A 295 -10.23 25.20 -20.47
CA LEU A 295 -10.54 25.78 -21.78
C LEU A 295 -9.43 25.40 -22.76
N TYR A 296 -9.83 24.96 -23.95
CA TYR A 296 -8.85 24.52 -24.95
C TYR A 296 -8.63 25.60 -26.00
N GLY A 297 -7.40 26.09 -26.08
CA GLY A 297 -7.06 27.18 -26.96
C GLY A 297 -7.02 26.80 -28.43
N VAL A 298 -6.75 25.52 -28.69
CA VAL A 298 -6.79 25.01 -30.05
C VAL A 298 -7.21 23.54 -30.01
N ILE A 299 -7.80 23.06 -31.09
CA ILE A 299 -8.24 21.66 -31.21
C ILE A 299 -8.09 21.21 -32.66
N ASP A 300 -8.12 19.90 -32.86
CA ASP A 300 -8.11 19.29 -34.17
C ASP A 300 -6.80 19.50 -34.93
N THR A 301 -5.69 19.51 -34.20
CA THR A 301 -4.38 19.56 -34.85
C THR A 301 -3.74 18.19 -34.67
N PRO A 302 -2.94 17.76 -35.65
CA PRO A 302 -2.23 16.47 -35.59
C PRO A 302 -1.32 16.28 -34.38
N CYS A 303 -1.55 15.20 -33.64
CA CYS A 303 -0.63 14.77 -32.59
C CYS A 303 0.01 13.43 -32.93
N TRP A 304 1.06 13.08 -32.20
CA TRP A 304 1.72 11.79 -32.35
C TRP A 304 2.59 11.49 -31.14
N LYS A 305 2.71 10.22 -30.80
CA LYS A 305 3.46 9.80 -29.62
C LYS A 305 4.74 9.08 -30.03
N LEU A 306 5.85 9.52 -29.47
CA LEU A 306 7.14 8.99 -29.87
C LEU A 306 7.68 8.02 -28.83
N HIS A 307 8.06 6.84 -29.30
CA HIS A 307 8.71 5.85 -28.46
C HIS A 307 10.11 5.65 -29.01
N THR A 308 11.06 5.32 -28.14
CA THR A 308 12.43 5.07 -28.56
C THR A 308 13.05 3.92 -27.80
N SER A 309 14.00 3.25 -28.43
CA SER A 309 14.70 2.14 -27.81
C SER A 309 16.17 2.33 -28.16
N PRO A 310 17.07 1.61 -27.49
CA PRO A 310 18.48 1.84 -27.84
C PRO A 310 18.84 1.37 -29.24
N LEU A 311 19.87 1.97 -29.80
CA LEU A 311 20.33 1.64 -31.14
C LEU A 311 21.84 1.57 -31.11
N CYS A 312 22.37 0.48 -31.67
CA CYS A 312 23.78 0.19 -31.54
C CYS A 312 24.32 -0.24 -32.88
N THR A 313 25.63 -0.45 -32.95
CA THR A 313 26.28 -0.82 -34.19
C THR A 313 26.79 -2.24 -34.12
N THR A 314 26.96 -2.86 -35.28
CA THR A 314 27.37 -4.27 -35.36
C THR A 314 28.05 -4.59 -36.69
N ASN A 321 32.20 -0.67 -30.18
CA ASN A 321 30.97 -0.19 -30.78
C ASN A 321 30.18 0.75 -29.85
N ILE A 322 29.47 1.71 -30.44
CA ILE A 322 28.73 2.69 -29.68
C ILE A 322 27.22 2.46 -29.76
N CYS A 323 26.50 3.01 -28.79
CA CYS A 323 25.05 2.90 -28.73
C CYS A 323 24.47 4.29 -28.57
N LEU A 324 23.26 4.49 -29.07
CA LEU A 324 22.58 5.76 -28.85
C LEU A 324 21.11 5.54 -28.57
N THR A 325 20.51 6.49 -27.86
CA THR A 325 19.09 6.43 -27.53
C THR A 325 18.51 7.84 -27.59
N ARG A 326 17.46 8.02 -28.37
CA ARG A 326 16.81 9.32 -28.43
C ARG A 326 16.05 9.57 -27.12
N THR A 327 16.26 10.74 -26.52
CA THR A 327 15.71 11.03 -25.20
C THR A 327 14.51 11.96 -25.18
N ASP A 328 13.82 12.11 -26.30
CA ASP A 328 12.67 13.02 -26.35
C ASP A 328 11.36 12.25 -26.49
N ARG A 329 11.21 11.18 -25.70
CA ARG A 329 9.97 10.40 -25.68
C ARG A 329 8.79 11.24 -25.20
N GLY A 330 7.58 10.86 -25.61
CA GLY A 330 6.39 11.55 -25.17
C GLY A 330 5.49 12.03 -26.31
N TRP A 331 4.51 12.85 -25.96
CA TRP A 331 3.56 13.34 -26.93
C TRP A 331 4.03 14.59 -27.66
N TYR A 332 3.53 14.76 -28.88
CA TYR A 332 3.85 15.92 -29.72
C TYR A 332 2.58 16.42 -30.38
N CYS A 333 2.34 17.72 -30.29
CA CYS A 333 1.17 18.32 -30.93
C CYS A 333 1.53 19.54 -31.76
N ASP A 334 0.86 19.70 -32.89
CA ASP A 334 1.07 20.88 -33.73
C ASP A 334 0.40 22.09 -33.07
N ASN A 335 1.20 23.05 -32.65
CA ASN A 335 0.69 24.27 -32.03
C ASN A 335 1.14 25.56 -32.71
N ALA A 336 0.21 26.22 -33.41
CA ALA A 336 0.49 27.49 -34.10
C ALA A 336 1.79 27.50 -34.91
N GLY A 337 1.94 26.54 -35.82
CA GLY A 337 3.07 26.51 -36.73
C GLY A 337 4.32 25.87 -36.15
N SER A 338 4.29 25.60 -34.84
CA SER A 338 5.40 24.94 -34.16
C SER A 338 4.88 23.68 -33.49
N VAL A 339 5.79 22.89 -32.93
CA VAL A 339 5.40 21.69 -32.21
C VAL A 339 5.44 21.88 -30.70
N SER A 340 4.33 21.55 -30.03
CA SER A 340 4.31 21.51 -28.58
C SER A 340 4.74 20.12 -28.12
N PHE A 341 5.56 20.08 -27.07
CA PHE A 341 6.12 18.81 -26.63
C PHE A 341 5.83 18.54 -25.16
N PHE A 342 5.14 17.45 -24.91
CA PHE A 342 4.75 17.09 -23.54
C PHE A 342 5.50 15.83 -23.09
N PRO A 343 6.53 16.01 -22.24
CA PRO A 343 7.41 14.89 -21.88
C PRO A 343 6.93 14.15 -20.64
N GLN A 344 5.99 14.74 -19.91
CA GLN A 344 5.39 14.09 -18.75
C GLN A 344 4.10 13.39 -19.18
N ALA A 345 4.00 12.11 -18.86
CA ALA A 345 2.86 11.29 -19.29
C ALA A 345 1.55 11.74 -18.65
N GLU A 346 1.63 12.28 -17.44
CA GLU A 346 0.44 12.66 -16.69
C GLU A 346 -0.30 13.86 -17.31
N THR A 347 0.39 14.63 -18.13
CA THR A 347 -0.17 15.86 -18.65
C THR A 347 -1.11 15.64 -19.84
N CYS A 348 -1.03 14.47 -20.46
CA CYS A 348 -1.89 14.15 -21.60
C CYS A 348 -2.90 13.05 -21.30
N LYS A 349 -4.17 13.30 -21.59
CA LYS A 349 -5.20 12.27 -21.52
C LYS A 349 -5.53 11.78 -22.93
N VAL A 350 -5.88 10.51 -23.07
CA VAL A 350 -6.18 9.95 -24.39
C VAL A 350 -7.45 9.12 -24.40
N GLN A 351 -8.35 9.45 -25.32
CA GLN A 351 -9.60 8.72 -25.49
C GLN A 351 -9.84 8.49 -26.97
N SER A 352 -9.67 7.24 -27.39
CA SER A 352 -9.79 6.85 -28.79
C SER A 352 -8.70 7.53 -29.62
N ASN A 353 -9.09 8.26 -30.66
CA ASN A 353 -8.15 9.00 -31.48
C ASN A 353 -7.96 10.42 -30.99
N ARG A 354 -8.45 10.69 -29.79
CA ARG A 354 -8.43 12.03 -29.24
C ARG A 354 -7.41 12.18 -28.11
N VAL A 355 -6.67 13.28 -28.15
CA VAL A 355 -5.67 13.56 -27.13
C VAL A 355 -5.96 14.92 -26.49
N PHE A 356 -5.78 15.00 -25.17
CA PHE A 356 -6.05 16.22 -24.42
C PHE A 356 -4.82 16.54 -23.58
N CYS A 357 -4.08 17.56 -23.99
CA CYS A 357 -2.83 17.92 -23.33
C CYS A 357 -2.90 19.25 -22.60
N ASP A 358 -1.92 19.50 -21.72
CA ASP A 358 -1.90 20.72 -20.92
C ASP A 358 -0.64 21.53 -21.21
N THR A 359 -0.81 22.69 -21.82
CA THR A 359 0.32 23.54 -22.23
C THR A 359 1.13 24.12 -21.06
N MET A 360 0.69 23.90 -19.83
CA MET A 360 1.26 24.57 -18.66
C MET A 360 2.77 24.40 -18.54
N ASN A 361 3.25 23.16 -18.60
CA ASN A 361 4.68 22.89 -18.61
C ASN A 361 5.06 22.09 -19.84
N SER A 362 4.95 22.77 -20.98
CA SER A 362 5.23 22.14 -22.26
C SER A 362 6.38 22.87 -22.91
N LEU A 363 7.10 22.16 -23.78
CA LEU A 363 8.23 22.75 -24.49
C LEU A 363 7.83 23.06 -25.92
N THR A 364 8.24 24.23 -26.40
CA THR A 364 7.95 24.62 -27.77
C THR A 364 9.15 24.30 -28.65
N LEU A 365 8.90 23.52 -29.70
CA LEU A 365 9.97 23.08 -30.59
C LEU A 365 9.62 23.44 -32.03
N PRO A 366 10.65 23.59 -32.88
CA PRO A 366 10.38 23.82 -34.30
C PRO A 366 9.93 22.53 -34.97
N SER A 367 9.26 22.65 -36.11
CA SER A 367 8.73 21.47 -36.80
C SER A 367 9.84 20.59 -37.33
N GLU A 368 11.09 21.02 -37.14
CA GLU A 368 12.24 20.33 -37.69
C GLU A 368 12.62 19.14 -36.81
N VAL A 369 12.07 19.09 -35.60
CA VAL A 369 12.34 17.98 -34.68
C VAL A 369 11.87 16.66 -35.27
N ASN A 370 10.93 16.73 -36.20
CA ASN A 370 10.34 15.54 -36.80
C ASN A 370 11.31 14.85 -37.76
N LEU A 371 12.31 15.60 -38.20
CA LEU A 371 13.37 15.06 -39.05
C LEU A 371 14.31 14.16 -38.26
N CYS A 372 14.23 14.27 -36.94
CA CYS A 372 15.03 13.44 -36.05
C CYS A 372 14.54 11.99 -36.05
N ASN A 373 13.32 11.76 -36.54
CA ASN A 373 12.77 10.41 -36.61
C ASN A 373 13.39 9.61 -37.76
N VAL A 374 13.90 10.31 -38.76
CA VAL A 374 14.48 9.65 -39.92
C VAL A 374 15.99 9.83 -39.98
N ASP A 375 16.49 10.96 -39.48
CA ASP A 375 17.92 11.25 -39.50
C ASP A 375 18.44 11.86 -38.20
N ILE A 376 19.37 11.17 -37.55
CA ILE A 376 19.95 11.64 -36.29
C ILE A 376 20.91 12.81 -36.48
N PHE A 377 21.67 12.77 -37.57
CA PHE A 377 22.70 13.78 -37.75
C PHE A 377 22.18 14.89 -38.66
N ASN A 378 20.86 14.90 -38.81
CA ASN A 378 20.10 16.03 -39.33
C ASN A 378 20.70 17.39 -38.95
N PRO A 379 21.12 18.17 -39.96
CA PRO A 379 21.76 19.48 -39.78
C PRO A 379 20.79 20.61 -39.47
N LYS A 380 19.50 20.32 -39.35
CA LYS A 380 18.49 21.37 -39.19
C LYS A 380 17.95 21.46 -37.77
N TYR A 381 18.30 20.46 -36.96
CA TYR A 381 17.95 20.44 -35.54
C TYR A 381 18.79 19.38 -34.84
N ASP A 382 19.53 19.78 -33.82
CA ASP A 382 20.37 18.85 -33.09
C ASP A 382 19.52 17.87 -32.27
N CYS A 383 19.52 16.60 -32.67
CA CYS A 383 18.68 15.60 -32.02
C CYS A 383 19.23 15.29 -30.64
N LYS A 384 18.33 15.22 -29.67
CA LYS A 384 18.68 14.91 -28.30
C LYS A 384 18.87 13.41 -28.09
N ILE A 385 20.12 12.98 -27.89
CA ILE A 385 20.41 11.58 -27.71
C ILE A 385 21.24 11.34 -26.46
N MET A 386 21.33 10.07 -26.08
CA MET A 386 22.07 9.61 -24.92
C MET A 386 22.93 8.42 -25.35
N THR A 387 24.24 8.55 -25.25
CA THR A 387 25.13 7.54 -25.82
C THR A 387 25.63 6.53 -24.80
N SER A 388 26.39 5.56 -25.29
CA SER A 388 26.89 4.45 -24.49
C SER A 388 28.02 3.74 -25.22
N LYS A 389 29.09 3.43 -24.49
CA LYS A 389 30.26 2.82 -25.11
C LYS A 389 30.18 1.30 -25.09
N THR A 390 29.02 0.78 -24.67
CA THR A 390 28.85 -0.66 -24.51
C THR A 390 27.51 -1.11 -25.09
N ASP A 391 27.49 -2.31 -25.67
CA ASP A 391 26.26 -2.91 -26.18
C ASP A 391 25.21 -2.93 -25.08
N VAL A 392 23.95 -2.76 -25.46
CA VAL A 392 22.85 -2.64 -24.50
C VAL A 392 21.58 -3.19 -25.15
N SER A 393 20.70 -3.79 -24.34
CA SER A 393 19.52 -4.43 -24.90
C SER A 393 18.27 -4.27 -24.04
N SER A 394 17.16 -3.93 -24.67
CA SER A 394 15.89 -3.81 -23.98
C SER A 394 14.72 -3.95 -24.94
N SER A 395 13.52 -3.67 -24.42
CA SER A 395 12.32 -3.64 -25.24
C SER A 395 11.42 -2.52 -24.75
N VAL A 396 10.86 -1.76 -25.68
CA VAL A 396 9.89 -0.74 -25.32
C VAL A 396 8.56 -1.11 -25.94
N ILE A 397 7.51 -1.07 -25.14
CA ILE A 397 6.19 -1.45 -25.62
C ILE A 397 5.41 -0.22 -26.04
N THR A 398 5.10 -0.15 -27.33
CA THR A 398 4.42 1.00 -27.91
C THR A 398 2.92 0.82 -27.92
N SER A 399 2.25 1.69 -28.67
CA SER A 399 0.79 1.72 -28.69
C SER A 399 0.22 0.60 -29.56
N LEU A 400 0.86 0.36 -30.71
CA LEU A 400 0.44 -0.72 -31.60
C LEU A 400 1.48 -1.81 -31.76
N GLY A 401 2.18 -2.15 -30.68
CA GLY A 401 3.24 -3.15 -30.78
C GLY A 401 4.38 -2.90 -29.81
N ALA A 402 5.60 -3.10 -30.29
CA ALA A 402 6.77 -3.09 -29.42
C ALA A 402 8.07 -3.07 -30.21
N ILE A 403 9.00 -2.24 -29.76
CA ILE A 403 10.33 -2.17 -30.35
C ILE A 403 11.24 -3.13 -29.59
N VAL A 404 12.16 -3.78 -30.30
CA VAL A 404 13.09 -4.70 -29.64
C VAL A 404 14.53 -4.37 -30.03
N SER A 405 15.37 -4.19 -29.02
CA SER A 405 16.78 -3.90 -29.24
C SER A 405 17.62 -5.04 -28.72
N CYS A 406 18.03 -5.92 -29.61
CA CYS A 406 18.76 -7.12 -29.21
C CYS A 406 20.19 -7.05 -29.73
N TYR A 407 21.10 -6.62 -28.86
CA TYR A 407 22.50 -6.50 -29.20
C TYR A 407 23.35 -7.30 -28.23
N GLY A 408 24.55 -7.67 -28.67
CA GLY A 408 25.47 -8.40 -27.82
C GLY A 408 25.13 -9.86 -27.79
N LYS A 409 25.46 -10.53 -26.69
CA LYS A 409 25.22 -11.96 -26.56
C LYS A 409 23.87 -12.25 -25.94
N THR A 410 23.02 -11.24 -25.84
CA THR A 410 21.70 -11.42 -25.22
C THR A 410 20.73 -12.04 -26.22
N LYS A 411 19.83 -12.88 -25.71
CA LYS A 411 18.90 -13.57 -26.57
C LYS A 411 17.51 -12.98 -26.44
N CYS A 412 16.94 -12.59 -27.58
CA CYS A 412 15.60 -12.03 -27.60
C CYS A 412 14.73 -12.92 -28.47
N THR A 413 13.43 -12.93 -28.17
CA THR A 413 12.46 -13.77 -28.87
C THR A 413 11.07 -13.18 -28.75
N ALA A 414 10.35 -13.15 -29.87
CA ALA A 414 8.95 -12.78 -29.86
C ALA A 414 8.14 -14.07 -29.81
N SER A 415 7.18 -14.15 -28.90
CA SER A 415 6.34 -15.33 -28.82
C SER A 415 4.87 -15.01 -29.08
N ASN A 416 4.07 -16.06 -29.27
CA ASN A 416 2.65 -15.89 -29.53
C ASN A 416 1.87 -16.84 -28.62
N LYS A 417 0.66 -16.44 -28.27
CA LYS A 417 -0.16 -17.22 -27.34
C LYS A 417 -0.65 -18.53 -27.94
N ASN A 418 -0.44 -18.72 -29.24
CA ASN A 418 -0.88 -19.94 -29.92
C ASN A 418 0.24 -20.78 -30.53
N ARG A 419 1.42 -20.19 -30.71
CA ARG A 419 2.51 -20.91 -31.37
C ARG A 419 3.82 -20.83 -30.60
N GLY A 420 3.78 -20.26 -29.39
CA GLY A 420 4.98 -20.17 -28.58
C GLY A 420 5.98 -19.24 -29.24
N ILE A 421 7.26 -19.61 -29.20
CA ILE A 421 8.29 -18.80 -29.84
C ILE A 421 8.15 -18.87 -31.36
N ILE A 422 7.90 -17.72 -31.97
CA ILE A 422 7.70 -17.65 -33.42
C ILE A 422 8.80 -16.86 -34.13
N LYS A 423 9.73 -16.31 -33.37
CA LYS A 423 10.78 -15.48 -33.95
C LYS A 423 11.92 -15.31 -32.97
N THR A 424 13.15 -15.43 -33.46
CA THR A 424 14.33 -15.11 -32.68
C THR A 424 15.06 -13.94 -33.31
N PHE A 425 15.31 -12.91 -32.51
CA PHE A 425 15.93 -11.69 -33.03
C PHE A 425 17.44 -11.79 -33.02
N SER A 426 18.05 -11.36 -34.13
CA SER A 426 19.50 -11.27 -34.21
C SER A 426 19.94 -9.86 -33.81
N ASN A 427 21.24 -9.61 -33.84
CA ASN A 427 21.76 -8.29 -33.50
C ASN A 427 21.16 -7.17 -34.34
N GLY A 428 20.44 -6.28 -33.67
CA GLY A 428 19.85 -5.13 -34.35
C GLY A 428 18.59 -4.65 -33.69
N CYS A 429 17.90 -3.73 -34.36
CA CYS A 429 16.70 -3.11 -33.85
C CYS A 429 15.48 -3.49 -34.70
N ASP A 430 14.59 -4.29 -34.13
CA ASP A 430 13.40 -4.73 -34.86
C ASP A 430 12.11 -4.20 -34.24
N TYR A 431 11.02 -4.33 -34.98
CA TYR A 431 9.72 -3.88 -34.51
C TYR A 431 8.70 -4.99 -34.71
N VAL A 432 7.76 -5.08 -33.78
CA VAL A 432 6.80 -6.18 -33.78
C VAL A 432 5.40 -5.62 -33.62
N SER A 433 4.44 -6.18 -34.36
CA SER A 433 3.06 -5.73 -34.29
C SER A 433 2.25 -6.56 -33.31
N ASN A 434 1.36 -5.90 -32.57
CA ASN A 434 0.54 -6.56 -31.56
C ASN A 434 -0.56 -7.43 -32.17
N LYS A 435 -0.63 -7.43 -33.50
CA LYS A 435 -1.57 -8.28 -34.23
C LYS A 435 -1.12 -9.74 -34.23
N GLY A 436 0.17 -9.96 -34.45
CA GLY A 436 0.71 -11.31 -34.55
C GLY A 436 1.48 -11.81 -33.34
N VAL A 437 2.06 -10.88 -32.58
CA VAL A 437 2.86 -11.24 -31.42
C VAL A 437 2.15 -10.89 -30.13
N ASP A 438 2.30 -11.73 -29.10
CA ASP A 438 1.62 -11.48 -27.84
C ASP A 438 2.63 -11.12 -26.75
N THR A 439 3.82 -11.71 -26.80
CA THR A 439 4.89 -11.35 -25.87
C THR A 439 6.27 -11.30 -26.53
N VAL A 440 7.15 -10.52 -25.93
CA VAL A 440 8.54 -10.40 -26.37
C VAL A 440 9.47 -10.62 -25.18
N SER A 441 10.58 -11.29 -25.41
CA SER A 441 11.43 -11.72 -24.31
C SER A 441 12.90 -11.35 -24.54
N VAL A 442 13.34 -10.23 -23.97
CA VAL A 442 14.75 -9.84 -24.03
C VAL A 442 15.50 -10.37 -22.82
N GLY A 443 16.46 -11.25 -23.06
CA GLY A 443 17.16 -11.92 -21.98
C GLY A 443 16.20 -12.71 -21.11
N ASN A 444 16.22 -12.45 -19.80
CA ASN A 444 15.32 -13.14 -18.88
C ASN A 444 14.07 -12.34 -18.54
N THR A 445 13.99 -11.12 -19.08
CA THR A 445 12.86 -10.25 -18.82
C THR A 445 11.78 -10.43 -19.89
N LEU A 446 10.52 -10.50 -19.46
CA LEU A 446 9.42 -10.82 -20.36
C LEU A 446 8.53 -9.62 -20.54
N TYR A 447 8.38 -9.15 -21.77
CA TYR A 447 7.53 -8.00 -22.04
C TYR A 447 6.21 -8.45 -22.66
N TYR A 448 5.10 -7.83 -22.23
CA TYR A 448 3.79 -8.18 -22.76
C TYR A 448 3.29 -7.16 -23.79
N VAL A 449 3.32 -7.54 -25.06
CA VAL A 449 2.92 -6.65 -26.15
C VAL A 449 1.42 -6.37 -26.09
N ASN A 450 0.68 -7.33 -25.52
CA ASN A 450 -0.76 -7.18 -25.35
C ASN A 450 -1.19 -7.45 -23.92
N LYS A 451 -2.27 -6.78 -23.51
CA LYS A 451 -2.91 -7.08 -22.24
C LYS A 451 -3.30 -8.54 -22.21
N GLN A 452 -2.97 -9.23 -21.13
CA GLN A 452 -3.40 -10.61 -21.00
C GLN A 452 -4.79 -10.63 -20.40
N GLU A 453 -5.76 -11.05 -21.21
CA GLU A 453 -7.15 -11.14 -20.77
C GLU A 453 -7.27 -12.27 -19.76
N GLY A 454 -8.02 -12.02 -18.69
CA GLY A 454 -8.04 -12.96 -17.58
C GLY A 454 -9.40 -13.49 -17.18
N LYS A 455 -9.45 -14.01 -15.97
CA LYS A 455 -10.62 -14.71 -15.45
C LYS A 455 -11.76 -13.73 -15.20
N SER A 456 -12.93 -14.03 -15.75
CA SER A 456 -14.10 -13.21 -15.47
C SER A 456 -14.60 -13.52 -14.06
N LEU A 457 -15.00 -12.49 -13.33
CA LEU A 457 -15.61 -12.70 -12.02
C LEU A 457 -17.03 -12.16 -11.98
N TYR A 458 -17.86 -12.76 -11.13
CA TYR A 458 -19.28 -12.44 -11.07
C TYR A 458 -19.80 -12.50 -9.64
N VAL A 459 -20.44 -11.42 -9.19
CA VAL A 459 -21.03 -11.36 -7.86
C VAL A 459 -22.56 -11.36 -7.95
N LYS A 460 -23.17 -12.47 -7.54
CA LYS A 460 -24.60 -12.66 -7.72
C LYS A 460 -25.41 -11.91 -6.68
N GLY A 461 -26.63 -11.54 -7.02
CA GLY A 461 -27.53 -10.88 -6.09
C GLY A 461 -28.90 -11.53 -6.04
N GLU A 462 -29.57 -11.40 -4.90
CA GLU A 462 -30.92 -11.93 -4.72
C GLU A 462 -31.90 -10.83 -4.34
N PRO A 463 -33.14 -10.92 -4.82
CA PRO A 463 -34.20 -9.95 -4.49
C PRO A 463 -34.44 -9.79 -2.99
N ILE A 464 -34.59 -8.55 -2.54
CA ILE A 464 -34.93 -8.29 -1.13
C ILE A 464 -36.45 -8.16 -1.01
N ILE A 465 -37.01 -8.85 -0.02
CA ILE A 465 -38.46 -8.92 0.13
C ILE A 465 -38.90 -8.30 1.45
N ASN A 466 -40.07 -7.65 1.43
CA ASN A 466 -40.60 -7.03 2.63
C ASN A 466 -41.93 -7.64 3.02
N PHE A 467 -41.96 -8.28 4.18
CA PHE A 467 -43.11 -9.05 4.59
C PHE A 467 -44.05 -8.19 5.45
N TYR A 468 -45.15 -7.77 4.84
CA TYR A 468 -46.16 -6.97 5.52
C TYR A 468 -47.47 -7.74 5.62
N ASP A 469 -47.77 -8.26 6.81
CA ASP A 469 -48.98 -9.03 7.05
C ASP A 469 -49.96 -8.24 7.91
N PRO A 470 -51.04 -7.72 7.30
CA PRO A 470 -51.96 -6.82 8.00
C PRO A 470 -52.75 -7.52 9.10
N LEU A 471 -53.29 -6.73 10.01
CA LEU A 471 -54.05 -7.23 11.14
C LEU A 471 -55.52 -6.99 10.91
N VAL A 472 -56.30 -8.06 10.91
CA VAL A 472 -57.73 -7.96 10.61
C VAL A 472 -58.57 -8.39 11.81
N PHE A 473 -59.69 -7.70 12.03
CA PHE A 473 -60.56 -8.01 13.14
C PHE A 473 -61.87 -8.59 12.60
N PRO A 474 -62.41 -9.60 13.29
CA PRO A 474 -63.69 -10.22 12.89
C PRO A 474 -64.88 -9.32 13.24
N SER A 475 -64.96 -8.16 12.60
CA SER A 475 -66.00 -7.17 12.89
C SER A 475 -67.41 -7.72 12.72
N ASP A 476 -67.67 -8.31 11.56
CA ASP A 476 -69.01 -8.77 11.22
C ASP A 476 -69.51 -9.85 12.18
N GLU A 477 -68.69 -10.87 12.37
CA GLU A 477 -68.98 -11.96 13.28
C GLU A 477 -69.32 -11.43 14.67
N PHE A 478 -68.49 -10.50 15.15
CA PHE A 478 -68.66 -9.84 16.43
C PHE A 478 -70.02 -9.14 16.51
N ASP A 479 -70.25 -8.21 15.58
CA ASP A 479 -71.50 -7.45 15.49
C ASP A 479 -72.74 -8.33 15.46
N ALA A 480 -72.62 -9.51 14.87
CA ALA A 480 -73.73 -10.45 14.82
C ALA A 480 -74.07 -10.93 16.23
N SER A 481 -73.03 -11.18 17.03
CA SER A 481 -73.21 -11.60 18.41
C SER A 481 -73.76 -10.49 19.29
N ILE A 482 -73.34 -9.25 19.02
CA ILE A 482 -73.83 -8.11 19.80
C ILE A 482 -75.29 -7.85 19.48
N SER A 483 -75.68 -8.12 18.24
CA SER A 483 -77.07 -7.95 17.83
C SER A 483 -77.94 -9.00 18.50
N GLN A 484 -77.36 -10.18 18.72
CA GLN A 484 -78.05 -11.26 19.40
C GLN A 484 -78.25 -10.90 20.88
N VAL A 485 -77.29 -10.17 21.45
CA VAL A 485 -77.37 -9.77 22.85
C VAL A 485 -78.51 -8.79 23.06
N ASN A 486 -78.65 -7.87 22.12
CA ASN A 486 -79.68 -6.86 22.19
C ASN A 486 -81.05 -7.47 21.94
N GLU A 487 -81.08 -8.50 21.10
CA GLU A 487 -82.31 -9.24 20.84
C GLU A 487 -82.79 -9.94 22.12
N LYS A 488 -81.86 -10.47 22.91
CA LYS A 488 -82.20 -11.14 24.16
C LYS A 488 -82.69 -10.13 25.19
N ILE A 489 -82.15 -8.92 25.12
CA ILE A 489 -82.59 -7.83 25.99
C ILE A 489 -84.01 -7.40 25.62
N ASN A 490 -84.29 -7.36 24.31
CA ASN A 490 -85.61 -6.96 23.83
C ASN A 490 -86.71 -7.91 24.28
N GLN A 491 -86.40 -9.21 24.28
CA GLN A 491 -87.38 -10.19 24.70
C GLN A 491 -87.56 -10.10 26.21
N SER A 492 -86.51 -9.68 26.89
CA SER A 492 -86.55 -9.53 28.34
C SER A 492 -87.49 -8.41 28.76
N LEU A 493 -87.50 -7.32 28.00
CA LEU A 493 -88.40 -6.22 28.30
C LEU A 493 -89.82 -6.56 27.84
N ALA A 494 -89.92 -7.38 26.80
CA ALA A 494 -91.20 -7.85 26.30
C ALA A 494 -91.87 -8.74 27.34
N PHE A 495 -91.09 -9.65 27.93
CA PHE A 495 -91.62 -10.58 28.91
C PHE A 495 -92.07 -9.88 30.19
N ILE A 496 -91.44 -8.74 30.48
CA ILE A 496 -91.83 -7.93 31.64
C ILE A 496 -93.10 -7.13 31.31
N ARG A 497 -93.16 -6.59 30.10
CA ARG A 497 -94.38 -5.94 29.62
C ARG A 497 -95.55 -6.91 29.69
N LYS A 498 -95.27 -8.18 29.41
CA LYS A 498 -96.26 -9.23 29.58
C LYS A 498 -96.71 -9.32 31.02
N SER A 499 -95.73 -9.35 31.92
CA SER A 499 -96.00 -9.60 33.32
C SER A 499 -96.76 -8.45 33.96
N ASP A 500 -96.32 -7.22 33.70
CA ASP A 500 -97.00 -6.03 34.17
C ASP A 500 -98.43 -5.91 33.65
N GLU A 501 -98.64 -6.29 32.39
CA GLU A 501 -99.94 -6.18 31.76
C GLU A 501 -100.98 -7.07 32.43
N LEU A 502 -100.53 -8.18 33.01
CA LEU A 502 -101.41 -9.11 33.72
C LEU A 502 -101.61 -8.70 35.17
N LEU A 503 -101.07 -7.54 35.52
CA LEU A 503 -101.12 -7.05 36.89
C LEU A 503 -101.94 -5.75 36.95
N GLY A 504 -101.88 -4.97 35.88
CA GLY A 504 -102.62 -3.73 35.79
C GLY A 504 -101.81 -2.64 35.13
N LEU A 505 -100.70 -3.04 34.50
CA LEU A 505 -99.74 -2.12 33.88
C LEU A 505 -99.08 -1.25 34.93
N ASN B 27 2.93 42.95 -1.61
CA ASN B 27 3.33 41.56 -1.45
C ASN B 27 3.99 40.97 -2.68
N ILE B 28 3.18 40.37 -3.55
CA ILE B 28 3.66 39.63 -4.71
C ILE B 28 3.71 40.46 -5.99
N THR B 29 4.88 40.48 -6.62
CA THR B 29 5.07 41.22 -7.88
C THR B 29 5.72 40.32 -8.93
N GLU B 30 5.98 40.88 -10.11
CA GLU B 30 6.50 40.09 -11.22
C GLU B 30 7.31 40.91 -12.20
N GLU B 31 8.60 40.60 -12.32
CA GLU B 31 9.46 41.27 -13.29
C GLU B 31 9.61 40.47 -14.56
N PHE B 32 9.64 41.17 -15.69
CA PHE B 32 9.85 40.53 -16.97
C PHE B 32 11.19 40.95 -17.55
N TYR B 33 12.03 39.96 -17.80
CA TYR B 33 13.34 40.20 -18.38
C TYR B 33 13.32 39.92 -19.89
N GLN B 34 13.29 40.98 -20.69
CA GLN B 34 13.23 40.83 -22.15
C GLN B 34 14.53 40.24 -22.68
N SER B 35 15.62 40.53 -21.97
CA SER B 35 16.96 40.09 -22.33
C SER B 35 17.08 38.56 -22.33
N THR B 36 16.31 37.90 -21.48
CA THR B 36 16.37 36.46 -21.34
C THR B 36 15.02 35.81 -21.58
N CYS B 37 14.11 36.58 -22.18
CA CYS B 37 12.71 36.22 -22.38
C CYS B 37 12.16 35.33 -21.27
N SER B 38 11.91 35.93 -20.12
CA SER B 38 11.49 35.16 -18.94
C SER B 38 10.98 36.08 -17.85
N ALA B 39 10.04 35.57 -17.06
CA ALA B 39 9.46 36.32 -15.96
C ALA B 39 9.76 35.67 -14.60
N VAL B 40 10.01 36.51 -13.60
CA VAL B 40 10.21 36.04 -12.24
C VAL B 40 9.08 36.58 -11.36
N SER B 41 8.60 35.75 -10.43
CA SER B 41 7.53 36.17 -9.52
C SER B 41 8.08 36.38 -8.12
N LYS B 42 8.38 37.63 -7.79
CA LYS B 42 9.05 37.98 -6.54
C LYS B 42 8.06 38.13 -5.38
N GLY B 43 8.56 38.04 -4.15
CA GLY B 43 7.79 38.41 -2.97
C GLY B 43 7.08 37.28 -2.25
N TYR B 44 7.64 36.07 -2.31
CA TYR B 44 7.06 34.93 -1.61
C TYR B 44 7.87 34.57 -0.37
N LEU B 45 7.29 33.76 0.51
CA LEU B 45 7.95 33.30 1.73
C LEU B 45 7.92 31.77 1.83
N SER B 46 9.05 31.18 2.17
CA SER B 46 9.23 29.73 2.06
C SER B 46 8.73 28.91 3.25
N ALA B 47 8.73 27.60 3.03
CA ALA B 47 8.48 26.61 4.05
C ALA B 47 8.89 25.27 3.46
N LEU B 48 10.16 24.90 3.66
CA LEU B 48 10.70 23.71 3.03
C LEU B 48 10.60 22.51 3.96
N ARG B 49 9.87 21.49 3.54
CA ARG B 49 9.74 20.27 4.32
C ARG B 49 11.05 19.51 4.33
N THR B 50 11.57 19.19 5.52
CA THR B 50 12.79 18.42 5.62
C THR B 50 12.66 17.30 6.65
N GLY B 51 11.45 17.07 7.12
CA GLY B 51 11.23 16.06 8.13
C GLY B 51 9.79 15.62 8.25
N TRP B 52 9.56 14.57 9.01
CA TRP B 52 8.22 14.06 9.24
C TRP B 52 7.90 13.97 10.72
N TYR B 53 6.69 14.37 11.09
CA TYR B 53 6.21 14.23 12.46
C TYR B 53 5.11 13.18 12.47
N THR B 54 5.27 12.14 13.27
CA THR B 54 4.28 11.05 13.28
C THR B 54 3.57 10.92 14.62
N SER B 55 2.24 10.92 14.56
CA SER B 55 1.40 10.75 15.74
C SER B 55 0.49 9.53 15.58
N VAL B 56 0.30 8.78 16.65
CA VAL B 56 -0.49 7.56 16.58
C VAL B 56 -1.91 7.81 17.10
N ILE B 57 -2.86 7.91 16.17
CA ILE B 57 -4.25 8.11 16.56
C ILE B 57 -4.93 6.75 16.73
N THR B 58 -5.76 6.64 17.77
CA THR B 58 -6.44 5.39 18.06
C THR B 58 -7.90 5.75 18.30
N ILE B 59 -8.82 4.89 17.86
CA ILE B 59 -10.25 5.19 17.95
C ILE B 59 -11.06 3.96 18.28
N GLU B 60 -11.85 4.06 19.35
CA GLU B 60 -12.63 2.95 19.83
C GLU B 60 -13.98 2.89 19.13
N LEU B 61 -14.55 1.69 19.10
CA LEU B 61 -15.84 1.47 18.47
C LEU B 61 -16.92 1.61 19.52
N SER B 62 -17.94 2.40 19.20
CA SER B 62 -19.16 2.42 19.99
C SER B 62 -19.95 1.18 19.59
N ASN B 63 -19.73 0.08 20.30
CA ASN B 63 -20.31 -1.20 19.91
C ASN B 63 -21.82 -1.27 20.13
N ILE B 64 -22.47 -2.15 19.37
CA ILE B 64 -23.88 -2.43 19.59
C ILE B 64 -24.12 -3.89 19.98
N LYS B 65 -24.73 -4.06 21.15
CA LYS B 65 -25.17 -5.35 21.64
C LYS B 65 -26.51 -5.74 21.02
N GLU B 66 -26.55 -6.86 20.28
CA GLU B 66 -27.77 -7.26 19.60
C GLU B 66 -28.82 -7.76 20.58
N ASN B 67 -29.96 -7.06 20.63
CA ASN B 67 -31.04 -7.46 21.52
C ASN B 67 -31.83 -8.62 20.96
N LYS B 68 -31.83 -9.72 21.69
CA LYS B 68 -32.49 -10.90 21.19
C LYS B 68 -33.95 -10.83 21.59
N CYS B 69 -34.79 -10.79 20.57
CA CYS B 69 -36.24 -10.68 20.70
C CYS B 69 -36.80 -10.76 19.28
N ASN B 70 -38.05 -11.19 19.15
CA ASN B 70 -38.68 -11.28 17.85
C ASN B 70 -39.18 -9.92 17.35
N GLY B 71 -38.71 -9.50 16.18
CA GLY B 71 -39.12 -8.23 15.62
C GLY B 71 -40.30 -8.40 14.69
N THR B 72 -40.42 -7.53 13.68
CA THR B 72 -41.55 -7.56 12.77
C THR B 72 -41.37 -8.64 11.72
N ASP B 73 -40.19 -8.67 11.11
CA ASP B 73 -39.86 -9.73 10.17
C ASP B 73 -38.76 -10.58 10.79
N ALA B 74 -38.98 -11.88 10.86
CA ALA B 74 -38.04 -12.79 11.52
C ALA B 74 -36.81 -13.02 10.65
N LYS B 75 -36.97 -12.82 9.35
CA LYS B 75 -35.90 -13.00 8.39
C LYS B 75 -34.99 -11.78 8.35
N VAL B 76 -35.44 -10.70 8.98
CA VAL B 76 -34.71 -9.43 8.98
C VAL B 76 -33.96 -9.20 10.31
N LYS B 77 -32.66 -9.48 10.29
CA LYS B 77 -31.81 -9.26 11.46
C LYS B 77 -30.95 -8.00 11.28
N LEU B 78 -31.55 -6.82 11.34
CA LEU B 78 -30.83 -5.58 11.04
C LEU B 78 -29.57 -5.35 11.88
N ILE B 79 -29.70 -5.45 13.20
CA ILE B 79 -28.54 -5.26 14.08
C ILE B 79 -27.40 -6.19 13.70
N LYS B 80 -27.73 -7.44 13.41
CA LYS B 80 -26.73 -8.44 13.03
C LYS B 80 -26.13 -8.11 11.67
N GLN B 81 -27.00 -7.84 10.70
CA GLN B 81 -26.59 -7.56 9.33
C GLN B 81 -25.71 -6.31 9.24
N GLU B 82 -25.86 -5.42 10.20
CA GLU B 82 -25.08 -4.18 10.24
C GLU B 82 -23.69 -4.44 10.81
N LEU B 83 -23.63 -5.22 11.88
CA LEU B 83 -22.36 -5.64 12.47
C LEU B 83 -21.54 -6.48 11.51
N ASP B 84 -22.19 -7.39 10.80
CA ASP B 84 -21.50 -8.23 9.81
C ASP B 84 -20.84 -7.38 8.72
N LYS B 85 -21.62 -6.47 8.14
CA LYS B 85 -21.11 -5.47 7.21
C LYS B 85 -19.84 -4.78 7.72
N TYR B 86 -19.86 -4.38 8.98
CA TYR B 86 -18.72 -3.71 9.59
C TYR B 86 -17.52 -4.64 9.78
N LYS B 87 -17.74 -5.79 10.42
CA LYS B 87 -16.68 -6.77 10.59
C LYS B 87 -16.04 -7.17 9.26
N ASN B 88 -16.83 -7.13 8.19
CA ASN B 88 -16.31 -7.48 6.88
C ASN B 88 -15.31 -6.44 6.39
N ALA B 89 -15.72 -5.18 6.39
CA ALA B 89 -14.83 -4.07 6.08
C ALA B 89 -13.54 -4.14 6.89
N VAL B 90 -13.68 -4.52 8.15
CA VAL B 90 -12.53 -4.61 9.05
C VAL B 90 -11.62 -5.78 8.67
N THR B 91 -12.22 -6.87 8.18
CA THR B 91 -11.45 -8.04 7.79
C THR B 91 -10.60 -7.73 6.55
N GLU B 92 -11.20 -7.00 5.62
CA GLU B 92 -10.55 -6.68 4.34
C GLU B 92 -9.30 -5.84 4.55
N LEU B 93 -9.37 -4.90 5.48
CA LEU B 93 -8.21 -4.06 5.80
C LEU B 93 -7.10 -4.87 6.46
N GLN B 94 -7.48 -5.78 7.35
CA GLN B 94 -6.52 -6.67 8.02
C GLN B 94 -5.70 -7.50 7.01
N LEU B 95 -6.28 -7.77 5.86
CA LEU B 95 -5.66 -8.64 4.88
C LEU B 95 -4.78 -7.87 3.88
N LEU B 96 -4.90 -6.56 3.92
CA LEU B 96 -3.89 -5.67 3.32
C LEU B 96 -2.62 -5.50 4.16
N MET B 97 -2.62 -6.02 5.39
CA MET B 97 -1.37 -6.21 6.10
C MET B 97 -0.88 -7.66 6.05
N ALA B 143 -119.22 -15.60 50.61
CA ALA B 143 -119.62 -14.97 49.37
C ALA B 143 -118.75 -15.47 48.21
N VAL B 144 -119.21 -16.52 47.54
CA VAL B 144 -118.45 -17.16 46.47
C VAL B 144 -117.91 -16.20 45.39
N SER B 145 -118.53 -15.03 45.24
CA SER B 145 -118.11 -14.10 44.20
C SER B 145 -116.73 -13.51 44.50
N LYS B 146 -116.40 -13.37 45.78
CA LYS B 146 -115.08 -12.93 46.20
C LYS B 146 -114.05 -14.02 46.00
N VAL B 147 -114.42 -15.24 46.38
CA VAL B 147 -113.59 -16.42 46.18
C VAL B 147 -113.21 -16.58 44.71
N LEU B 148 -114.22 -16.75 43.86
CA LEU B 148 -113.97 -17.01 42.46
C LEU B 148 -113.11 -15.89 41.86
N HIS B 149 -113.44 -14.63 42.17
CA HIS B 149 -112.58 -13.54 41.72
C HIS B 149 -111.17 -13.72 42.26
N LEU B 150 -111.08 -13.99 43.56
CA LEU B 150 -109.78 -14.17 44.24
C LEU B 150 -108.97 -15.35 43.71
N GLU B 151 -109.57 -16.17 42.87
CA GLU B 151 -108.78 -17.17 42.19
C GLU B 151 -108.31 -16.55 40.91
N GLY B 152 -109.26 -16.16 40.06
CA GLY B 152 -108.98 -15.38 38.87
C GLY B 152 -107.80 -14.43 38.97
N GLU B 153 -107.57 -13.90 40.18
CA GLU B 153 -106.40 -13.10 40.47
C GLU B 153 -105.15 -13.95 40.63
N VAL B 154 -105.22 -14.92 41.54
CA VAL B 154 -104.13 -15.86 41.78
C VAL B 154 -103.54 -16.49 40.52
N ASN B 155 -104.40 -16.89 39.59
CA ASN B 155 -103.94 -17.45 38.33
C ASN B 155 -103.19 -16.44 37.48
N LYS B 156 -103.68 -15.20 37.46
CA LYS B 156 -103.03 -14.15 36.69
C LYS B 156 -101.64 -13.81 37.20
N ILE B 157 -101.51 -13.65 38.51
CA ILE B 157 -100.22 -13.31 39.09
C ILE B 157 -99.23 -14.48 38.99
N LYS B 158 -99.74 -15.71 38.92
CA LYS B 158 -98.90 -16.86 38.58
C LYS B 158 -98.30 -16.69 37.20
N SER B 159 -99.15 -16.48 36.21
CA SER B 159 -98.72 -16.26 34.84
C SER B 159 -97.74 -15.09 34.79
N ALA B 160 -98.07 -14.01 35.51
CA ALA B 160 -97.21 -12.83 35.59
C ALA B 160 -95.79 -13.25 35.93
N LEU B 161 -95.67 -14.10 36.95
CA LEU B 161 -94.37 -14.51 37.47
C LEU B 161 -93.67 -15.47 36.54
N LEU B 162 -94.45 -16.22 35.78
CA LEU B 162 -93.88 -17.13 34.79
C LEU B 162 -93.20 -16.36 33.67
N SER B 163 -93.80 -15.24 33.27
CA SER B 163 -93.23 -14.38 32.25
C SER B 163 -92.00 -13.65 32.78
N THR B 164 -92.07 -13.24 34.05
CA THR B 164 -90.97 -12.55 34.70
C THR B 164 -89.76 -13.49 34.75
N ASN B 165 -90.03 -14.77 34.92
CA ASN B 165 -88.98 -15.78 34.93
C ASN B 165 -88.35 -15.89 33.54
N LYS B 166 -89.20 -16.07 32.54
CA LYS B 166 -88.74 -16.09 31.15
C LYS B 166 -87.90 -14.86 30.84
N ALA B 167 -88.34 -13.71 31.34
CA ALA B 167 -87.60 -12.46 31.21
C ALA B 167 -86.18 -12.55 31.74
N VAL B 168 -86.03 -13.09 32.95
CA VAL B 168 -84.71 -13.19 33.56
C VAL B 168 -83.82 -14.19 32.83
N VAL B 169 -84.43 -15.20 32.23
CA VAL B 169 -83.64 -16.20 31.51
C VAL B 169 -83.15 -15.62 30.20
N SER B 170 -83.98 -14.77 29.60
CA SER B 170 -83.61 -14.08 28.38
C SER B 170 -82.41 -13.18 28.64
N LEU B 171 -82.53 -12.34 29.65
CA LEU B 171 -81.43 -11.47 30.04
C LEU B 171 -80.14 -12.24 30.38
N SER B 172 -80.28 -13.35 31.11
CA SER B 172 -79.14 -14.21 31.44
C SER B 172 -78.37 -14.68 30.20
N ASN B 173 -79.11 -15.04 29.16
CA ASN B 173 -78.49 -15.54 27.93
C ASN B 173 -77.79 -14.41 27.20
N GLY B 174 -78.50 -13.29 27.04
CA GLY B 174 -77.88 -12.05 26.61
C GLY B 174 -76.55 -11.81 27.30
N VAL B 175 -76.58 -11.72 28.62
CA VAL B 175 -75.38 -11.45 29.41
C VAL B 175 -74.29 -12.52 29.22
N SER B 176 -74.70 -13.77 28.99
CA SER B 176 -73.74 -14.84 28.73
C SER B 176 -73.00 -14.62 27.42
N VAL B 177 -73.77 -14.37 26.37
CA VAL B 177 -73.21 -14.03 25.06
C VAL B 177 -72.31 -12.81 25.20
N LEU B 178 -72.82 -11.74 25.82
CA LEU B 178 -72.02 -10.53 26.01
C LEU B 178 -70.72 -10.82 26.76
N THR B 179 -70.81 -11.65 27.79
CA THR B 179 -69.65 -12.00 28.60
C THR B 179 -68.58 -12.69 27.75
N SER B 180 -69.00 -13.69 26.99
CA SER B 180 -68.10 -14.39 26.09
C SER B 180 -67.46 -13.43 25.07
N LYS B 181 -68.23 -12.46 24.59
CA LYS B 181 -67.73 -11.47 23.64
C LYS B 181 -66.76 -10.47 24.27
N VAL B 182 -66.88 -10.26 25.57
CA VAL B 182 -65.89 -9.47 26.29
C VAL B 182 -64.61 -10.29 26.41
N LEU B 183 -64.77 -11.58 26.67
CA LEU B 183 -63.63 -12.47 26.80
C LEU B 183 -62.89 -12.49 25.47
N ASP B 184 -63.65 -12.60 24.38
CA ASP B 184 -63.09 -12.67 23.04
C ASP B 184 -62.40 -11.38 22.63
N LEU B 185 -62.85 -10.25 23.19
CA LEU B 185 -62.23 -8.97 22.91
C LEU B 185 -60.84 -8.95 23.55
N LYS B 186 -60.78 -9.42 24.79
CA LYS B 186 -59.53 -9.44 25.53
C LYS B 186 -58.56 -10.39 24.85
N ASN B 187 -59.05 -11.56 24.48
CA ASN B 187 -58.19 -12.53 23.83
C ASN B 187 -57.68 -12.01 22.48
N TYR B 188 -58.44 -11.14 21.85
CA TYR B 188 -57.92 -10.45 20.67
C TYR B 188 -56.75 -9.55 21.04
N ILE B 189 -57.02 -8.65 21.98
CA ILE B 189 -56.00 -7.72 22.46
C ILE B 189 -54.74 -8.41 22.99
N ASP B 190 -54.91 -9.55 23.65
CA ASP B 190 -53.77 -10.19 24.31
C ASP B 190 -52.97 -11.11 23.40
N LYS B 191 -53.68 -11.83 22.53
CA LYS B 191 -53.05 -12.86 21.70
C LYS B 191 -52.76 -12.38 20.29
N GLN B 192 -53.60 -11.49 19.78
CA GLN B 192 -53.49 -11.03 18.39
C GLN B 192 -52.83 -9.65 18.25
N LEU B 193 -53.26 -8.70 19.07
CA LEU B 193 -52.87 -7.31 18.88
C LEU B 193 -51.58 -6.99 19.61
N LEU B 194 -51.54 -7.36 20.88
CA LEU B 194 -50.40 -7.08 21.74
C LEU B 194 -49.07 -7.61 21.16
N PRO B 195 -49.01 -8.88 20.69
CA PRO B 195 -47.73 -9.37 20.15
C PRO B 195 -47.24 -8.56 18.95
N ILE B 196 -48.16 -8.12 18.09
CA ILE B 196 -47.75 -7.31 16.95
C ILE B 196 -47.20 -5.97 17.43
N VAL B 197 -47.74 -5.43 18.52
CA VAL B 197 -47.28 -4.14 19.02
C VAL B 197 -45.91 -4.28 19.71
N ASN B 198 -45.58 -5.51 20.12
CA ASN B 198 -44.29 -5.74 20.73
C ASN B 198 -43.25 -5.99 19.64
N LYS B 199 -43.64 -6.72 18.61
CA LYS B 199 -42.75 -6.95 17.47
C LYS B 199 -42.35 -5.64 16.81
N GLN B 200 -43.23 -4.64 16.91
CA GLN B 200 -42.98 -3.35 16.29
C GLN B 200 -42.05 -2.54 17.20
N SER B 201 -42.21 -2.73 18.50
CA SER B 201 -41.33 -2.09 19.47
C SER B 201 -39.93 -2.61 19.32
N CYS B 202 -39.82 -3.88 18.95
CA CYS B 202 -38.52 -4.53 18.81
C CYS B 202 -37.83 -4.05 17.55
N SER B 203 -38.58 -3.96 16.45
CA SER B 203 -38.00 -3.53 15.18
C SER B 203 -37.57 -2.07 15.28
N ILE B 204 -38.38 -1.25 15.96
CA ILE B 204 -38.03 0.16 16.11
C ILE B 204 -36.77 0.29 16.97
N SER B 205 -36.63 -0.60 17.95
CA SER B 205 -35.44 -0.59 18.78
C SER B 205 -34.24 -0.98 17.93
N ASN B 206 -34.37 -2.08 17.20
CA ASN B 206 -33.34 -2.54 16.27
C ASN B 206 -32.90 -1.43 15.32
N ILE B 207 -33.88 -0.83 14.64
CA ILE B 207 -33.64 0.23 13.66
C ILE B 207 -32.89 1.38 14.31
N GLU B 208 -33.50 2.00 15.32
CA GLU B 208 -32.89 3.09 16.08
C GLU B 208 -31.41 2.80 16.38
N THR B 209 -31.15 1.62 16.92
CA THR B 209 -29.80 1.19 17.25
C THR B 209 -28.85 1.27 16.05
N VAL B 210 -29.26 0.67 14.93
CA VAL B 210 -28.46 0.72 13.70
C VAL B 210 -28.13 2.15 13.29
N ILE B 211 -29.14 2.99 13.19
CA ILE B 211 -28.95 4.39 12.84
C ILE B 211 -28.02 5.06 13.85
N GLU B 212 -28.08 4.65 15.11
CA GLU B 212 -27.27 5.29 16.15
C GLU B 212 -25.85 4.73 16.11
N PHE B 213 -25.71 3.53 15.54
CA PHE B 213 -24.40 2.94 15.26
C PHE B 213 -23.66 3.79 14.24
N GLN B 214 -24.41 4.19 13.21
CA GLN B 214 -23.88 4.93 12.09
C GLN B 214 -23.61 6.39 12.45
N GLN B 215 -24.23 6.85 13.53
CA GLN B 215 -24.05 8.22 13.98
C GLN B 215 -22.90 8.33 14.98
N LYS B 216 -22.80 7.35 15.87
CA LYS B 216 -21.81 7.36 16.93
C LYS B 216 -20.46 6.77 16.50
N ASN B 217 -20.41 6.21 15.30
CA ASN B 217 -19.15 5.77 14.73
C ASN B 217 -18.89 6.42 13.39
N ASN B 218 -19.58 7.54 13.17
CA ASN B 218 -19.47 8.32 11.94
C ASN B 218 -18.03 8.45 11.49
N ARG B 219 -17.16 8.78 12.44
CA ARG B 219 -15.79 9.11 12.15
C ARG B 219 -14.98 7.85 11.87
N LEU B 220 -15.14 6.83 12.73
CA LEU B 220 -14.50 5.55 12.51
C LEU B 220 -14.89 4.97 11.17
N LEU B 221 -16.17 5.10 10.85
CA LEU B 221 -16.73 4.55 9.64
C LEU B 221 -16.23 5.26 8.39
N GLU B 222 -15.99 6.57 8.51
CA GLU B 222 -15.44 7.34 7.40
C GLU B 222 -13.99 6.95 7.16
N ILE B 223 -13.27 6.70 8.25
CA ILE B 223 -11.86 6.36 8.21
C ILE B 223 -11.62 4.99 7.58
N THR B 224 -12.51 4.05 7.88
CA THR B 224 -12.39 2.72 7.29
C THR B 224 -12.76 2.73 5.81
N ARG B 225 -13.65 3.64 5.41
CA ARG B 225 -13.95 3.81 3.99
C ARG B 225 -12.72 4.34 3.26
N GLU B 226 -12.04 5.28 3.89
CA GLU B 226 -10.88 5.91 3.29
C GLU B 226 -9.76 4.91 3.07
N PHE B 227 -9.42 4.17 4.12
CA PHE B 227 -8.37 3.15 4.02
C PHE B 227 -8.76 2.06 3.04
N SER B 228 -10.06 1.76 2.93
CA SER B 228 -10.54 0.73 2.01
C SER B 228 -10.34 1.16 0.57
N VAL B 229 -10.70 2.41 0.28
CA VAL B 229 -10.59 2.94 -1.07
C VAL B 229 -9.15 3.09 -1.56
N ASN B 230 -8.26 3.48 -0.65
CA ASN B 230 -6.90 3.82 -1.02
C ASN B 230 -5.86 2.78 -0.58
N ALA B 231 -6.36 1.61 -0.16
CA ALA B 231 -5.51 0.48 0.23
C ALA B 231 -4.57 0.78 1.41
N GLY B 232 -5.05 1.59 2.35
CA GLY B 232 -4.42 1.69 3.65
C GLY B 232 -3.45 2.84 3.78
N VAL B 233 -3.44 3.73 2.78
CA VAL B 233 -2.60 4.92 2.80
C VAL B 233 -3.30 6.05 2.04
N THR B 234 -3.75 7.07 2.76
CA THR B 234 -4.44 8.18 2.09
C THR B 234 -3.62 9.46 2.12
N THR B 235 -3.96 10.36 1.21
CA THR B 235 -3.45 11.72 1.20
C THR B 235 -4.36 12.56 0.30
N PRO B 236 -4.80 13.73 0.79
CA PRO B 236 -4.41 14.38 2.04
C PRO B 236 -5.13 13.84 3.27
N VAL B 237 -4.71 14.29 4.44
CA VAL B 237 -5.29 13.84 5.70
C VAL B 237 -6.63 14.52 5.97
N SER B 238 -7.70 13.73 5.83
CA SER B 238 -9.07 14.24 5.91
C SER B 238 -9.40 14.82 7.28
N THR B 239 -10.58 15.39 7.40
CA THR B 239 -11.05 15.89 8.69
C THR B 239 -11.74 14.79 9.48
N TYR B 240 -11.88 13.61 8.87
CA TYR B 240 -12.38 12.46 9.61
C TYR B 240 -11.21 11.79 10.30
N MET B 241 -10.06 11.81 9.62
CA MET B 241 -8.85 11.14 10.09
C MET B 241 -8.23 11.93 11.22
N LEU B 242 -8.32 13.25 11.12
CA LEU B 242 -7.67 14.16 12.05
C LEU B 242 -8.45 15.49 12.10
N THR B 243 -9.11 15.76 13.23
CA THR B 243 -9.96 16.94 13.35
C THR B 243 -9.09 18.16 13.60
N ASN B 244 -9.67 19.35 13.45
CA ASN B 244 -8.88 20.57 13.53
C ASN B 244 -8.25 20.75 14.90
N SER B 245 -9.02 20.51 15.95
CA SER B 245 -8.51 20.69 17.31
C SER B 245 -7.39 19.69 17.61
N GLU B 246 -7.42 18.54 16.94
CA GLU B 246 -6.36 17.55 17.07
C GLU B 246 -5.12 17.98 16.28
N LEU B 247 -5.34 18.46 15.06
CA LEU B 247 -4.24 18.96 14.24
C LEU B 247 -3.48 20.06 14.98
N LEU B 248 -4.20 21.02 15.54
CA LEU B 248 -3.55 22.09 16.30
C LEU B 248 -2.86 21.53 17.55
N SER B 249 -3.51 20.56 18.18
CA SER B 249 -2.96 19.84 19.33
C SER B 249 -1.58 19.28 18.98
N LEU B 250 -1.54 18.54 17.88
CA LEU B 250 -0.31 17.92 17.38
C LEU B 250 0.75 18.97 17.04
N ILE B 251 0.30 20.08 16.45
CA ILE B 251 1.22 21.12 16.02
C ILE B 251 2.00 21.73 17.19
N ASN B 252 1.30 22.08 18.26
CA ASN B 252 1.97 22.63 19.45
C ASN B 252 2.80 21.62 20.23
N ASP B 253 3.03 20.45 19.64
CA ASP B 253 3.86 19.43 20.26
C ASP B 253 5.04 19.09 19.37
N MET B 254 5.04 19.64 18.15
CA MET B 254 6.13 19.41 17.22
C MET B 254 7.39 20.14 17.66
N PRO B 255 8.56 19.54 17.40
CA PRO B 255 9.88 20.08 17.77
C PRO B 255 10.32 21.27 16.91
N ILE B 256 9.48 22.31 16.83
CA ILE B 256 9.73 23.44 15.93
C ILE B 256 9.56 24.77 16.68
N THR B 257 9.99 25.86 16.07
CA THR B 257 9.90 27.17 16.71
C THR B 257 8.46 27.68 16.74
N ASN B 258 8.21 28.70 17.57
CA ASN B 258 6.86 29.28 17.65
C ASN B 258 6.37 29.93 16.35
N ASP B 259 7.29 30.38 15.51
CA ASP B 259 6.92 30.96 14.22
C ASP B 259 6.38 29.89 13.27
N GLN B 260 6.98 28.70 13.34
CA GLN B 260 6.53 27.57 12.54
C GLN B 260 5.23 27.01 13.09
N LYS B 261 5.17 26.76 14.41
CA LYS B 261 3.91 26.34 15.02
C LYS B 261 2.78 27.28 14.59
N LYS B 262 3.09 28.57 14.50
CA LYS B 262 2.10 29.58 14.15
C LYS B 262 1.75 29.48 12.67
N LEU B 263 2.78 29.37 11.84
CA LEU B 263 2.63 29.22 10.40
C LEU B 263 1.70 28.07 10.03
N MET B 264 2.01 26.87 10.51
CA MET B 264 1.18 25.71 10.23
C MET B 264 -0.25 25.88 10.72
N SER B 265 -0.40 26.45 11.91
CA SER B 265 -1.71 26.71 12.50
C SER B 265 -2.60 27.57 11.61
N ASN B 266 -1.99 28.41 10.77
CA ASN B 266 -2.75 29.29 9.89
C ASN B 266 -3.05 28.66 8.54
N ASN B 267 -2.20 27.75 8.10
CA ASN B 267 -2.38 27.09 6.82
C ASN B 267 -2.71 25.62 6.99
N VAL B 268 -3.70 25.33 7.82
CA VAL B 268 -4.09 23.95 8.09
C VAL B 268 -4.42 23.19 6.81
N GLN B 269 -4.96 23.90 5.82
CA GLN B 269 -5.33 23.28 4.56
C GLN B 269 -4.11 22.68 3.88
N ILE B 270 -3.15 23.55 3.57
CA ILE B 270 -1.90 23.13 2.94
C ILE B 270 -1.18 22.01 3.70
N VAL B 271 -1.09 22.17 5.02
CA VAL B 271 -0.41 21.18 5.87
C VAL B 271 -1.07 19.82 5.73
N ARG B 272 -2.39 19.81 5.61
CA ARG B 272 -3.13 18.56 5.45
C ARG B 272 -2.83 17.93 4.09
N GLN B 273 -2.57 18.75 3.09
CA GLN B 273 -2.34 18.26 1.74
C GLN B 273 -0.92 17.74 1.58
N GLN B 274 -0.06 18.07 2.53
CA GLN B 274 1.31 17.58 2.53
C GLN B 274 1.47 16.48 3.56
N SER B 275 0.34 16.02 4.08
CA SER B 275 0.37 14.98 5.11
C SER B 275 -0.12 13.62 4.61
N TYR B 276 0.26 12.58 5.32
CA TYR B 276 -0.22 11.23 5.06
C TYR B 276 -0.97 10.60 6.22
N SER B 277 -1.69 9.54 5.94
CA SER B 277 -2.42 8.77 6.94
C SER B 277 -2.21 7.29 6.64
N ILE B 278 -1.43 6.63 7.48
CA ILE B 278 -1.01 5.26 7.23
C ILE B 278 -1.66 4.30 8.24
N MET B 279 -2.64 3.54 7.78
CA MET B 279 -3.26 2.48 8.57
C MET B 279 -2.22 1.64 9.31
N SER B 280 -2.39 1.44 10.62
CA SER B 280 -1.40 0.67 11.36
C SER B 280 -1.89 -0.57 12.13
N ILE B 281 -2.99 -0.44 12.86
CA ILE B 281 -3.59 -1.61 13.52
C ILE B 281 -5.11 -1.55 13.48
N ILE B 282 -5.71 -2.64 13.02
CA ILE B 282 -7.16 -2.66 12.84
C ILE B 282 -7.79 -3.93 13.42
N LYS B 283 -8.54 -3.74 14.50
CA LYS B 283 -9.27 -4.82 15.13
C LYS B 283 -10.75 -4.48 15.10
N GLU B 284 -11.59 -5.46 15.41
CA GLU B 284 -13.04 -5.30 15.33
C GLU B 284 -13.52 -4.12 16.17
N GLU B 285 -12.97 -3.99 17.37
CA GLU B 285 -13.45 -3.00 18.33
C GLU B 285 -12.59 -1.73 18.42
N VAL B 286 -11.45 -1.72 17.75
CA VAL B 286 -10.59 -0.52 17.76
C VAL B 286 -9.73 -0.38 16.51
N LEU B 287 -9.55 0.86 16.05
CA LEU B 287 -8.76 1.13 14.86
C LEU B 287 -7.62 2.07 15.23
N ALA B 288 -6.46 1.87 14.59
CA ALA B 288 -5.28 2.63 14.93
C ALA B 288 -4.49 2.88 13.65
N TYR B 289 -3.94 4.08 13.55
CA TYR B 289 -3.25 4.50 12.34
C TYR B 289 -2.32 5.67 12.61
N VAL B 290 -1.14 5.61 12.00
CA VAL B 290 -0.20 6.71 12.12
C VAL B 290 -0.59 7.84 11.17
N VAL B 291 -0.64 9.06 11.71
CA VAL B 291 -0.73 10.24 10.88
C VAL B 291 0.69 10.79 10.74
N GLN B 292 1.05 11.21 9.54
CA GLN B 292 2.40 11.68 9.28
C GLN B 292 2.39 13.09 8.72
N LEU B 293 2.63 14.06 9.60
CA LEU B 293 2.59 15.49 9.26
C LEU B 293 3.97 15.99 8.87
N PRO B 294 4.03 17.04 8.05
CA PRO B 294 5.33 17.51 7.59
C PRO B 294 6.02 18.45 8.58
N LEU B 295 7.34 18.38 8.61
CA LEU B 295 8.12 19.32 9.40
C LEU B 295 8.90 20.23 8.46
N TYR B 296 8.88 21.52 8.76
CA TYR B 296 9.56 22.49 7.89
C TYR B 296 10.88 22.88 8.54
N GLY B 297 12.00 22.56 7.88
CA GLY B 297 13.29 22.81 8.48
C GLY B 297 13.67 24.28 8.46
N VAL B 298 13.10 25.00 7.49
CA VAL B 298 13.30 26.44 7.44
C VAL B 298 12.05 27.12 6.87
N ILE B 299 11.87 28.40 7.18
CA ILE B 299 10.67 29.16 6.84
C ILE B 299 11.09 30.61 6.69
N ASP B 300 10.27 31.38 5.96
CA ASP B 300 10.43 32.82 5.81
C ASP B 300 11.67 33.25 5.05
N THR B 301 12.03 32.49 4.03
CA THR B 301 13.16 32.81 3.17
C THR B 301 12.51 33.24 1.85
N PRO B 302 13.13 34.20 1.14
CA PRO B 302 12.63 34.64 -0.17
C PRO B 302 12.50 33.54 -1.22
N CYS B 303 11.29 33.39 -1.75
CA CYS B 303 11.04 32.51 -2.89
C CYS B 303 10.69 33.29 -4.14
N TRP B 304 10.69 32.60 -5.26
CA TRP B 304 10.24 33.17 -6.53
C TRP B 304 10.03 32.07 -7.56
N LYS B 305 9.08 32.29 -8.47
CA LYS B 305 8.73 31.30 -9.47
C LYS B 305 9.12 31.83 -10.83
N LEU B 306 9.85 31.02 -11.58
CA LEU B 306 10.42 31.48 -12.84
C LEU B 306 9.65 30.89 -14.03
N HIS B 307 9.30 31.76 -14.98
CA HIS B 307 8.67 31.32 -16.22
C HIS B 307 9.60 31.66 -17.36
N THR B 308 9.49 30.91 -18.45
CA THR B 308 10.31 31.15 -19.63
C THR B 308 9.59 30.86 -20.93
N SER B 309 10.02 31.56 -21.97
CA SER B 309 9.46 31.41 -23.30
C SER B 309 10.63 31.45 -24.28
N PRO B 310 10.38 31.11 -25.55
CA PRO B 310 11.49 31.12 -26.51
C PRO B 310 11.99 32.51 -26.87
N LEU B 311 13.22 32.56 -27.35
CA LEU B 311 13.89 33.82 -27.66
C LEU B 311 14.67 33.62 -28.95
N CYS B 312 14.58 34.59 -29.85
CA CYS B 312 15.13 34.45 -31.19
C CYS B 312 15.74 35.77 -31.66
N THR B 313 16.35 35.73 -32.84
CA THR B 313 16.98 36.92 -33.40
C THR B 313 16.25 37.40 -34.65
N ILE B 322 18.50 31.86 -35.08
CA ILE B 322 18.67 30.79 -34.10
C ILE B 322 17.88 31.12 -32.83
N CYS B 323 17.52 30.10 -32.05
CA CYS B 323 16.70 30.32 -30.86
C CYS B 323 17.22 29.66 -29.59
N LEU B 324 16.84 30.21 -28.44
CA LEU B 324 17.21 29.67 -27.14
C LEU B 324 16.00 29.73 -26.21
N THR B 325 15.93 28.81 -25.25
CA THR B 325 14.86 28.80 -24.27
C THR B 325 15.43 28.30 -22.96
N ARG B 326 15.23 29.05 -21.88
CA ARG B 326 15.72 28.58 -20.58
C ARG B 326 14.85 27.43 -20.09
N THR B 327 15.50 26.34 -19.69
CA THR B 327 14.80 25.12 -19.27
C THR B 327 14.80 24.94 -17.76
N ASP B 328 14.99 26.01 -17.02
CA ASP B 328 15.01 25.91 -15.57
C ASP B 328 13.82 26.59 -14.91
N ARG B 329 12.65 26.37 -15.51
CA ARG B 329 11.38 26.84 -14.97
C ARG B 329 11.14 26.21 -13.61
N GLY B 330 10.32 26.85 -12.79
CA GLY B 330 9.95 26.26 -11.51
C GLY B 330 10.23 27.18 -10.35
N TRP B 331 10.07 26.65 -9.15
CA TRP B 331 10.20 27.45 -7.94
C TRP B 331 11.65 27.52 -7.48
N TYR B 332 12.00 28.60 -6.78
CA TYR B 332 13.35 28.80 -6.25
C TYR B 332 13.21 29.39 -4.85
N CYS B 333 13.84 28.76 -3.87
CA CYS B 333 13.81 29.26 -2.50
C CYS B 333 15.22 29.36 -1.91
N ASP B 334 15.49 30.40 -1.13
CA ASP B 334 16.81 30.52 -0.55
C ASP B 334 16.90 29.48 0.58
N ASN B 335 17.81 28.51 0.44
CA ASN B 335 18.13 27.56 1.51
C ASN B 335 19.54 27.67 2.10
N ALA B 336 19.62 28.19 3.32
CA ALA B 336 20.88 28.51 4.02
C ALA B 336 22.10 28.80 3.14
N GLY B 337 22.11 29.99 2.55
CA GLY B 337 23.23 30.51 1.78
C GLY B 337 23.26 30.06 0.34
N SER B 338 22.40 29.11 0.02
CA SER B 338 22.27 28.61 -1.35
C SER B 338 20.82 28.70 -1.79
N VAL B 339 20.55 28.46 -3.07
CA VAL B 339 19.19 28.41 -3.58
C VAL B 339 18.75 26.96 -3.77
N SER B 340 17.59 26.61 -3.22
CA SER B 340 16.97 25.33 -3.53
C SER B 340 16.04 25.46 -4.74
N PHE B 341 16.06 24.45 -5.61
CA PHE B 341 15.32 24.50 -6.87
C PHE B 341 14.39 23.30 -7.03
N PHE B 342 13.11 23.60 -7.15
CA PHE B 342 12.09 22.58 -7.22
C PHE B 342 11.52 22.52 -8.63
N PRO B 343 11.86 21.46 -9.37
CA PRO B 343 11.57 21.39 -10.80
C PRO B 343 10.25 20.67 -11.09
N GLN B 344 9.67 20.02 -10.09
CA GLN B 344 8.33 19.45 -10.25
C GLN B 344 7.28 20.39 -9.66
N ALA B 345 6.25 20.68 -10.44
CA ALA B 345 5.19 21.57 -10.02
C ALA B 345 4.41 20.96 -8.85
N GLU B 346 4.42 19.64 -8.79
CA GLU B 346 3.67 18.88 -7.82
C GLU B 346 4.15 19.06 -6.38
N THR B 347 5.41 19.44 -6.24
CA THR B 347 6.04 19.48 -4.92
C THR B 347 5.75 20.76 -4.14
N CYS B 348 5.31 21.80 -4.84
CA CYS B 348 5.02 23.06 -4.18
C CYS B 348 3.53 23.41 -4.11
N LYS B 349 3.08 23.77 -2.91
CA LYS B 349 1.74 24.33 -2.70
C LYS B 349 1.87 25.82 -2.46
N VAL B 350 0.88 26.60 -2.88
CA VAL B 350 0.91 28.05 -2.69
C VAL B 350 -0.40 28.65 -2.20
N GLN B 351 -0.32 29.40 -1.11
CA GLN B 351 -1.49 30.01 -0.52
C GLN B 351 -1.14 31.45 -0.18
N SER B 352 -1.58 32.40 -1.01
CA SER B 352 -1.28 33.82 -0.81
C SER B 352 0.17 34.09 -1.21
N ASN B 353 0.91 34.75 -0.32
CA ASN B 353 2.32 35.00 -0.54
C ASN B 353 3.17 33.85 0.03
N ARG B 354 2.51 32.77 0.43
CA ARG B 354 3.19 31.70 1.13
C ARG B 354 3.41 30.49 0.24
N VAL B 355 4.61 29.92 0.32
CA VAL B 355 4.95 28.75 -0.48
C VAL B 355 5.42 27.63 0.44
N PHE B 356 5.08 26.40 0.09
CA PHE B 356 5.40 25.23 0.89
C PHE B 356 6.01 24.16 -0.02
N CYS B 357 7.32 23.98 0.03
CA CYS B 357 7.95 23.03 -0.88
C CYS B 357 8.53 21.81 -0.18
N ASP B 358 8.87 20.80 -0.96
CA ASP B 358 9.41 19.55 -0.43
C ASP B 358 10.83 19.29 -0.93
N THR B 359 11.81 19.36 -0.03
CA THR B 359 13.23 19.23 -0.38
C THR B 359 13.67 17.87 -0.93
N MET B 360 12.79 16.87 -0.91
CA MET B 360 13.17 15.49 -1.22
C MET B 360 13.79 15.35 -2.61
N ASN B 361 13.15 15.96 -3.60
CA ASN B 361 13.64 15.92 -4.97
C ASN B 361 13.94 17.33 -5.44
N SER B 362 14.94 17.94 -4.82
CA SER B 362 15.30 19.31 -5.10
C SER B 362 16.76 19.36 -5.45
N LEU B 363 17.13 20.37 -6.24
CA LEU B 363 18.51 20.56 -6.63
C LEU B 363 19.07 21.76 -5.89
N THR B 364 20.31 21.66 -5.43
CA THR B 364 20.93 22.79 -4.76
C THR B 364 21.82 23.58 -5.73
N LEU B 365 21.55 24.87 -5.81
CA LEU B 365 22.22 25.75 -6.75
C LEU B 365 22.84 26.92 -6.01
N PRO B 366 23.88 27.54 -6.60
CA PRO B 366 24.46 28.77 -6.06
C PRO B 366 23.59 29.98 -6.33
N SER B 367 23.76 31.05 -5.56
CA SER B 367 22.90 32.23 -5.68
C SER B 367 23.16 32.98 -7.01
N GLU B 368 24.01 32.41 -7.85
CA GLU B 368 24.41 33.04 -9.11
C GLU B 368 23.40 32.74 -10.21
N VAL B 369 22.53 31.78 -9.96
CA VAL B 369 21.51 31.42 -10.94
C VAL B 369 20.61 32.61 -11.22
N ASN B 370 20.56 33.55 -10.27
CA ASN B 370 19.70 34.72 -10.42
C ASN B 370 20.23 35.68 -11.47
N LEU B 371 21.51 35.54 -11.80
CA LEU B 371 22.12 36.31 -12.88
C LEU B 371 21.69 35.78 -14.23
N CYS B 372 21.12 34.58 -14.24
CA CYS B 372 20.58 34.01 -15.47
C CYS B 372 19.34 34.77 -15.92
N ASN B 373 18.75 35.54 -15.01
CA ASN B 373 17.55 36.32 -15.32
C ASN B 373 17.84 37.54 -16.15
N VAL B 374 19.09 37.98 -16.15
CA VAL B 374 19.46 39.18 -16.89
C VAL B 374 20.38 38.86 -18.06
N ASP B 375 21.28 37.89 -17.85
CA ASP B 375 22.22 37.48 -18.89
C ASP B 375 22.34 35.97 -19.02
N ILE B 376 22.05 35.44 -20.21
CA ILE B 376 22.06 34.01 -20.43
C ILE B 376 23.50 33.51 -20.44
N PHE B 377 24.38 34.34 -20.96
CA PHE B 377 25.78 33.95 -21.10
C PHE B 377 26.64 34.48 -19.94
N ASN B 378 25.95 34.90 -18.89
CA ASN B 378 26.53 35.15 -17.56
C ASN B 378 27.72 34.23 -17.29
N PRO B 379 28.92 34.81 -17.12
CA PRO B 379 30.15 34.03 -16.95
C PRO B 379 30.32 33.39 -15.56
N LYS B 380 29.35 33.55 -14.66
CA LYS B 380 29.53 33.10 -13.29
C LYS B 380 28.69 31.87 -12.95
N TYR B 381 27.81 31.49 -13.89
CA TYR B 381 27.03 30.27 -13.78
C TYR B 381 26.43 29.93 -15.13
N ASP B 382 26.80 28.78 -15.67
CA ASP B 382 26.33 28.39 -16.99
C ASP B 382 24.85 28.02 -16.98
N CYS B 383 24.05 28.86 -17.63
CA CYS B 383 22.60 28.77 -17.61
C CYS B 383 22.08 27.58 -18.42
N LYS B 384 21.07 26.90 -17.87
CA LYS B 384 20.44 25.76 -18.53
C LYS B 384 19.45 26.17 -19.64
N ILE B 385 19.87 25.97 -20.89
CA ILE B 385 19.11 26.43 -22.06
C ILE B 385 18.87 25.33 -23.07
N MET B 386 17.93 25.57 -23.98
CA MET B 386 17.57 24.62 -25.02
C MET B 386 17.48 25.37 -26.34
N THR B 387 18.31 24.98 -27.29
CA THR B 387 18.42 25.74 -28.53
C THR B 387 17.58 25.17 -29.66
N SER B 388 17.62 25.89 -30.79
CA SER B 388 16.80 25.58 -31.96
C SER B 388 17.32 26.38 -33.13
N LYS B 389 17.49 25.72 -34.27
CA LYS B 389 18.08 26.38 -35.44
C LYS B 389 16.99 26.97 -36.32
N THR B 390 15.76 26.96 -35.80
CA THR B 390 14.64 27.42 -36.59
C THR B 390 13.74 28.32 -35.74
N ASP B 391 13.12 29.28 -36.43
CA ASP B 391 12.20 30.24 -35.83
C ASP B 391 11.09 29.51 -35.05
N VAL B 392 10.64 30.09 -33.94
CA VAL B 392 9.63 29.43 -33.10
C VAL B 392 8.79 30.43 -32.30
N SER B 393 7.51 30.08 -32.07
CA SER B 393 6.61 30.97 -31.36
C SER B 393 5.50 30.29 -30.56
N SER B 394 5.33 30.75 -29.33
CA SER B 394 4.36 30.18 -28.39
C SER B 394 3.99 31.23 -27.35
N SER B 395 3.29 30.81 -26.31
CA SER B 395 2.93 31.69 -25.20
C SER B 395 3.04 30.98 -23.85
N VAL B 396 3.59 31.67 -22.87
CA VAL B 396 3.60 31.20 -21.49
C VAL B 396 2.79 32.10 -20.58
N ILE B 397 1.89 31.50 -19.81
CA ILE B 397 1.02 32.26 -18.91
C ILE B 397 1.62 32.27 -17.50
N THR B 398 2.01 33.44 -17.02
CA THR B 398 2.64 33.55 -15.71
C THR B 398 1.59 33.81 -14.64
N SER B 399 2.04 34.17 -13.44
CA SER B 399 1.11 34.35 -12.32
C SER B 399 0.41 35.71 -12.34
N LEU B 400 1.15 36.76 -12.67
CA LEU B 400 0.57 38.09 -12.79
C LEU B 400 0.56 38.59 -14.22
N GLY B 401 0.23 37.71 -15.16
CA GLY B 401 0.26 38.08 -16.58
C GLY B 401 0.65 36.93 -17.47
N ALA B 402 1.47 37.21 -18.49
CA ALA B 402 1.75 36.24 -19.56
C ALA B 402 2.82 36.75 -20.52
N ILE B 403 3.78 35.89 -20.82
CA ILE B 403 4.83 36.19 -21.78
C ILE B 403 4.41 35.76 -23.19
N VAL B 404 4.84 36.52 -24.20
CA VAL B 404 4.57 36.18 -25.59
C VAL B 404 5.81 36.20 -26.47
N SER B 405 6.01 35.12 -27.22
CA SER B 405 7.15 35.00 -28.13
C SER B 405 6.69 34.89 -29.57
N CYS B 406 6.70 36.00 -30.29
CA CYS B 406 6.14 36.01 -31.64
C CYS B 406 7.23 36.22 -32.66
N TYR B 407 7.69 35.12 -33.25
CA TYR B 407 8.74 35.15 -34.25
C TYR B 407 8.32 34.46 -35.56
N GLY B 408 8.99 34.82 -36.64
CA GLY B 408 8.71 34.21 -37.93
C GLY B 408 7.56 34.93 -38.60
N LYS B 409 6.82 34.23 -39.45
CA LYS B 409 5.74 34.88 -40.15
C LYS B 409 4.42 34.78 -39.40
N THR B 410 4.49 34.41 -38.12
CA THR B 410 3.30 34.27 -37.30
C THR B 410 2.86 35.60 -36.68
N LYS B 411 1.55 35.79 -36.58
CA LYS B 411 0.95 37.01 -36.03
C LYS B 411 0.29 36.74 -34.69
N CYS B 412 0.67 37.51 -33.68
CA CYS B 412 0.10 37.37 -32.35
C CYS B 412 -0.55 38.68 -31.96
N THR B 413 -1.47 38.62 -30.99
CA THR B 413 -2.23 39.78 -30.52
C THR B 413 -2.84 39.52 -29.16
N ALA B 414 -2.71 40.50 -28.28
CA ALA B 414 -3.36 40.47 -26.98
C ALA B 414 -4.71 41.18 -27.04
N SER B 415 -5.74 40.52 -26.55
CA SER B 415 -7.08 41.10 -26.53
C SER B 415 -7.63 41.31 -25.12
N ASN B 416 -8.79 41.94 -25.06
CA ASN B 416 -9.41 42.32 -23.80
C ASN B 416 -10.91 42.14 -23.95
N LYS B 417 -11.56 41.59 -22.93
CA LYS B 417 -12.97 41.19 -23.04
C LYS B 417 -13.91 42.37 -23.31
N ASN B 418 -13.36 43.58 -23.34
CA ASN B 418 -14.19 44.76 -23.56
C ASN B 418 -13.90 45.50 -24.86
N ARG B 419 -12.66 45.50 -25.33
CA ARG B 419 -12.33 46.29 -26.52
C ARG B 419 -11.80 45.38 -27.63
N GLY B 420 -11.71 44.09 -27.33
CA GLY B 420 -11.25 43.11 -28.29
C GLY B 420 -9.75 43.21 -28.45
N ILE B 421 -9.26 43.17 -29.68
CA ILE B 421 -7.82 43.27 -29.94
C ILE B 421 -7.25 44.66 -29.63
N ILE B 422 -6.37 44.75 -28.65
CA ILE B 422 -5.78 46.03 -28.26
C ILE B 422 -4.28 46.16 -28.52
N LYS B 423 -3.67 45.11 -29.07
CA LYS B 423 -2.24 45.15 -29.35
C LYS B 423 -1.87 44.03 -30.31
N THR B 424 -1.04 44.33 -31.32
CA THR B 424 -0.49 43.29 -32.19
C THR B 424 1.01 43.16 -32.03
N PHE B 425 1.49 41.95 -31.78
CA PHE B 425 2.91 41.76 -31.52
C PHE B 425 3.72 41.54 -32.79
N SER B 426 4.86 42.22 -32.87
CA SER B 426 5.85 42.05 -33.92
C SER B 426 6.89 41.04 -33.48
N ASN B 427 7.86 40.77 -34.35
CA ASN B 427 8.94 39.84 -34.03
C ASN B 427 9.74 40.22 -32.79
N GLY B 428 9.66 39.36 -31.77
CA GLY B 428 10.39 39.54 -30.53
C GLY B 428 9.69 38.98 -29.32
N CYS B 429 10.18 39.33 -28.14
CA CYS B 429 9.67 38.77 -26.89
C CYS B 429 9.01 39.90 -26.09
N ASP B 430 7.70 39.82 -25.92
CA ASP B 430 6.97 40.80 -25.12
C ASP B 430 6.36 40.22 -23.85
N TYR B 431 5.90 41.09 -22.96
CA TYR B 431 5.20 40.64 -21.76
C TYR B 431 3.94 41.44 -21.55
N VAL B 432 2.92 40.76 -21.05
CA VAL B 432 1.59 41.32 -20.92
C VAL B 432 1.05 41.14 -19.51
N SER B 433 0.37 42.16 -19.00
CA SER B 433 -0.13 42.13 -17.63
C SER B 433 -1.59 41.69 -17.60
N ASN B 434 -1.94 40.88 -16.60
CA ASN B 434 -3.31 40.34 -16.52
C ASN B 434 -4.31 41.42 -16.12
N LYS B 435 -3.82 42.62 -15.86
CA LYS B 435 -4.69 43.75 -15.55
C LYS B 435 -5.41 44.30 -16.78
N GLY B 436 -4.66 44.47 -17.86
CA GLY B 436 -5.22 45.07 -19.07
C GLY B 436 -5.58 44.10 -20.18
N VAL B 437 -4.91 42.95 -20.20
CA VAL B 437 -5.16 41.95 -21.22
C VAL B 437 -5.91 40.76 -20.63
N ASP B 438 -6.81 40.18 -21.40
CA ASP B 438 -7.59 39.06 -20.93
C ASP B 438 -7.31 37.76 -21.69
N THR B 439 -6.95 37.89 -22.97
CA THR B 439 -6.51 36.75 -23.76
C THR B 439 -5.39 37.15 -24.70
N VAL B 440 -4.58 36.17 -25.08
CA VAL B 440 -3.50 36.36 -26.02
C VAL B 440 -3.58 35.29 -27.09
N SER B 441 -3.24 35.62 -28.33
CA SER B 441 -3.54 34.75 -29.46
C SER B 441 -2.32 34.60 -30.36
N VAL B 442 -1.60 33.50 -30.16
CA VAL B 442 -0.47 33.13 -31.01
C VAL B 442 -0.93 32.26 -32.17
N GLY B 443 -0.76 32.74 -33.39
CA GLY B 443 -1.25 32.01 -34.55
C GLY B 443 -2.73 31.75 -34.42
N ASN B 444 -3.14 30.48 -34.48
CA ASN B 444 -4.54 30.11 -34.35
C ASN B 444 -4.88 29.65 -32.93
N THR B 445 -3.85 29.54 -32.09
CA THR B 445 -4.05 29.08 -30.73
C THR B 445 -4.25 30.25 -29.76
N LEU B 446 -5.18 30.08 -28.84
CA LEU B 446 -5.68 31.16 -28.01
C LEU B 446 -5.33 30.91 -26.56
N TYR B 447 -4.55 31.79 -25.95
CA TYR B 447 -4.14 31.62 -24.56
C TYR B 447 -5.01 32.52 -23.66
N TYR B 448 -5.47 32.00 -22.52
CA TYR B 448 -6.28 32.79 -21.59
C TYR B 448 -5.47 33.32 -20.40
N VAL B 449 -5.15 34.60 -20.43
CA VAL B 449 -4.36 35.24 -19.38
C VAL B 449 -5.12 35.33 -18.06
N ASN B 450 -6.45 35.30 -18.13
CA ASN B 450 -7.29 35.27 -16.94
C ASN B 450 -8.34 34.18 -16.99
N LYS B 451 -8.68 33.64 -15.82
CA LYS B 451 -9.80 32.73 -15.67
C LYS B 451 -11.06 33.37 -16.26
N GLN B 452 -11.80 32.64 -17.08
CA GLN B 452 -13.04 33.18 -17.59
C GLN B 452 -14.17 32.88 -16.61
N GLU B 453 -14.76 33.94 -16.06
CA GLU B 453 -15.89 33.81 -15.16
C GLU B 453 -17.10 33.28 -15.90
N GLY B 454 -17.82 32.35 -15.27
CA GLY B 454 -18.90 31.67 -15.96
C GLY B 454 -20.26 31.73 -15.30
N LYS B 455 -21.14 30.85 -15.76
CA LYS B 455 -22.54 30.86 -15.37
C LYS B 455 -22.68 30.34 -13.96
N SER B 456 -23.41 31.08 -13.13
CA SER B 456 -23.72 30.63 -11.77
C SER B 456 -24.76 29.52 -11.80
N LEU B 457 -24.60 28.53 -10.94
CA LEU B 457 -25.60 27.50 -10.71
C LEU B 457 -26.11 27.47 -9.27
N TYR B 458 -27.37 27.03 -9.10
CA TYR B 458 -28.05 27.03 -7.81
C TYR B 458 -28.98 25.82 -7.69
N VAL B 459 -28.78 25.03 -6.64
CA VAL B 459 -29.61 23.85 -6.39
C VAL B 459 -30.47 24.10 -5.15
N LYS B 460 -31.78 24.25 -5.35
CA LYS B 460 -32.67 24.64 -4.28
C LYS B 460 -33.06 23.49 -3.35
N GLY B 461 -33.37 23.84 -2.09
CA GLY B 461 -33.85 22.88 -1.12
C GLY B 461 -35.12 23.27 -0.39
N GLU B 462 -35.85 22.27 0.08
CA GLU B 462 -37.08 22.48 0.83
C GLU B 462 -36.95 21.93 2.25
N PRO B 463 -37.53 22.63 3.24
CA PRO B 463 -37.61 22.11 4.62
C PRO B 463 -38.33 20.76 4.65
N ILE B 464 -37.79 19.78 5.37
CA ILE B 464 -38.48 18.49 5.48
C ILE B 464 -39.34 18.44 6.74
N ILE B 465 -40.56 17.93 6.59
CA ILE B 465 -41.55 18.00 7.65
C ILE B 465 -41.92 16.60 8.14
N ASN B 466 -42.25 16.49 9.42
CA ASN B 466 -42.57 15.20 10.02
C ASN B 466 -43.97 15.19 10.62
N PHE B 467 -44.85 14.35 10.05
CA PHE B 467 -46.26 14.32 10.42
C PHE B 467 -46.58 13.23 11.45
N TYR B 468 -46.77 13.65 12.70
CA TYR B 468 -47.09 12.74 13.80
C TYR B 468 -48.47 13.08 14.40
N ASP B 469 -49.47 12.27 14.07
CA ASP B 469 -50.84 12.53 14.50
C ASP B 469 -51.27 11.53 15.59
N PRO B 470 -51.30 11.99 16.85
CA PRO B 470 -51.49 11.10 18.01
C PRO B 470 -52.88 10.50 18.09
N LEU B 471 -52.99 9.41 18.85
CA LEU B 471 -54.23 8.67 18.95
C LEU B 471 -54.83 8.86 20.33
N VAL B 472 -56.04 9.42 20.38
CA VAL B 472 -56.64 9.76 21.66
C VAL B 472 -57.94 8.97 21.90
N PHE B 473 -58.20 8.61 23.15
CA PHE B 473 -59.38 7.82 23.48
C PHE B 473 -60.35 8.67 24.28
N PRO B 474 -61.66 8.50 24.02
CA PRO B 474 -62.69 9.23 24.77
C PRO B 474 -62.87 8.64 26.17
N SER B 475 -61.81 8.71 26.97
CA SER B 475 -61.75 8.08 28.28
C SER B 475 -62.91 8.52 29.17
N ASP B 476 -63.08 9.84 29.30
CA ASP B 476 -64.03 10.42 30.24
C ASP B 476 -65.46 9.98 29.92
N GLU B 477 -65.87 10.20 28.66
CA GLU B 477 -67.20 9.79 28.20
C GLU B 477 -67.48 8.33 28.54
N PHE B 478 -66.52 7.45 28.24
CA PHE B 478 -66.65 6.02 28.52
C PHE B 478 -67.03 5.78 29.98
N ASP B 479 -66.19 6.26 30.88
CA ASP B 479 -66.40 6.13 32.31
C ASP B 479 -67.79 6.58 32.73
N ALA B 480 -68.32 7.59 32.05
CA ALA B 480 -69.64 8.13 32.36
C ALA B 480 -70.72 7.10 32.05
N SER B 481 -70.54 6.39 30.94
CA SER B 481 -71.44 5.32 30.54
C SER B 481 -71.30 4.11 31.47
N ILE B 482 -70.09 3.87 31.96
CA ILE B 482 -69.87 2.77 32.90
C ILE B 482 -70.43 3.12 34.27
N SER B 483 -70.44 4.41 34.61
CA SER B 483 -70.99 4.85 35.89
C SER B 483 -72.50 4.73 35.88
N GLN B 484 -73.10 4.93 34.71
CA GLN B 484 -74.54 4.78 34.52
C GLN B 484 -74.95 3.32 34.64
N VAL B 485 -74.09 2.42 34.16
CA VAL B 485 -74.41 1.00 34.18
C VAL B 485 -74.36 0.53 35.61
N ASN B 486 -73.47 1.13 36.39
CA ASN B 486 -73.38 0.79 37.79
C ASN B 486 -74.57 1.37 38.56
N GLU B 487 -75.05 2.53 38.15
CA GLU B 487 -76.23 3.14 38.75
C GLU B 487 -77.46 2.24 38.54
N LYS B 488 -77.57 1.65 37.36
CA LYS B 488 -78.70 0.79 37.02
C LYS B 488 -78.71 -0.54 37.77
N ILE B 489 -77.52 -1.08 38.03
CA ILE B 489 -77.39 -2.34 38.78
C ILE B 489 -77.68 -2.10 40.26
N ASN B 490 -77.20 -0.94 40.68
CA ASN B 490 -77.30 -0.45 42.03
C ASN B 490 -78.77 -0.33 42.38
N GLN B 491 -79.52 0.24 41.43
CA GLN B 491 -80.94 0.50 41.61
C GLN B 491 -81.77 -0.77 41.34
N SER B 492 -81.18 -1.71 40.61
CA SER B 492 -81.79 -3.02 40.40
C SER B 492 -81.80 -3.86 41.66
N LEU B 493 -80.79 -3.65 42.51
CA LEU B 493 -80.71 -4.36 43.77
C LEU B 493 -81.62 -3.72 44.80
N ALA B 494 -81.85 -2.42 44.63
CA ALA B 494 -82.79 -1.71 45.49
C ALA B 494 -84.20 -2.24 45.31
N PHE B 495 -84.62 -2.43 44.06
CA PHE B 495 -85.98 -2.87 43.75
C PHE B 495 -86.26 -4.28 44.26
N ILE B 496 -85.21 -5.09 44.35
CA ILE B 496 -85.34 -6.44 44.87
C ILE B 496 -85.37 -6.43 46.39
N ARG B 497 -84.46 -5.67 46.99
CA ARG B 497 -84.44 -5.49 48.43
C ARG B 497 -85.79 -4.95 48.89
N LYS B 498 -86.35 -4.07 48.06
CA LYS B 498 -87.67 -3.48 48.29
C LYS B 498 -88.75 -4.54 48.23
N SER B 499 -88.64 -5.44 47.25
CA SER B 499 -89.67 -6.44 46.99
C SER B 499 -89.67 -7.47 48.11
N ASP B 500 -88.49 -7.90 48.55
CA ASP B 500 -88.41 -8.77 49.72
C ASP B 500 -89.11 -8.13 50.93
N GLU B 501 -88.98 -6.81 51.06
CA GLU B 501 -89.55 -6.08 52.20
C GLU B 501 -91.08 -6.16 52.28
N LEU B 502 -91.71 -6.36 51.12
CA LEU B 502 -93.17 -6.50 51.01
C LEU B 502 -93.67 -7.92 51.24
N LEU B 503 -92.77 -8.81 51.62
CA LEU B 503 -93.10 -10.23 51.73
C LEU B 503 -93.00 -10.63 53.18
N GLY B 504 -92.08 -10.02 53.92
CA GLY B 504 -91.93 -10.32 55.33
C GLY B 504 -92.95 -9.60 56.22
N LEU B 505 -93.96 -8.97 55.62
CA LEU B 505 -94.94 -8.22 56.39
C LEU B 505 -96.36 -8.37 55.85
N GLU B 506 -97.35 -8.29 56.74
CA GLU B 506 -98.77 -8.27 56.39
C GLU B 506 -99.66 -8.13 57.63
N VAL B 507 -100.60 -7.19 57.58
CA VAL B 507 -101.67 -7.05 58.58
C VAL B 507 -102.63 -5.95 58.11
N LEU B 508 -103.76 -5.78 58.81
CA LEU B 508 -104.72 -4.75 58.42
C LEU B 508 -104.16 -3.35 58.62
N ASN C 27 20.38 -7.61 5.35
CA ASN C 27 19.53 -7.41 4.18
C ASN C 27 19.90 -6.10 3.48
N ILE C 28 19.24 -5.01 3.88
CA ILE C 28 19.39 -3.73 3.20
C ILE C 28 20.44 -2.88 3.91
N THR C 29 21.45 -2.46 3.15
CA THR C 29 22.51 -1.63 3.71
C THR C 29 22.76 -0.43 2.83
N GLU C 30 23.76 0.36 3.19
CA GLU C 30 24.02 1.62 2.50
C GLU C 30 25.48 1.96 2.57
N GLU C 31 26.10 1.99 1.40
CA GLU C 31 27.50 2.32 1.22
C GLU C 31 27.61 3.78 0.81
N PHE C 32 28.60 4.49 1.33
CA PHE C 32 28.79 5.88 0.95
C PHE C 32 30.09 6.13 0.21
N TYR C 33 29.96 6.65 -1.01
CA TYR C 33 31.12 6.94 -1.81
C TYR C 33 31.48 8.42 -1.67
N GLN C 34 32.51 8.71 -0.90
CA GLN C 34 32.95 10.09 -0.65
C GLN C 34 33.52 10.72 -1.91
N SER C 35 34.07 9.86 -2.76
CA SER C 35 34.74 10.25 -3.99
C SER C 35 33.83 11.00 -4.93
N THR C 36 32.54 10.67 -4.92
CA THR C 36 31.58 11.32 -5.78
C THR C 36 30.38 11.88 -5.04
N CYS C 37 30.56 12.02 -3.73
CA CYS C 37 29.50 12.31 -2.77
C CYS C 37 28.18 11.71 -3.19
N SER C 38 27.92 10.50 -2.72
CA SER C 38 26.71 9.78 -3.09
C SER C 38 26.56 8.52 -2.23
N ALA C 39 25.32 8.15 -1.93
CA ALA C 39 25.04 6.94 -1.17
C ALA C 39 24.25 5.97 -2.04
N VAL C 40 24.56 4.69 -1.93
CA VAL C 40 23.77 3.70 -2.64
C VAL C 40 23.09 2.82 -1.59
N SER C 41 21.86 2.41 -1.87
CA SER C 41 21.13 1.55 -0.94
C SER C 41 20.98 0.19 -1.58
N LYS C 42 21.90 -0.71 -1.23
CA LYS C 42 21.99 -2.02 -1.85
C LYS C 42 21.02 -3.00 -1.18
N GLY C 43 20.73 -4.11 -1.85
CA GLY C 43 20.08 -5.23 -1.19
C GLY C 43 18.56 -5.29 -1.36
N TYR C 44 18.07 -4.80 -2.49
CA TYR C 44 16.65 -4.86 -2.78
C TYR C 44 16.37 -5.97 -3.79
N LEU C 45 15.11 -6.37 -3.90
CA LEU C 45 14.72 -7.37 -4.90
C LEU C 45 13.61 -6.86 -5.80
N SER C 46 13.79 -6.97 -7.11
CA SER C 46 12.95 -6.27 -8.06
C SER C 46 11.67 -6.97 -8.43
N ALA C 47 10.84 -6.24 -9.15
CA ALA C 47 9.62 -6.73 -9.75
C ALA C 47 9.19 -5.69 -10.76
N LEU C 48 9.65 -5.81 -12.00
CA LEU C 48 9.42 -4.78 -13.00
C LEU C 48 8.16 -5.05 -13.81
N ARG C 49 7.19 -4.13 -13.73
CA ARG C 49 5.97 -4.29 -14.51
C ARG C 49 6.26 -4.13 -16.00
N THR C 50 5.82 -5.10 -16.80
CA THR C 50 5.97 -5.03 -18.25
C THR C 50 4.70 -5.43 -18.97
N GLY C 51 3.62 -5.60 -18.23
CA GLY C 51 2.37 -6.05 -18.82
C GLY C 51 1.16 -5.81 -17.95
N TRP C 52 -0.02 -5.99 -18.51
CA TRP C 52 -1.26 -5.76 -17.77
C TRP C 52 -2.12 -7.02 -17.83
N TYR C 53 -2.74 -7.34 -16.70
CA TYR C 53 -3.68 -8.45 -16.63
C TYR C 53 -5.09 -7.86 -16.37
N THR C 54 -6.04 -8.14 -17.26
CA THR C 54 -7.37 -7.56 -17.13
C THR C 54 -8.47 -8.59 -16.94
N SER C 55 -9.23 -8.41 -15.88
CA SER C 55 -10.34 -9.29 -15.57
C SER C 55 -11.65 -8.50 -15.50
N VAL C 56 -12.73 -9.08 -15.99
CA VAL C 56 -14.02 -8.39 -16.06
C VAL C 56 -14.92 -8.82 -14.91
N ILE C 57 -15.00 -7.98 -13.89
CA ILE C 57 -15.86 -8.25 -12.75
C ILE C 57 -17.29 -7.73 -12.94
N THR C 58 -18.28 -8.46 -12.42
CA THR C 58 -19.68 -8.09 -12.59
C THR C 58 -20.37 -8.24 -11.23
N ILE C 59 -21.41 -7.43 -10.99
CA ILE C 59 -22.09 -7.41 -9.69
C ILE C 59 -23.56 -7.11 -9.88
N GLU C 60 -24.39 -8.01 -9.38
CA GLU C 60 -25.82 -7.90 -9.54
C GLU C 60 -26.41 -7.06 -8.43
N LEU C 61 -27.58 -6.48 -8.68
CA LEU C 61 -28.22 -5.66 -7.69
C LEU C 61 -29.20 -6.54 -6.94
N SER C 62 -29.14 -6.51 -5.61
CA SER C 62 -30.22 -7.09 -4.83
C SER C 62 -31.36 -6.08 -4.86
N ASN C 63 -32.27 -6.23 -5.83
CA ASN C 63 -33.32 -5.24 -6.01
C ASN C 63 -34.36 -5.21 -4.89
N ILE C 64 -35.07 -4.09 -4.76
CA ILE C 64 -36.21 -3.99 -3.85
C ILE C 64 -37.55 -3.79 -4.57
N LYS C 65 -38.45 -4.73 -4.34
CA LYS C 65 -39.83 -4.62 -4.82
C LYS C 65 -40.64 -3.78 -3.84
N GLU C 66 -41.12 -2.62 -4.29
CA GLU C 66 -41.80 -1.71 -3.39
C GLU C 66 -43.21 -2.23 -3.15
N ASN C 67 -43.47 -2.55 -1.88
CA ASN C 67 -44.78 -3.01 -1.47
C ASN C 67 -45.71 -1.85 -1.24
N LYS C 68 -46.75 -1.77 -2.05
CA LYS C 68 -47.60 -0.60 -2.01
C LYS C 68 -48.66 -0.83 -0.96
N CYS C 69 -48.74 0.12 -0.04
CA CYS C 69 -49.67 0.09 1.07
C CYS C 69 -49.56 1.41 1.79
N ASN C 70 -50.58 1.76 2.55
CA ASN C 70 -50.58 3.00 3.31
C ASN C 70 -49.71 2.94 4.57
N GLY C 71 -48.72 3.82 4.64
CA GLY C 71 -47.82 3.87 5.78
C GLY C 71 -48.27 4.85 6.85
N THR C 72 -47.32 5.45 7.53
CA THR C 72 -47.60 6.40 8.62
C THR C 72 -47.84 7.78 8.03
N ASP C 73 -46.92 8.21 7.17
CA ASP C 73 -47.03 9.46 6.44
C ASP C 73 -47.22 9.15 4.96
N ALA C 74 -48.25 9.71 4.34
CA ALA C 74 -48.57 9.38 2.96
C ALA C 74 -47.57 10.01 2.00
N LYS C 75 -46.94 11.09 2.46
CA LYS C 75 -45.95 11.81 1.66
C LYS C 75 -44.59 11.12 1.68
N VAL C 76 -44.41 10.16 2.58
CA VAL C 76 -43.12 9.51 2.74
C VAL C 76 -43.08 8.15 2.04
N LYS C 77 -42.54 8.14 0.82
CA LYS C 77 -42.35 6.92 0.06
C LYS C 77 -40.87 6.52 0.05
N LEU C 78 -40.37 6.04 1.19
CA LEU C 78 -38.94 5.74 1.32
C LEU C 78 -38.36 4.80 0.28
N ILE C 79 -38.98 3.63 0.10
CA ILE C 79 -38.49 2.66 -0.87
C ILE C 79 -38.28 3.30 -2.25
N LYS C 80 -39.25 4.11 -2.68
CA LYS C 80 -39.18 4.72 -4.00
C LYS C 80 -38.09 5.79 -4.03
N GLN C 81 -38.11 6.66 -3.02
CA GLN C 81 -37.17 7.76 -2.93
C GLN C 81 -35.73 7.24 -2.86
N GLU C 82 -35.59 6.00 -2.42
CA GLU C 82 -34.29 5.33 -2.30
C GLU C 82 -33.83 4.79 -3.65
N LEU C 83 -34.77 4.16 -4.35
CA LEU C 83 -34.50 3.68 -5.71
C LEU C 83 -34.18 4.82 -6.66
N ASP C 84 -34.94 5.91 -6.55
CA ASP C 84 -34.78 7.08 -7.41
C ASP C 84 -33.35 7.63 -7.26
N LYS C 85 -32.95 7.84 -6.01
CA LYS C 85 -31.56 8.19 -5.68
C LYS C 85 -30.57 7.29 -6.42
N TYR C 86 -30.79 5.97 -6.37
CA TYR C 86 -29.89 5.02 -7.01
C TYR C 86 -29.95 5.07 -8.53
N LYS C 87 -31.15 4.94 -9.09
CA LYS C 87 -31.37 5.02 -10.53
C LYS C 87 -30.76 6.29 -11.12
N ASN C 88 -30.67 7.34 -10.32
CA ASN C 88 -30.09 8.58 -10.79
C ASN C 88 -28.58 8.40 -10.91
N ALA C 89 -27.95 7.98 -9.82
CA ALA C 89 -26.53 7.67 -9.80
C ALA C 89 -26.12 6.79 -10.99
N VAL C 90 -26.96 5.81 -11.30
CA VAL C 90 -26.66 4.90 -12.39
C VAL C 90 -26.79 5.60 -13.74
N THR C 91 -27.71 6.57 -13.82
CA THR C 91 -27.89 7.36 -15.03
C THR C 91 -26.72 8.31 -15.25
N GLU C 92 -26.24 8.90 -14.16
CA GLU C 92 -25.17 9.87 -14.25
C GLU C 92 -23.87 9.24 -14.77
N LEU C 93 -23.59 8.03 -14.30
CA LEU C 93 -22.43 7.26 -14.76
C LEU C 93 -22.60 6.87 -16.22
N GLN C 94 -23.79 6.40 -16.58
CA GLN C 94 -24.08 6.05 -17.97
C GLN C 94 -23.76 7.17 -18.95
N LEU C 95 -23.74 8.41 -18.47
CA LEU C 95 -23.53 9.52 -19.37
C LEU C 95 -22.05 9.87 -19.52
N LEU C 96 -21.20 9.16 -18.78
CA LEU C 96 -19.75 9.35 -18.92
C LEU C 96 -19.23 8.53 -20.09
N MET C 97 -20.08 7.67 -20.63
CA MET C 97 -19.66 6.75 -21.69
C MET C 97 -20.10 7.27 -23.05
N ALA C 143 -115.78 -19.09 56.28
CA ALA C 143 -115.10 -18.23 57.25
C ALA C 143 -114.54 -16.97 56.57
N VAL C 144 -115.33 -15.90 56.61
CA VAL C 144 -114.99 -14.63 55.96
C VAL C 144 -113.64 -14.03 56.37
N SER C 145 -113.19 -14.31 57.58
CA SER C 145 -111.97 -13.72 58.11
C SER C 145 -110.72 -14.23 57.40
N LYS C 146 -110.75 -15.50 56.99
CA LYS C 146 -109.60 -16.07 56.28
C LYS C 146 -109.49 -15.53 54.85
N VAL C 147 -110.62 -15.45 54.16
CA VAL C 147 -110.67 -14.90 52.81
C VAL C 147 -110.08 -13.48 52.74
N LEU C 148 -110.58 -12.58 53.58
CA LEU C 148 -110.12 -11.21 53.60
C LEU C 148 -108.61 -11.17 53.81
N HIS C 149 -108.13 -12.01 54.72
CA HIS C 149 -106.69 -12.17 54.95
C HIS C 149 -105.98 -12.64 53.69
N LEU C 150 -106.53 -13.69 53.06
CA LEU C 150 -105.97 -14.27 51.85
C LEU C 150 -105.99 -13.30 50.67
N GLU C 151 -106.73 -12.21 50.82
CA GLU C 151 -106.80 -11.16 49.82
C GLU C 151 -105.65 -10.18 50.05
N GLY C 152 -105.50 -9.72 51.29
CA GLY C 152 -104.37 -8.91 51.68
C GLY C 152 -103.04 -9.61 51.43
N GLU C 153 -103.10 -10.94 51.32
CA GLU C 153 -101.93 -11.73 50.96
C GLU C 153 -101.63 -11.50 49.48
N VAL C 154 -102.61 -11.83 48.63
CA VAL C 154 -102.54 -11.63 47.19
C VAL C 154 -102.17 -10.20 46.79
N ASN C 155 -102.75 -9.22 47.48
CA ASN C 155 -102.43 -7.82 47.21
C ASN C 155 -100.98 -7.51 47.58
N LYS C 156 -100.51 -8.08 48.68
CA LYS C 156 -99.14 -7.87 49.13
C LYS C 156 -98.11 -8.44 48.15
N ILE C 157 -98.33 -9.68 47.71
CA ILE C 157 -97.38 -10.34 46.81
C ILE C 157 -97.45 -9.73 45.41
N LYS C 158 -98.61 -9.17 45.05
CA LYS C 158 -98.75 -8.42 43.81
C LYS C 158 -97.80 -7.23 43.76
N SER C 159 -97.85 -6.40 44.78
CA SER C 159 -96.95 -5.25 44.89
C SER C 159 -95.48 -5.68 44.87
N ALA C 160 -95.18 -6.76 45.58
CA ALA C 160 -93.83 -7.34 45.58
C ALA C 160 -93.32 -7.66 44.18
N LEU C 161 -94.15 -8.31 43.37
CA LEU C 161 -93.74 -8.72 42.02
C LEU C 161 -93.57 -7.52 41.10
N LEU C 162 -94.30 -6.47 41.39
CA LEU C 162 -94.21 -5.24 40.61
C LEU C 162 -92.84 -4.60 40.73
N SER C 163 -92.26 -4.66 41.92
CA SER C 163 -90.91 -4.14 42.13
C SER C 163 -89.87 -5.06 41.50
N THR C 164 -90.11 -6.36 41.57
CA THR C 164 -89.19 -7.32 40.94
C THR C 164 -89.15 -7.08 39.43
N ASN C 165 -90.28 -6.71 38.86
CA ASN C 165 -90.36 -6.36 37.45
C ASN C 165 -89.56 -5.10 37.16
N LYS C 166 -89.77 -4.08 37.98
CA LYS C 166 -89.00 -2.83 37.90
C LYS C 166 -87.50 -3.12 37.93
N ALA C 167 -87.10 -4.04 38.79
CA ALA C 167 -85.71 -4.47 38.92
C ALA C 167 -85.11 -4.99 37.62
N VAL C 168 -85.85 -5.89 36.96
CA VAL C 168 -85.37 -6.54 35.73
C VAL C 168 -85.24 -5.52 34.60
N VAL C 169 -86.08 -4.48 34.64
CA VAL C 169 -86.04 -3.45 33.61
C VAL C 169 -84.77 -2.62 33.80
N SER C 170 -84.41 -2.38 35.06
CA SER C 170 -83.18 -1.66 35.37
C SER C 170 -81.95 -2.43 34.87
N LEU C 171 -81.90 -3.71 35.22
CA LEU C 171 -80.81 -4.58 34.77
C LEU C 171 -80.73 -4.61 33.24
N SER C 172 -81.88 -4.74 32.57
CA SER C 172 -81.91 -4.72 31.11
C SER C 172 -81.35 -3.42 30.55
N ASN C 173 -81.73 -2.29 31.15
CA ASN C 173 -81.23 -1.00 30.69
C ASN C 173 -79.74 -0.88 31.02
N GLY C 174 -79.36 -1.29 32.23
CA GLY C 174 -77.98 -1.47 32.59
C GLY C 174 -77.16 -2.25 31.56
N VAL C 175 -77.59 -3.47 31.26
CA VAL C 175 -76.89 -4.32 30.31
C VAL C 175 -76.84 -3.70 28.92
N SER C 176 -77.89 -3.00 28.54
CA SER C 176 -77.95 -2.35 27.23
C SER C 176 -76.89 -1.29 27.07
N VAL C 177 -76.78 -0.40 28.06
CA VAL C 177 -75.72 0.61 28.05
C VAL C 177 -74.36 -0.06 27.98
N LEU C 178 -74.13 -1.05 28.85
CA LEU C 178 -72.88 -1.79 28.85
C LEU C 178 -72.61 -2.47 27.51
N THR C 179 -73.65 -3.08 26.95
CA THR C 179 -73.52 -3.82 25.69
C THR C 179 -73.05 -2.88 24.57
N SER C 180 -73.71 -1.74 24.45
CA SER C 180 -73.33 -0.74 23.47
C SER C 180 -71.90 -0.23 23.70
N LYS C 181 -71.48 -0.15 24.96
CA LYS C 181 -70.12 0.28 25.27
C LYS C 181 -69.07 -0.79 24.97
N VAL C 182 -69.48 -2.05 25.00
CA VAL C 182 -68.60 -3.14 24.59
C VAL C 182 -68.42 -3.05 23.08
N LEU C 183 -69.52 -2.74 22.39
CA LEU C 183 -69.49 -2.54 20.94
C LEU C 183 -68.61 -1.35 20.59
N ASP C 184 -68.75 -0.28 21.36
CA ASP C 184 -67.99 0.95 21.14
C ASP C 184 -66.50 0.70 21.36
N LEU C 185 -66.19 -0.20 22.29
CA LEU C 185 -64.81 -0.54 22.58
C LEU C 185 -64.19 -1.30 21.41
N LYS C 186 -64.96 -2.24 20.86
CA LYS C 186 -64.50 -3.02 19.73
C LYS C 186 -64.32 -2.14 18.50
N ASN C 187 -65.30 -1.28 18.25
CA ASN C 187 -65.25 -0.38 17.10
C ASN C 187 -64.10 0.61 17.21
N TYR C 188 -63.67 0.92 18.42
CA TYR C 188 -62.45 1.71 18.56
C TYR C 188 -61.28 0.89 18.05
N ILE C 189 -61.14 -0.32 18.57
CA ILE C 189 -60.06 -1.22 18.18
C ILE C 189 -59.99 -1.47 16.68
N ASP C 190 -61.14 -1.64 16.03
CA ASP C 190 -61.19 -2.04 14.63
C ASP C 190 -61.06 -0.88 13.65
N LYS C 191 -61.70 0.24 13.96
CA LYS C 191 -61.76 1.37 13.05
C LYS C 191 -60.70 2.44 13.36
N GLN C 192 -60.34 2.56 14.63
CA GLN C 192 -59.42 3.62 15.04
C GLN C 192 -57.98 3.12 15.28
N LEU C 193 -57.86 2.04 16.05
CA LEU C 193 -56.56 1.59 16.52
C LEU C 193 -55.87 0.67 15.51
N LEU C 194 -56.60 -0.34 15.05
CA LEU C 194 -56.06 -1.35 14.15
C LEU C 194 -55.46 -0.77 12.86
N PRO C 195 -56.16 0.17 12.20
CA PRO C 195 -55.54 0.72 10.98
C PRO C 195 -54.19 1.42 11.25
N ILE C 196 -54.07 2.09 12.39
CA ILE C 196 -52.82 2.77 12.73
C ILE C 196 -51.69 1.78 12.95
N VAL C 197 -51.99 0.64 13.56
CA VAL C 197 -50.96 -0.34 13.85
C VAL C 197 -50.52 -1.02 12.55
N ASN C 198 -51.40 -1.00 11.55
CA ASN C 198 -51.04 -1.55 10.26
C ASN C 198 -50.23 -0.55 9.44
N LYS C 199 -50.60 0.72 9.54
CA LYS C 199 -49.84 1.78 8.90
C LYS C 199 -48.43 1.84 9.47
N GLN C 200 -48.29 1.47 10.73
CA GLN C 200 -46.97 1.45 11.37
C GLN C 200 -46.19 0.23 10.90
N SER C 201 -46.90 -0.88 10.71
CA SER C 201 -46.27 -2.10 10.23
C SER C 201 -45.73 -1.90 8.82
N CYS C 202 -46.39 -1.06 8.05
CA CYS C 202 -45.99 -0.77 6.68
C CYS C 202 -44.74 0.11 6.65
N SER C 203 -44.73 1.15 7.47
CA SER C 203 -43.60 2.06 7.52
C SER C 203 -42.38 1.34 8.06
N ILE C 204 -42.57 0.49 9.06
CA ILE C 204 -41.46 -0.27 9.61
C ILE C 204 -40.94 -1.25 8.56
N SER C 205 -41.84 -1.79 7.75
CA SER C 205 -41.45 -2.68 6.66
C SER C 205 -40.64 -1.91 5.61
N ASN C 206 -41.18 -0.77 5.20
CA ASN C 206 -40.49 0.12 4.27
C ASN C 206 -39.08 0.48 4.75
N ILE C 207 -38.98 0.93 5.99
CA ILE C 207 -37.69 1.31 6.58
C ILE C 207 -36.69 0.15 6.52
N GLU C 208 -37.07 -0.98 7.11
CA GLU C 208 -36.26 -2.20 7.07
C GLU C 208 -35.74 -2.50 5.66
N THR C 209 -36.63 -2.43 4.68
CA THR C 209 -36.28 -2.68 3.28
C THR C 209 -35.16 -1.75 2.79
N VAL C 210 -35.32 -0.45 3.01
CA VAL C 210 -34.30 0.52 2.66
C VAL C 210 -32.94 0.18 3.30
N ILE C 211 -32.93 -0.04 4.61
CA ILE C 211 -31.71 -0.42 5.33
C ILE C 211 -31.12 -1.73 4.78
N GLU C 212 -31.97 -2.66 4.37
CA GLU C 212 -31.48 -3.94 3.87
C GLU C 212 -30.92 -3.75 2.46
N PHE C 213 -31.41 -2.72 1.78
CA PHE C 213 -30.88 -2.34 0.49
C PHE C 213 -29.46 -1.83 0.65
N GLN C 214 -29.25 -1.00 1.67
CA GLN C 214 -27.97 -0.36 1.91
C GLN C 214 -26.97 -1.35 2.46
N GLN C 215 -27.46 -2.46 3.01
CA GLN C 215 -26.59 -3.46 3.59
C GLN C 215 -26.21 -4.54 2.59
N LYS C 216 -27.19 -4.99 1.81
CA LYS C 216 -26.96 -6.11 0.89
C LYS C 216 -26.41 -5.64 -0.45
N ASN C 217 -26.34 -4.33 -0.64
CA ASN C 217 -25.71 -3.75 -1.81
C ASN C 217 -24.59 -2.79 -1.42
N ASN C 218 -24.09 -2.98 -0.21
CA ASN C 218 -22.98 -2.18 0.33
C ASN C 218 -21.84 -2.02 -0.68
N ARG C 219 -21.45 -3.13 -1.28
CA ARG C 219 -20.29 -3.17 -2.15
C ARG C 219 -20.58 -2.48 -3.48
N LEU C 220 -21.75 -2.79 -4.05
CA LEU C 220 -22.20 -2.15 -5.27
C LEU C 220 -22.28 -0.64 -5.10
N LEU C 221 -22.78 -0.22 -3.94
CA LEU C 221 -22.97 1.21 -3.67
C LEU C 221 -21.65 1.94 -3.46
N GLU C 222 -20.66 1.27 -2.87
CA GLU C 222 -19.35 1.86 -2.66
C GLU C 222 -18.65 2.08 -3.98
N ILE C 223 -18.86 1.13 -4.89
CA ILE C 223 -18.25 1.18 -6.21
C ILE C 223 -18.85 2.29 -7.06
N THR C 224 -20.17 2.50 -6.95
CA THR C 224 -20.82 3.55 -7.71
C THR C 224 -20.40 4.93 -7.21
N ARG C 225 -20.09 5.03 -5.92
CA ARG C 225 -19.56 6.28 -5.39
C ARG C 225 -18.17 6.55 -5.94
N GLU C 226 -17.36 5.51 -5.99
CA GLU C 226 -15.97 5.62 -6.44
C GLU C 226 -15.89 6.09 -7.89
N PHE C 227 -16.65 5.43 -8.76
CA PHE C 227 -16.70 5.82 -10.16
C PHE C 227 -17.32 7.21 -10.33
N SER C 228 -18.26 7.56 -9.46
CA SER C 228 -18.88 8.88 -9.49
C SER C 228 -17.85 9.96 -9.15
N VAL C 229 -17.08 9.70 -8.10
CA VAL C 229 -16.06 10.62 -7.61
C VAL C 229 -14.87 10.77 -8.57
N ASN C 230 -14.48 9.67 -9.20
CA ASN C 230 -13.28 9.67 -10.04
C ASN C 230 -13.56 9.60 -11.55
N ALA C 231 -14.80 9.85 -11.93
CA ALA C 231 -15.19 9.92 -13.34
C ALA C 231 -14.95 8.61 -14.09
N GLY C 232 -15.14 7.48 -13.40
CA GLY C 232 -15.21 6.19 -14.06
C GLY C 232 -13.89 5.43 -14.14
N VAL C 233 -12.86 5.96 -13.50
CA VAL C 233 -11.53 5.34 -13.47
C VAL C 233 -10.86 5.61 -12.13
N THR C 234 -10.66 4.55 -11.34
CA THR C 234 -10.04 4.71 -10.03
C THR C 234 -8.69 4.01 -9.89
N THR C 235 -7.89 4.49 -8.93
CA THR C 235 -6.66 3.84 -8.51
C THR C 235 -6.26 4.42 -7.15
N PRO C 236 -5.89 3.57 -6.19
CA PRO C 236 -5.72 2.11 -6.33
C PRO C 236 -7.02 1.34 -6.34
N VAL C 237 -6.93 0.05 -6.59
CA VAL C 237 -8.11 -0.81 -6.61
C VAL C 237 -8.53 -1.13 -5.18
N SER C 238 -9.66 -0.55 -4.78
CA SER C 238 -10.18 -0.65 -3.42
C SER C 238 -10.53 -2.07 -3.02
N THR C 239 -10.92 -2.24 -1.77
CA THR C 239 -11.37 -3.53 -1.28
C THR C 239 -12.86 -3.72 -1.59
N TYR C 240 -13.50 -2.66 -2.09
CA TYR C 240 -14.88 -2.74 -2.54
C TYR C 240 -14.91 -3.22 -3.99
N MET C 241 -13.92 -2.76 -4.74
CA MET C 241 -13.87 -3.06 -6.17
C MET C 241 -13.44 -4.51 -6.39
N LEU C 242 -12.55 -4.98 -5.52
CA LEU C 242 -11.97 -6.30 -5.64
C LEU C 242 -11.52 -6.76 -4.26
N THR C 243 -12.21 -7.76 -3.70
CA THR C 243 -11.91 -8.22 -2.34
C THR C 243 -10.62 -9.01 -2.32
N ASN C 244 -10.10 -9.26 -1.13
CA ASN C 244 -8.82 -9.94 -0.99
C ASN C 244 -8.84 -11.34 -1.59
N SER C 245 -9.89 -12.09 -1.29
CA SER C 245 -10.01 -13.45 -1.80
C SER C 245 -10.19 -13.48 -3.31
N GLU C 246 -10.78 -12.42 -3.88
CA GLU C 246 -10.90 -12.32 -5.33
C GLU C 246 -9.57 -11.96 -5.97
N LEU C 247 -8.87 -10.99 -5.38
CA LEU C 247 -7.56 -10.58 -5.87
C LEU C 247 -6.57 -11.74 -5.92
N LEU C 248 -6.49 -12.52 -4.84
CA LEU C 248 -5.60 -13.67 -4.81
C LEU C 248 -6.00 -14.69 -5.85
N SER C 249 -7.31 -14.85 -6.03
CA SER C 249 -7.85 -15.71 -7.08
C SER C 249 -7.33 -15.29 -8.45
N LEU C 250 -7.44 -14.00 -8.75
CA LEU C 250 -6.96 -13.46 -10.01
C LEU C 250 -5.45 -13.65 -10.14
N ILE C 251 -4.75 -13.49 -9.02
CA ILE C 251 -3.31 -13.66 -9.00
C ILE C 251 -2.93 -15.09 -9.35
N ASN C 252 -3.67 -16.05 -8.79
CA ASN C 252 -3.44 -17.45 -9.08
C ASN C 252 -3.86 -17.85 -10.51
N ASP C 253 -4.28 -16.87 -11.31
CA ASP C 253 -4.74 -17.17 -12.66
C ASP C 253 -3.86 -16.48 -13.71
N MET C 254 -2.99 -15.60 -13.23
CA MET C 254 -2.10 -14.88 -14.13
C MET C 254 -1.07 -15.83 -14.72
N PRO C 255 -0.67 -15.60 -15.98
CA PRO C 255 0.29 -16.45 -16.71
C PRO C 255 1.72 -16.24 -16.23
N ILE C 256 1.95 -16.44 -14.93
CA ILE C 256 3.23 -16.17 -14.32
C ILE C 256 3.72 -17.36 -13.49
N THR C 257 4.98 -17.31 -13.06
CA THR C 257 5.55 -18.41 -12.29
C THR C 257 4.99 -18.46 -10.86
N ASN C 258 5.18 -19.59 -10.20
CA ASN C 258 4.70 -19.76 -8.83
C ASN C 258 5.39 -18.78 -7.88
N ASP C 259 6.60 -18.38 -8.24
CA ASP C 259 7.37 -17.43 -7.44
C ASP C 259 6.74 -16.05 -7.46
N GLN C 260 6.25 -15.64 -8.63
CA GLN C 260 5.59 -14.35 -8.74
C GLN C 260 4.23 -14.37 -8.04
N LYS C 261 3.46 -15.42 -8.29
CA LYS C 261 2.18 -15.63 -7.60
C LYS C 261 2.38 -15.53 -6.09
N LYS C 262 3.48 -16.08 -5.60
CA LYS C 262 3.79 -16.01 -4.17
C LYS C 262 4.12 -14.59 -3.77
N LEU C 263 4.97 -13.94 -4.56
CA LEU C 263 5.35 -12.55 -4.32
C LEU C 263 4.14 -11.62 -4.27
N MET C 264 3.35 -11.61 -5.34
CA MET C 264 2.19 -10.72 -5.41
C MET C 264 1.15 -11.02 -4.35
N SER C 265 0.87 -12.30 -4.11
CA SER C 265 -0.07 -12.69 -3.06
C SER C 265 0.40 -12.18 -1.70
N ASN C 266 1.70 -11.94 -1.57
CA ASN C 266 2.26 -11.45 -0.32
C ASN C 266 2.30 -9.92 -0.26
N ASN C 267 2.32 -9.26 -1.41
CA ASN C 267 2.26 -7.79 -1.44
C ASN C 267 0.99 -7.24 -2.09
N VAL C 268 -0.16 -7.68 -1.60
CA VAL C 268 -1.45 -7.27 -2.15
C VAL C 268 -1.64 -5.76 -2.12
N GLN C 269 -1.09 -5.09 -1.11
CA GLN C 269 -1.21 -3.65 -1.00
C GLN C 269 -0.56 -2.95 -2.19
N ILE C 270 0.72 -3.22 -2.41
CA ILE C 270 1.45 -2.67 -3.56
C ILE C 270 0.76 -3.02 -4.88
N VAL C 271 0.34 -4.26 -5.02
CA VAL C 271 -0.33 -4.73 -6.23
C VAL C 271 -1.57 -3.88 -6.47
N ARG C 272 -2.28 -3.55 -5.39
CA ARG C 272 -3.47 -2.73 -5.50
C ARG C 272 -3.11 -1.30 -5.93
N GLN C 273 -1.96 -0.82 -5.45
CA GLN C 273 -1.55 0.55 -5.72
C GLN C 273 -1.01 0.71 -7.13
N GLN C 274 -0.72 -0.42 -7.78
CA GLN C 274 -0.26 -0.40 -9.17
C GLN C 274 -1.36 -0.87 -10.12
N SER C 275 -2.57 -0.98 -9.59
CA SER C 275 -3.70 -1.47 -10.36
C SER C 275 -4.72 -0.37 -10.66
N TYR C 276 -5.52 -0.60 -11.69
CA TYR C 276 -6.59 0.33 -12.06
C TYR C 276 -7.94 -0.37 -12.06
N SER C 277 -9.01 0.43 -12.03
CA SER C 277 -10.35 -0.09 -12.12
C SER C 277 -11.15 0.81 -13.06
N ILE C 278 -11.56 0.25 -14.19
CA ILE C 278 -12.18 1.02 -15.25
C ILE C 278 -13.65 0.61 -15.43
N MET C 279 -14.56 1.50 -15.06
CA MET C 279 -15.99 1.32 -15.32
C MET C 279 -16.23 0.91 -16.78
N SER C 280 -17.02 -0.13 -16.99
CA SER C 280 -17.24 -0.67 -18.33
C SER C 280 -18.69 -0.61 -18.78
N ILE C 281 -19.58 -1.16 -17.97
CA ILE C 281 -21.00 -1.12 -18.25
C ILE C 281 -21.80 -0.97 -16.97
N ILE C 282 -22.69 0.01 -16.94
CA ILE C 282 -23.48 0.24 -15.74
C ILE C 282 -24.97 0.36 -16.08
N LYS C 283 -25.71 -0.63 -15.59
CA LYS C 283 -27.16 -0.71 -15.76
C LYS C 283 -27.80 -0.70 -14.38
N GLU C 284 -29.13 -0.52 -14.33
CA GLU C 284 -29.80 -0.40 -13.04
C GLU C 284 -29.60 -1.64 -12.16
N GLU C 285 -29.69 -2.82 -12.78
CA GLU C 285 -29.71 -4.07 -12.04
C GLU C 285 -28.36 -4.79 -12.02
N VAL C 286 -27.40 -4.32 -12.80
CA VAL C 286 -26.11 -4.97 -12.84
C VAL C 286 -24.99 -4.02 -13.22
N LEU C 287 -23.84 -4.16 -12.56
CA LEU C 287 -22.68 -3.33 -12.83
C LEU C 287 -21.49 -4.18 -13.26
N ALA C 288 -20.70 -3.65 -14.20
CA ALA C 288 -19.57 -4.37 -14.76
C ALA C 288 -18.42 -3.40 -15.00
N TYR C 289 -17.22 -3.87 -14.69
CA TYR C 289 -16.04 -3.01 -14.75
C TYR C 289 -14.79 -3.85 -14.91
N VAL C 290 -13.85 -3.35 -15.68
CA VAL C 290 -12.56 -4.02 -15.85
C VAL C 290 -11.60 -3.66 -14.72
N VAL C 291 -11.01 -4.69 -14.10
CA VAL C 291 -9.91 -4.47 -13.19
C VAL C 291 -8.62 -4.68 -13.97
N GLN C 292 -7.64 -3.80 -13.77
CA GLN C 292 -6.41 -3.87 -14.57
C GLN C 292 -5.19 -3.99 -13.66
N LEU C 293 -4.73 -5.24 -13.52
CA LEU C 293 -3.64 -5.61 -12.62
C LEU C 293 -2.27 -5.62 -13.30
N PRO C 294 -1.19 -5.41 -12.53
CA PRO C 294 0.14 -5.39 -13.16
C PRO C 294 0.73 -6.78 -13.37
N LEU C 295 1.48 -6.96 -14.45
CA LEU C 295 2.23 -8.20 -14.68
C LEU C 295 3.71 -7.89 -14.59
N TYR C 296 4.46 -8.71 -13.86
CA TYR C 296 5.89 -8.45 -13.68
C TYR C 296 6.74 -9.34 -14.57
N GLY C 297 7.48 -8.72 -15.49
CA GLY C 297 8.26 -9.46 -16.46
C GLY C 297 9.49 -10.12 -15.87
N VAL C 298 10.02 -9.53 -14.81
CA VAL C 298 11.12 -10.16 -14.11
C VAL C 298 11.06 -9.78 -12.63
N ILE C 299 11.59 -10.65 -11.77
CA ILE C 299 11.57 -10.42 -10.33
C ILE C 299 12.84 -11.02 -9.74
N ASP C 300 13.17 -10.60 -8.53
CA ASP C 300 14.30 -11.12 -7.76
C ASP C 300 15.64 -10.76 -8.41
N THR C 301 15.71 -9.60 -9.03
CA THR C 301 16.99 -9.09 -9.52
C THR C 301 17.37 -7.93 -8.61
N PRO C 302 18.67 -7.75 -8.36
CA PRO C 302 19.15 -6.67 -7.48
C PRO C 302 18.73 -5.26 -7.89
N CYS C 303 18.13 -4.54 -6.94
CA CYS C 303 17.86 -3.11 -7.10
C CYS C 303 18.73 -2.31 -6.14
N TRP C 304 18.79 -1.00 -6.38
CA TRP C 304 19.48 -0.09 -5.47
C TRP C 304 19.06 1.33 -5.75
N LYS C 305 19.01 2.14 -4.70
CA LYS C 305 18.56 3.53 -4.85
C LYS C 305 19.73 4.46 -4.58
N LEU C 306 19.97 5.36 -5.52
CA LEU C 306 21.12 6.25 -5.44
C LEU C 306 20.73 7.66 -5.04
N HIS C 307 21.42 8.19 -4.04
CA HIS C 307 21.25 9.58 -3.64
C HIS C 307 22.54 10.33 -3.93
N THR C 308 22.43 11.63 -4.20
CA THR C 308 23.61 12.44 -4.46
C THR C 308 23.51 13.81 -3.83
N SER C 309 24.66 14.37 -3.51
CA SER C 309 24.75 15.68 -2.90
C SER C 309 25.92 16.41 -3.57
N PRO C 310 26.03 17.73 -3.38
CA PRO C 310 27.14 18.41 -4.04
C PRO C 310 28.53 18.04 -3.50
N LEU C 311 29.53 18.23 -4.35
CA LEU C 311 30.91 17.91 -4.05
C LEU C 311 31.80 19.04 -4.54
N CYS C 312 32.69 19.52 -3.67
CA CYS C 312 33.44 20.73 -3.97
C CYS C 312 34.91 20.58 -3.61
N THR C 313 35.70 21.58 -3.98
CA THR C 313 37.13 21.57 -3.73
C THR C 313 37.56 22.66 -2.75
N ILE C 322 35.34 24.96 -7.59
CA ILE C 322 34.18 24.51 -8.36
C ILE C 322 33.46 23.35 -7.65
N CYS C 323 32.19 23.17 -8.01
CA CYS C 323 31.34 22.14 -7.41
C CYS C 323 30.73 21.28 -8.50
N LEU C 324 30.45 20.02 -8.19
CA LEU C 324 29.73 19.16 -9.12
C LEU C 324 28.74 18.26 -8.37
N THR C 325 27.66 17.87 -9.04
CA THR C 325 26.63 17.04 -8.43
C THR C 325 26.10 16.03 -9.44
N ARG C 326 26.09 14.75 -9.08
CA ARG C 326 25.57 13.75 -9.99
C ARG C 326 24.07 13.92 -10.10
N THR C 327 23.56 13.97 -11.33
CA THR C 327 22.14 14.24 -11.54
C THR C 327 21.35 13.00 -11.93
N ASP C 328 21.88 11.82 -11.62
CA ASP C 328 21.20 10.59 -11.99
C ASP C 328 20.62 9.89 -10.76
N ARG C 329 19.99 10.68 -9.88
CA ARG C 329 19.32 10.14 -8.69
C ARG C 329 18.17 9.22 -9.06
N GLY C 330 17.82 8.31 -8.16
CA GLY C 330 16.68 7.45 -8.38
C GLY C 330 16.99 5.96 -8.26
N TRP C 331 16.02 5.14 -8.64
CA TRP C 331 16.15 3.70 -8.52
C TRP C 331 16.84 3.09 -9.73
N TYR C 332 17.53 1.98 -9.50
CA TYR C 332 18.23 1.22 -10.52
C TYR C 332 18.02 -0.27 -10.32
N CYS C 333 17.68 -0.99 -11.38
CA CYS C 333 17.52 -2.44 -11.29
C CYS C 333 18.30 -3.18 -12.38
N ASP C 334 18.87 -4.34 -12.04
CA ASP C 334 19.56 -5.14 -13.04
C ASP C 334 18.50 -5.80 -13.92
N ASN C 335 18.44 -5.38 -15.18
CA ASN C 335 17.46 -5.91 -16.13
C ASN C 335 18.03 -6.53 -17.42
N ALA C 336 17.97 -7.84 -17.52
CA ALA C 336 18.45 -8.58 -18.71
C ALA C 336 19.83 -8.16 -19.22
N GLY C 337 20.84 -8.22 -18.35
CA GLY C 337 22.21 -7.96 -18.78
C GLY C 337 22.56 -6.49 -18.81
N SER C 338 21.55 -5.64 -18.64
CA SER C 338 21.76 -4.19 -18.60
C SER C 338 21.19 -3.62 -17.31
N VAL C 339 21.41 -2.33 -17.07
CA VAL C 339 20.82 -1.66 -15.93
C VAL C 339 19.62 -0.82 -16.35
N SER C 340 18.47 -1.06 -15.72
CA SER C 340 17.31 -0.21 -15.93
C SER C 340 17.30 0.94 -14.93
N PHE C 341 16.98 2.13 -15.41
CA PHE C 341 17.02 3.32 -14.57
C PHE C 341 15.67 4.01 -14.56
N PHE C 342 15.11 4.16 -13.37
CA PHE C 342 13.80 4.75 -13.20
C PHE C 342 13.94 6.12 -12.58
N PRO C 343 13.76 7.17 -13.39
CA PRO C 343 14.10 8.53 -12.96
C PRO C 343 12.97 9.27 -12.28
N GLN C 344 11.75 8.75 -12.35
CA GLN C 344 10.64 9.35 -11.62
C GLN C 344 10.45 8.58 -10.31
N ALA C 345 10.42 9.30 -9.20
CA ALA C 345 10.37 8.67 -7.89
C ALA C 345 9.05 7.94 -7.65
N GLU C 346 7.98 8.44 -8.24
CA GLU C 346 6.65 7.87 -8.04
C GLU C 346 6.48 6.50 -8.70
N THR C 347 7.35 6.17 -9.65
CA THR C 347 7.19 4.96 -10.45
C THR C 347 7.63 3.71 -9.69
N CYS C 348 8.37 3.88 -8.61
CA CYS C 348 8.82 2.73 -7.83
C CYS C 348 8.15 2.66 -6.47
N LYS C 349 7.58 1.50 -6.16
CA LYS C 349 7.00 1.24 -4.84
C LYS C 349 7.95 0.40 -4.01
N VAL C 350 7.96 0.61 -2.70
CA VAL C 350 8.88 -0.12 -1.82
C VAL C 350 8.19 -0.67 -0.58
N GLN C 351 8.37 -1.97 -0.36
CA GLN C 351 7.85 -2.64 0.81
C GLN C 351 8.94 -3.56 1.34
N SER C 352 9.54 -3.18 2.47
CA SER C 352 10.64 -3.91 3.07
C SER C 352 11.84 -3.93 2.12
N ASN C 353 12.30 -5.12 1.78
CA ASN C 353 13.41 -5.26 0.83
C ASN C 353 12.91 -5.40 -0.60
N ARG C 354 11.63 -5.13 -0.80
CA ARG C 354 11.01 -5.37 -2.10
C ARG C 354 10.72 -4.09 -2.86
N VAL C 355 11.06 -4.08 -4.14
CA VAL C 355 10.84 -2.91 -4.97
C VAL C 355 10.01 -3.31 -6.19
N PHE C 356 9.10 -2.43 -6.57
CA PHE C 356 8.21 -2.67 -7.68
C PHE C 356 8.26 -1.44 -8.59
N CYS C 357 8.94 -1.56 -9.73
CA CYS C 357 9.11 -0.41 -10.61
C CYS C 357 8.34 -0.59 -11.91
N ASP C 358 8.17 0.50 -12.64
CA ASP C 358 7.38 0.46 -13.86
C ASP C 358 8.26 0.81 -15.06
N THR C 359 8.45 -0.18 -15.93
CA THR C 359 9.33 -0.05 -17.09
C THR C 359 8.87 0.93 -18.16
N MET C 360 7.68 1.49 -18.00
CA MET C 360 7.04 2.28 -19.06
C MET C 360 7.92 3.43 -19.57
N ASN C 361 8.42 4.23 -18.65
CA ASN C 361 9.35 5.30 -19.01
C ASN C 361 10.65 5.16 -18.26
N SER C 362 11.39 4.10 -18.60
CA SER C 362 12.64 3.79 -17.93
C SER C 362 13.76 3.83 -18.94
N LEU C 363 14.96 4.12 -18.46
CA LEU C 363 16.12 4.18 -19.33
C LEU C 363 16.98 2.94 -19.17
N THR C 364 17.46 2.42 -20.29
CA THR C 364 18.34 1.27 -20.28
C THR C 364 19.79 1.72 -20.37
N LEU C 365 20.59 1.29 -19.42
CA LEU C 365 22.00 1.70 -19.35
C LEU C 365 22.92 0.49 -19.31
N PRO C 366 24.18 0.68 -19.76
CA PRO C 366 25.18 -0.38 -19.65
C PRO C 366 25.67 -0.51 -18.22
N SER C 367 26.27 -1.64 -17.88
CA SER C 367 26.69 -1.89 -16.50
C SER C 367 27.82 -0.96 -16.07
N GLU C 368 28.30 -0.14 -17.02
CA GLU C 368 29.47 0.70 -16.78
C GLU C 368 29.11 1.96 -16.02
N VAL C 369 27.82 2.25 -15.95
CA VAL C 369 27.34 3.44 -15.25
C VAL C 369 27.70 3.39 -13.78
N ASN C 370 27.95 2.18 -13.29
CA ASN C 370 28.20 1.97 -11.87
C ASN C 370 29.56 2.48 -11.40
N LEU C 371 30.48 2.70 -12.34
CA LEU C 371 31.76 3.33 -12.02
C LEU C 371 31.57 4.80 -11.72
N CYS C 372 30.40 5.33 -12.06
CA CYS C 372 30.10 6.71 -11.76
C CYS C 372 29.97 6.85 -10.26
N ASN C 373 29.76 5.72 -9.58
CA ASN C 373 29.65 5.73 -8.12
C ASN C 373 30.99 5.92 -7.44
N VAL C 374 32.07 5.56 -8.12
CA VAL C 374 33.39 5.66 -7.51
C VAL C 374 34.21 6.77 -8.14
N ASP C 375 34.01 7.00 -9.44
CA ASP C 375 34.76 8.01 -10.16
C ASP C 375 33.89 8.80 -11.15
N ILE C 376 33.85 10.12 -11.01
CA ILE C 376 33.03 10.97 -11.87
C ILE C 376 33.60 11.01 -13.28
N PHE C 377 34.92 11.00 -13.37
CA PHE C 377 35.59 11.13 -14.66
C PHE C 377 36.01 9.78 -15.22
N ASN C 378 35.37 8.74 -14.68
CA ASN C 378 35.34 7.39 -15.24
C ASN C 378 35.40 7.37 -16.77
N PRO C 379 36.44 6.72 -17.33
CA PRO C 379 36.65 6.70 -18.79
C PRO C 379 35.71 5.75 -19.54
N LYS C 380 34.82 5.07 -18.84
CA LYS C 380 33.98 4.05 -19.47
C LYS C 380 32.52 4.47 -19.62
N TYR C 381 32.16 5.59 -19.01
CA TYR C 381 30.81 6.13 -19.17
C TYR C 381 30.80 7.59 -18.73
N ASP C 382 30.37 8.48 -19.62
CA ASP C 382 30.32 9.90 -19.30
C ASP C 382 29.19 10.15 -18.30
N CYS C 383 29.57 10.45 -17.06
CA CYS C 383 28.61 10.62 -15.98
C CYS C 383 27.82 11.91 -16.10
N LYS C 384 26.52 11.85 -15.87
CA LYS C 384 25.69 13.04 -15.93
C LYS C 384 25.83 13.86 -14.65
N ILE C 385 26.49 15.01 -14.77
CA ILE C 385 26.76 15.87 -13.62
C ILE C 385 26.31 17.30 -13.87
N MET C 386 26.25 18.08 -12.79
CA MET C 386 25.84 19.47 -12.84
C MET C 386 26.81 20.32 -12.03
N THR C 387 27.45 21.27 -12.69
CA THR C 387 28.53 22.03 -12.06
C THR C 387 28.09 23.38 -11.50
N SER C 388 29.05 24.06 -10.85
CA SER C 388 28.81 25.34 -10.20
C SER C 388 30.17 25.97 -9.90
N LYS C 389 30.30 27.25 -10.20
CA LYS C 389 31.58 27.93 -10.05
C LYS C 389 31.70 28.53 -8.66
N THR C 390 30.73 28.22 -7.79
CA THR C 390 30.65 28.81 -6.47
C THR C 390 30.32 27.74 -5.43
N ASP C 391 30.88 27.90 -4.22
CA ASP C 391 30.60 26.98 -3.11
C ASP C 391 29.10 26.83 -2.83
N VAL C 392 28.72 25.64 -2.39
CA VAL C 392 27.31 25.31 -2.20
C VAL C 392 27.17 24.28 -1.09
N SER C 393 26.08 24.36 -0.33
CA SER C 393 25.89 23.48 0.81
C SER C 393 24.44 23.04 0.99
N SER C 394 24.24 21.75 1.22
CA SER C 394 22.91 21.21 1.45
C SER C 394 22.99 19.89 2.20
N SER C 395 21.85 19.22 2.33
CA SER C 395 21.81 17.90 2.92
C SER C 395 20.77 17.06 2.19
N VAL C 396 21.12 15.81 1.91
CA VAL C 396 20.18 14.88 1.31
C VAL C 396 19.93 13.74 2.28
N ILE C 397 18.66 13.46 2.53
CA ILE C 397 18.29 12.40 3.45
C ILE C 397 18.00 11.12 2.70
N THR C 398 18.83 10.12 2.97
CA THR C 398 18.74 8.85 2.30
C THR C 398 17.81 7.91 3.05
N SER C 399 17.82 6.64 2.67
CA SER C 399 16.90 5.66 3.25
C SER C 399 17.40 5.24 4.63
N LEU C 400 18.71 5.03 4.74
CA LEU C 400 19.32 4.64 6.01
C LEU C 400 20.27 5.68 6.58
N GLY C 401 19.92 6.96 6.44
CA GLY C 401 20.80 8.02 6.92
C GLY C 401 20.69 9.29 6.11
N ALA C 402 21.83 9.93 5.86
CA ALA C 402 21.83 11.27 5.27
C ALA C 402 23.23 11.73 4.86
N ILE C 403 23.32 12.30 3.66
CA ILE C 403 24.57 12.87 3.17
C ILE C 403 24.59 14.36 3.53
N VAL C 404 25.77 14.87 3.88
CA VAL C 404 25.90 16.29 4.21
C VAL C 404 27.03 16.91 3.43
N SER C 405 26.74 18.02 2.74
CA SER C 405 27.77 18.72 1.98
C SER C 405 27.98 20.09 2.61
N CYS C 406 29.02 20.21 3.42
CA CYS C 406 29.26 21.44 4.16
C CYS C 406 30.52 22.12 3.64
N TYR C 407 30.33 23.08 2.75
CA TYR C 407 31.45 23.81 2.15
C TYR C 407 31.32 25.31 2.37
N GLY C 408 32.44 26.02 2.30
CA GLY C 408 32.40 27.45 2.45
C GLY C 408 32.33 27.87 3.91
N LYS C 409 31.68 28.99 4.16
CA LYS C 409 31.59 29.56 5.50
C LYS C 409 30.36 29.04 6.25
N THR C 410 29.69 28.04 5.69
CA THR C 410 28.48 27.52 6.33
C THR C 410 28.87 26.52 7.41
N LYS C 411 28.11 26.52 8.50
CA LYS C 411 28.37 25.63 9.62
C LYS C 411 27.31 24.54 9.70
N CYS C 412 27.76 23.29 9.74
CA CYS C 412 26.83 22.16 9.83
C CYS C 412 27.06 21.34 11.10
N THR C 413 26.02 20.66 11.59
CA THR C 413 26.09 19.89 12.84
C THR C 413 25.08 18.75 12.88
N ALA C 414 25.53 17.59 13.35
CA ALA C 414 24.64 16.46 13.63
C ALA C 414 24.29 16.35 15.12
N SER C 415 23.00 16.19 15.40
CA SER C 415 22.52 15.97 16.76
C SER C 415 21.81 14.61 16.84
N ASN C 416 21.43 14.20 18.05
CA ASN C 416 20.83 12.88 18.25
C ASN C 416 19.39 13.05 18.73
N LYS C 417 18.65 11.95 18.86
CA LYS C 417 17.21 12.03 19.16
C LYS C 417 16.89 12.71 20.49
N ASN C 418 17.93 13.16 21.18
CA ASN C 418 17.79 13.87 22.43
C ASN C 418 18.19 15.33 22.20
N ARG C 419 18.56 15.62 20.95
CA ARG C 419 19.06 16.94 20.51
C ARG C 419 20.43 17.33 21.03
N GLY C 420 21.15 16.39 21.64
CA GLY C 420 22.52 16.68 22.04
C GLY C 420 23.38 16.76 20.80
N ILE C 421 24.21 17.79 20.68
CA ILE C 421 25.09 17.94 19.53
C ILE C 421 26.19 16.88 19.57
N ILE C 422 26.28 16.06 18.54
CA ILE C 422 27.28 15.00 18.54
C ILE C 422 28.39 15.15 17.50
N LYS C 423 28.30 16.15 16.63
CA LYS C 423 29.29 16.32 15.58
C LYS C 423 29.21 17.68 14.91
N THR C 424 30.36 18.31 14.65
CA THR C 424 30.41 19.54 13.87
C THR C 424 31.19 19.31 12.57
N PHE C 425 30.57 19.61 11.44
CA PHE C 425 31.19 19.34 10.14
C PHE C 425 32.06 20.48 9.64
N SER C 426 33.25 20.12 9.15
CA SER C 426 34.15 21.05 8.48
C SER C 426 33.94 20.98 6.98
N ASN C 427 34.72 21.74 6.23
CA ASN C 427 34.63 21.71 4.77
C ASN C 427 34.80 20.31 4.18
N GLY C 428 33.75 19.82 3.54
CA GLY C 428 33.79 18.55 2.86
C GLY C 428 32.44 17.85 2.76
N CYS C 429 32.48 16.61 2.29
CA CYS C 429 31.29 15.81 2.04
C CYS C 429 31.26 14.61 2.98
N ASP C 430 30.37 14.62 3.96
CA ASP C 430 30.30 13.52 4.93
C ASP C 430 29.00 12.74 4.87
N TYR C 431 29.00 11.59 5.55
CA TYR C 431 27.81 10.74 5.63
C TYR C 431 27.52 10.35 7.07
N VAL C 432 26.24 10.23 7.35
CA VAL C 432 25.74 10.02 8.69
C VAL C 432 24.71 8.90 8.70
N SER C 433 24.74 8.04 9.72
CA SER C 433 23.79 6.94 9.80
C SER C 433 22.59 7.31 10.68
N ASN C 434 21.39 6.89 10.28
CA ASN C 434 20.19 7.25 11.02
C ASN C 434 20.09 6.50 12.34
N LYS C 435 21.05 5.61 12.56
CA LYS C 435 21.18 4.90 13.83
C LYS C 435 21.76 5.81 14.90
N GLY C 436 22.74 6.63 14.52
CA GLY C 436 23.41 7.48 15.47
C GLY C 436 22.99 8.94 15.45
N VAL C 437 22.54 9.42 14.29
CA VAL C 437 22.09 10.81 14.17
C VAL C 437 20.58 10.90 13.94
N ASP C 438 19.94 11.91 14.51
CA ASP C 438 18.50 12.10 14.32
C ASP C 438 18.21 13.33 13.50
N THR C 439 19.01 14.37 13.68
CA THR C 439 18.88 15.58 12.89
C THR C 439 20.25 16.14 12.48
N VAL C 440 20.24 16.83 11.34
CA VAL C 440 21.43 17.46 10.80
C VAL C 440 21.08 18.91 10.49
N SER C 441 22.04 19.81 10.67
CA SER C 441 21.76 21.23 10.61
C SER C 441 22.70 21.95 9.65
N VAL C 442 22.25 22.15 8.42
CA VAL C 442 23.02 22.91 7.45
C VAL C 442 22.64 24.38 7.57
N GLY C 443 23.58 25.21 7.95
CA GLY C 443 23.30 26.61 8.21
C GLY C 443 22.23 26.75 9.28
N ASN C 444 21.17 27.47 8.95
CA ASN C 444 20.02 27.63 9.84
C ASN C 444 18.89 26.68 9.47
N THR C 445 19.09 25.91 8.40
CA THR C 445 18.07 24.99 7.93
C THR C 445 18.25 23.63 8.59
N LEU C 446 17.15 23.04 9.03
CA LEU C 446 17.19 21.83 9.85
C LEU C 446 16.63 20.61 9.13
N TYR C 447 17.46 19.58 8.97
CA TYR C 447 17.01 18.36 8.32
C TYR C 447 16.74 17.30 9.37
N TYR C 448 15.64 16.56 9.21
CA TYR C 448 15.28 15.48 10.13
C TYR C 448 15.59 14.12 9.52
N VAL C 449 16.67 13.50 9.97
CA VAL C 449 17.13 12.22 9.42
C VAL C 449 16.14 11.08 9.72
N ASN C 450 15.37 11.25 10.80
CA ASN C 450 14.36 10.28 11.20
C ASN C 450 12.99 10.89 11.43
N LYS C 451 11.95 10.09 11.23
CA LYS C 451 10.61 10.46 11.61
C LYS C 451 10.60 10.84 13.09
N GLN C 452 9.99 11.97 13.41
CA GLN C 452 9.85 12.37 14.81
C GLN C 452 8.58 11.79 15.42
N GLU C 453 8.75 10.91 16.39
CA GLU C 453 7.63 10.32 17.11
C GLU C 453 6.94 11.41 17.94
N GLY C 454 5.62 11.42 17.89
CA GLY C 454 4.88 12.50 18.52
C GLY C 454 3.82 12.06 19.50
N LYS C 455 2.93 12.99 19.83
CA LYS C 455 1.91 12.77 20.84
C LYS C 455 0.89 11.76 20.35
N SER C 456 0.61 10.76 21.17
CA SER C 456 -0.44 9.80 20.86
C SER C 456 -1.81 10.43 21.14
N LEU C 457 -2.79 10.16 20.28
CA LEU C 457 -4.15 10.62 20.51
C LEU C 457 -5.11 9.45 20.63
N TYR C 458 -6.20 9.65 21.37
CA TYR C 458 -7.15 8.59 21.68
C TYR C 458 -8.59 9.11 21.66
N VAL C 459 -9.42 8.44 20.87
CA VAL C 459 -10.84 8.77 20.79
C VAL C 459 -11.67 7.67 21.45
N LYS C 460 -12.28 7.98 22.58
CA LYS C 460 -12.98 6.98 23.38
C LYS C 460 -14.36 6.68 22.78
N GLY C 461 -14.82 5.45 22.98
CA GLY C 461 -16.15 5.05 22.54
C GLY C 461 -16.91 4.33 23.64
N GLU C 462 -18.23 4.44 23.60
CA GLU C 462 -19.08 3.78 24.58
C GLU C 462 -20.10 2.86 23.93
N PRO C 463 -20.42 1.73 24.57
CA PRO C 463 -21.44 0.79 24.09
C PRO C 463 -22.81 1.43 23.88
N ILE C 464 -23.44 1.12 22.75
CA ILE C 464 -24.79 1.61 22.46
C ILE C 464 -25.81 0.59 22.93
N ILE C 465 -26.83 1.06 23.65
CA ILE C 465 -27.78 0.14 24.26
C ILE C 465 -29.18 0.36 23.68
N ASN C 466 -29.92 -0.73 23.53
CA ASN C 466 -31.27 -0.66 22.98
C ASN C 466 -32.29 -1.18 23.99
N PHE C 467 -33.14 -0.28 24.46
CA PHE C 467 -34.06 -0.62 25.53
C PHE C 467 -35.43 -1.02 24.98
N TYR C 468 -35.73 -2.31 25.04
CA TYR C 468 -37.01 -2.83 24.58
C TYR C 468 -37.81 -3.40 25.74
N ASP C 469 -38.85 -2.65 26.14
CA ASP C 469 -39.70 -3.06 27.25
C ASP C 469 -41.07 -3.49 26.73
N PRO C 470 -41.32 -4.81 26.74
CA PRO C 470 -42.52 -5.39 26.14
C PRO C 470 -43.80 -5.03 26.91
N LEU C 471 -44.94 -5.20 26.24
CA LEU C 471 -46.22 -4.84 26.82
C LEU C 471 -46.96 -6.12 27.22
N VAL C 472 -47.28 -6.26 28.49
CA VAL C 472 -47.87 -7.50 28.98
C VAL C 472 -49.27 -7.29 29.55
N PHE C 473 -50.17 -8.25 29.30
CA PHE C 473 -51.54 -8.17 29.78
C PHE C 473 -51.80 -9.23 30.85
N PRO C 474 -52.57 -8.88 31.89
CA PRO C 474 -52.95 -9.81 32.98
C PRO C 474 -54.01 -10.83 32.59
N SER C 475 -53.66 -11.73 31.67
CA SER C 475 -54.61 -12.70 31.12
C SER C 475 -55.29 -13.55 32.20
N ASP C 476 -54.49 -14.13 33.08
CA ASP C 476 -55.01 -15.08 34.07
C ASP C 476 -56.04 -14.46 35.02
N GLU C 477 -55.68 -13.32 35.63
CA GLU C 477 -56.59 -12.60 36.51
C GLU C 477 -57.90 -12.28 35.82
N PHE C 478 -57.82 -11.78 34.59
CA PHE C 478 -59.00 -11.46 33.79
C PHE C 478 -59.92 -12.67 33.63
N ASP C 479 -59.38 -13.76 33.07
CA ASP C 479 -60.14 -14.99 32.86
C ASP C 479 -60.82 -15.48 34.12
N ALA C 480 -60.19 -15.24 35.27
CA ALA C 480 -60.74 -15.63 36.55
C ALA C 480 -62.02 -14.86 36.84
N SER C 481 -62.02 -13.58 36.50
CA SER C 481 -63.19 -12.73 36.68
C SER C 481 -64.32 -13.09 35.72
N ILE C 482 -63.95 -13.51 34.51
CA ILE C 482 -64.96 -13.88 33.52
C ILE C 482 -65.60 -15.21 33.91
N SER C 483 -64.80 -16.09 34.51
CA SER C 483 -65.32 -17.37 34.97
C SER C 483 -66.24 -17.14 36.16
N GLN C 484 -65.91 -16.12 36.94
CA GLN C 484 -66.70 -15.72 38.10
C GLN C 484 -68.04 -15.14 37.66
N VAL C 485 -68.05 -14.44 36.53
CA VAL C 485 -69.28 -13.86 36.01
C VAL C 485 -70.20 -14.96 35.51
N ASN C 486 -69.61 -15.96 34.87
CA ASN C 486 -70.39 -17.07 34.33
C ASN C 486 -70.96 -17.96 35.43
N GLU C 487 -70.25 -18.05 36.56
CA GLU C 487 -70.78 -18.78 37.71
C GLU C 487 -72.02 -18.12 38.26
N LYS C 488 -72.00 -16.79 38.29
CA LYS C 488 -73.12 -15.99 38.77
C LYS C 488 -74.32 -16.08 37.83
N ILE C 489 -74.07 -16.22 36.54
CA ILE C 489 -75.14 -16.38 35.55
C ILE C 489 -75.79 -17.75 35.73
N ASN C 490 -74.96 -18.76 35.96
CA ASN C 490 -75.40 -20.14 36.12
C ASN C 490 -76.29 -20.28 37.36
N GLN C 491 -75.90 -19.60 38.43
CA GLN C 491 -76.63 -19.65 39.68
C GLN C 491 -77.94 -18.89 39.52
N SER C 492 -77.92 -17.90 38.64
CA SER C 492 -79.12 -17.14 38.34
C SER C 492 -80.15 -18.01 37.61
N LEU C 493 -79.64 -18.90 36.76
CA LEU C 493 -80.50 -19.81 36.00
C LEU C 493 -81.03 -20.93 36.90
N ALA C 494 -80.22 -21.30 37.89
CA ALA C 494 -80.60 -22.31 38.85
C ALA C 494 -81.77 -21.82 39.70
N PHE C 495 -81.68 -20.56 40.13
CA PHE C 495 -82.69 -19.98 40.99
C PHE C 495 -84.03 -19.84 40.27
N ILE C 496 -83.98 -19.69 38.94
CA ILE C 496 -85.20 -19.59 38.14
C ILE C 496 -85.77 -20.99 37.95
N ARG C 497 -84.88 -21.95 37.71
CA ARG C 497 -85.26 -23.35 37.65
C ARG C 497 -85.94 -23.77 38.96
N LYS C 498 -85.48 -23.23 40.08
CA LYS C 498 -86.15 -23.43 41.37
C LYS C 498 -87.54 -22.79 41.38
N SER C 499 -87.62 -21.55 40.90
CA SER C 499 -88.87 -20.79 40.98
C SER C 499 -89.94 -21.43 40.11
N ASP C 500 -89.54 -21.81 38.90
CA ASP C 500 -90.41 -22.55 38.00
C ASP C 500 -90.89 -23.86 38.63
N GLU C 501 -89.99 -24.50 39.36
CA GLU C 501 -90.27 -25.80 39.99
C GLU C 501 -91.39 -25.71 41.01
N LEU C 502 -91.49 -24.55 41.65
CA LEU C 502 -92.50 -24.32 42.66
C LEU C 502 -93.80 -23.82 42.05
N LEU C 503 -93.83 -23.72 40.73
CA LEU C 503 -95.01 -23.22 40.03
C LEU C 503 -95.58 -24.27 39.09
N GLY C 504 -94.69 -25.06 38.48
CA GLY C 504 -95.10 -26.11 37.57
C GLY C 504 -94.12 -27.27 37.52
N GLN D 1 37.90 -23.87 -21.19
CA GLN D 1 38.85 -23.49 -20.16
C GLN D 1 39.43 -22.09 -20.42
N VAL D 2 39.55 -21.29 -19.37
CA VAL D 2 40.24 -20.00 -19.46
C VAL D 2 41.66 -20.14 -18.93
N THR D 3 42.65 -20.07 -19.81
CA THR D 3 44.04 -20.29 -19.42
C THR D 3 44.95 -19.11 -19.76
N LEU D 4 46.00 -18.96 -18.97
CA LEU D 4 47.01 -17.93 -19.22
C LEU D 4 48.42 -18.50 -19.05
N ARG D 5 49.33 -18.09 -19.92
CA ARG D 5 50.72 -18.52 -19.83
C ARG D 5 51.65 -17.34 -20.06
N GLU D 6 52.65 -17.20 -19.18
CA GLU D 6 53.65 -16.14 -19.33
C GLU D 6 54.95 -16.69 -19.89
N SER D 7 55.41 -16.12 -20.99
CA SER D 7 56.72 -16.45 -21.54
C SER D 7 57.68 -15.30 -21.27
N GLY D 8 58.97 -15.54 -21.51
CA GLY D 8 59.96 -14.50 -21.31
C GLY D 8 61.28 -15.04 -20.81
N PRO D 9 62.29 -14.16 -20.69
CA PRO D 9 63.61 -14.53 -20.20
C PRO D 9 63.55 -15.04 -18.76
N ALA D 10 64.49 -15.89 -18.39
CA ALA D 10 64.62 -16.32 -17.01
C ALA D 10 65.71 -15.50 -16.34
N LEU D 11 66.53 -14.88 -17.17
CA LEU D 11 67.67 -14.09 -16.70
C LEU D 11 67.84 -12.85 -17.56
N VAL D 12 67.87 -11.69 -16.91
CA VAL D 12 68.08 -10.42 -17.59
C VAL D 12 69.29 -9.72 -16.96
N LYS D 13 70.13 -9.12 -17.79
CA LYS D 13 71.25 -8.35 -17.26
C LYS D 13 70.77 -6.97 -16.81
N PRO D 14 71.41 -6.41 -15.77
CA PRO D 14 71.06 -5.07 -15.27
C PRO D 14 71.05 -4.01 -16.37
N THR D 15 70.22 -2.99 -16.20
CA THR D 15 70.02 -1.89 -17.16
C THR D 15 69.31 -2.32 -18.44
N GLN D 16 69.31 -3.61 -18.74
CA GLN D 16 68.62 -4.09 -19.94
C GLN D 16 67.11 -4.07 -19.74
N THR D 17 66.39 -4.26 -20.84
CA THR D 17 64.93 -4.18 -20.81
C THR D 17 64.29 -5.58 -20.83
N LEU D 18 63.31 -5.79 -19.96
CA LEU D 18 62.57 -7.04 -19.89
C LEU D 18 61.29 -6.99 -20.74
N THR D 19 61.01 -8.09 -21.43
CA THR D 19 59.78 -8.21 -22.23
C THR D 19 59.07 -9.53 -21.97
N LEU D 20 57.89 -9.45 -21.37
CA LEU D 20 57.10 -10.63 -21.05
C LEU D 20 55.89 -10.73 -21.97
N THR D 21 55.49 -11.96 -22.28
CA THR D 21 54.37 -12.19 -23.20
C THR D 21 53.34 -13.14 -22.59
N CYS D 22 52.12 -12.63 -22.44
CA CYS D 22 51.01 -13.37 -21.85
C CYS D 22 50.13 -13.98 -22.94
N THR D 23 50.23 -15.28 -23.15
CA THR D 23 49.40 -15.94 -24.15
C THR D 23 48.16 -16.54 -23.50
N PHE D 24 46.98 -16.15 -23.97
CA PHE D 24 45.73 -16.61 -23.35
C PHE D 24 44.78 -17.33 -24.31
N SER D 25 43.80 -18.02 -23.73
CA SER D 25 42.73 -18.67 -24.49
C SER D 25 41.51 -18.88 -23.60
N GLY D 26 40.35 -19.07 -24.22
CA GLY D 26 39.11 -19.26 -23.50
C GLY D 26 38.31 -17.98 -23.38
N PHE D 27 38.95 -16.86 -23.73
CA PHE D 27 38.31 -15.56 -23.73
C PHE D 27 38.99 -14.66 -24.74
N SER D 28 38.41 -13.51 -25.03
CA SER D 28 39.04 -12.56 -25.94
C SER D 28 38.97 -11.14 -25.43
N LEU D 29 40.03 -10.38 -25.67
CA LEU D 29 40.04 -8.96 -25.33
C LEU D 29 39.20 -8.17 -26.33
N SER D 30 38.67 -8.87 -27.33
CA SER D 30 37.70 -8.28 -28.24
C SER D 30 36.35 -8.16 -27.53
N THR D 31 36.15 -8.97 -26.51
CA THR D 31 34.95 -8.95 -25.70
C THR D 31 35.03 -7.85 -24.64
N SER D 32 33.97 -7.05 -24.52
CA SER D 32 33.94 -6.01 -23.50
C SER D 32 33.84 -6.62 -22.11
N GLY D 33 34.37 -5.90 -21.13
CA GLY D 33 34.39 -6.38 -19.75
C GLY D 33 35.67 -7.14 -19.46
N MET D 34 36.25 -7.75 -20.48
CA MET D 34 37.48 -8.52 -20.32
C MET D 34 38.70 -7.62 -20.21
N CYS D 35 39.49 -7.85 -19.16
CA CYS D 35 40.73 -7.10 -18.95
C CYS D 35 41.86 -8.07 -18.61
N VAL D 36 43.09 -7.67 -18.89
CA VAL D 36 44.26 -8.46 -18.51
C VAL D 36 45.23 -7.59 -17.74
N SER D 37 45.70 -8.09 -16.59
CA SER D 37 46.59 -7.30 -15.74
C SER D 37 47.92 -8.01 -15.49
N TRP D 38 48.91 -7.25 -15.02
CA TRP D 38 50.22 -7.81 -14.68
C TRP D 38 50.55 -7.61 -13.21
N ILE D 39 50.77 -8.72 -12.51
CA ILE D 39 51.13 -8.70 -11.10
C ILE D 39 52.46 -9.42 -10.87
N ARG D 40 53.40 -8.75 -10.22
CA ARG D 40 54.68 -9.36 -9.90
C ARG D 40 54.82 -9.57 -8.40
N GLN D 41 55.79 -10.39 -7.99
CA GLN D 41 55.95 -10.73 -6.59
C GLN D 41 57.39 -11.08 -6.23
N PRO D 42 58.10 -10.14 -5.61
CA PRO D 42 59.47 -10.34 -5.12
C PRO D 42 59.52 -11.53 -4.17
N PRO D 43 60.55 -12.38 -4.29
CA PRO D 43 60.72 -13.63 -3.53
C PRO D 43 60.41 -13.48 -2.04
N GLY D 44 59.37 -14.17 -1.59
CA GLY D 44 58.99 -14.17 -0.18
C GLY D 44 58.23 -12.94 0.26
N LYS D 45 57.92 -12.05 -0.69
CA LYS D 45 57.27 -10.80 -0.36
C LYS D 45 55.86 -10.68 -0.97
N ALA D 46 55.23 -9.53 -0.76
CA ALA D 46 53.83 -9.34 -1.12
C ALA D 46 53.64 -9.19 -2.62
N LEU D 47 52.39 -9.32 -3.06
CA LEU D 47 52.05 -9.10 -4.45
C LEU D 47 52.16 -7.62 -4.80
N GLU D 48 52.39 -7.33 -6.07
CA GLU D 48 52.49 -5.95 -6.52
C GLU D 48 51.81 -5.81 -7.88
N TRP D 49 50.82 -4.93 -7.98
CA TRP D 49 50.15 -4.69 -9.24
C TRP D 49 51.01 -3.78 -10.12
N LEU D 50 51.12 -4.11 -11.40
CA LEU D 50 51.98 -3.38 -12.31
C LEU D 50 51.19 -2.61 -13.38
N ALA D 51 50.54 -3.35 -14.28
CA ALA D 51 49.84 -2.74 -15.40
C ALA D 51 48.54 -3.46 -15.75
N ARG D 52 47.65 -2.75 -16.43
CA ARG D 52 46.38 -3.33 -16.88
C ARG D 52 46.01 -2.79 -18.26
N ILE D 53 45.45 -3.65 -19.10
CA ILE D 53 44.94 -3.23 -20.40
C ILE D 53 43.55 -3.81 -20.62
N ASP D 54 42.64 -2.98 -21.16
CA ASP D 54 41.25 -3.37 -21.34
C ASP D 54 40.93 -3.71 -22.79
N TRP D 55 39.66 -4.00 -23.04
CA TRP D 55 39.18 -4.32 -24.39
C TRP D 55 39.28 -3.11 -25.31
N ASP D 56 39.03 -1.93 -24.77
CA ASP D 56 39.04 -0.69 -25.53
C ASP D 56 40.42 -0.02 -25.52
N ASP D 57 41.46 -0.83 -25.31
CA ASP D 57 42.85 -0.36 -25.31
C ASP D 57 43.13 0.73 -24.27
N ASP D 58 42.34 0.71 -23.19
CA ASP D 58 42.66 1.53 -22.01
C ASP D 58 43.86 0.92 -21.30
N LYS D 59 44.78 1.75 -20.84
CA LYS D 59 45.97 1.25 -20.15
C LYS D 59 46.20 1.95 -18.81
N TYR D 60 46.48 1.15 -17.78
CA TYR D 60 46.79 1.68 -16.44
C TYR D 60 48.14 1.15 -15.97
N TYR D 61 48.87 1.97 -15.20
CA TYR D 61 50.18 1.56 -14.68
C TYR D 61 50.34 1.89 -13.20
N SER D 62 51.20 1.12 -12.53
CA SER D 62 51.66 1.46 -11.19
C SER D 62 52.32 2.83 -11.26
N THR D 63 51.93 3.73 -10.36
CA THR D 63 52.38 5.12 -10.42
C THR D 63 53.89 5.26 -10.28
N SER D 64 54.48 4.63 -9.27
CA SER D 64 55.92 4.77 -9.01
C SER D 64 56.77 4.07 -10.06
N LEU D 65 56.16 3.12 -10.76
CA LEU D 65 56.87 2.30 -11.73
C LEU D 65 56.40 2.61 -13.15
N LYS D 66 55.71 3.74 -13.32
CA LYS D 66 55.02 4.06 -14.55
C LYS D 66 55.96 4.33 -15.72
N THR D 67 57.01 5.09 -15.45
CA THR D 67 57.92 5.53 -16.49
C THR D 67 58.62 4.37 -17.18
N ARG D 68 58.76 3.26 -16.45
CA ARG D 68 59.49 2.10 -16.95
C ARG D 68 58.59 1.02 -17.53
N LEU D 69 57.28 1.25 -17.52
CA LEU D 69 56.32 0.23 -17.95
C LEU D 69 55.58 0.59 -19.23
N THR D 70 55.31 -0.45 -20.02
CA THR D 70 54.56 -0.32 -21.27
C THR D 70 53.78 -1.58 -21.55
N ILE D 71 52.45 -1.47 -21.63
CA ILE D 71 51.63 -2.64 -21.89
C ILE D 71 50.92 -2.48 -23.23
N SER D 72 50.73 -3.60 -23.93
CA SER D 72 50.10 -3.58 -25.25
C SER D 72 49.39 -4.90 -25.52
N LYS D 73 48.38 -4.86 -26.40
CA LYS D 73 47.65 -6.08 -26.73
C LYS D 73 47.69 -6.37 -28.23
N ASP D 74 47.59 -7.66 -28.55
CA ASP D 74 47.49 -8.12 -29.92
C ASP D 74 46.42 -9.21 -29.95
N THR D 75 45.15 -8.80 -30.09
CA THR D 75 44.02 -9.71 -29.96
C THR D 75 43.98 -10.75 -31.08
N SER D 76 44.66 -10.46 -32.18
CA SER D 76 44.74 -11.40 -33.30
C SER D 76 45.71 -12.54 -32.99
N LYS D 77 46.45 -12.41 -31.89
CA LYS D 77 47.38 -13.46 -31.47
C LYS D 77 47.11 -13.90 -30.04
N ASN D 78 46.08 -13.32 -29.42
CA ASN D 78 45.74 -13.57 -28.03
C ASN D 78 46.92 -13.33 -27.08
N GLN D 79 47.56 -12.18 -27.21
CA GLN D 79 48.78 -11.90 -26.44
C GLN D 79 48.84 -10.49 -25.87
N VAL D 80 49.17 -10.41 -24.59
CA VAL D 80 49.43 -9.13 -23.93
C VAL D 80 50.92 -9.06 -23.61
N VAL D 81 51.54 -7.94 -23.96
CA VAL D 81 52.98 -7.79 -23.78
C VAL D 81 53.30 -6.68 -22.78
N LEU D 82 54.15 -7.01 -21.82
CA LEU D 82 54.62 -6.02 -20.86
C LEU D 82 56.10 -5.72 -21.08
N THR D 83 56.47 -4.46 -20.92
CA THR D 83 57.85 -4.03 -21.12
C THR D 83 58.34 -3.21 -19.94
N MET D 84 59.42 -3.68 -19.31
CA MET D 84 60.01 -2.98 -18.18
C MET D 84 61.48 -2.67 -18.46
N THR D 85 61.78 -1.38 -18.59
CA THR D 85 63.13 -0.93 -18.93
C THR D 85 64.01 -0.79 -17.69
N ASN D 86 65.32 -0.77 -17.91
CA ASN D 86 66.31 -0.59 -16.84
C ASN D 86 66.10 -1.55 -15.68
N MET D 87 66.15 -2.85 -15.97
CA MET D 87 65.94 -3.87 -14.95
C MET D 87 67.07 -3.87 -13.91
N ASP D 88 66.68 -4.00 -12.65
CA ASP D 88 67.62 -4.02 -11.53
C ASP D 88 67.49 -5.35 -10.80
N PRO D 89 68.55 -5.78 -10.10
CA PRO D 89 68.41 -6.98 -9.25
C PRO D 89 67.23 -6.87 -8.27
N VAL D 90 66.88 -5.63 -7.91
CA VAL D 90 65.78 -5.38 -6.99
C VAL D 90 64.44 -5.53 -7.71
N ASP D 91 64.51 -5.88 -9.00
CA ASP D 91 63.32 -6.16 -9.79
C ASP D 91 63.17 -7.65 -10.05
N THR D 92 64.04 -8.45 -9.43
CA THR D 92 63.92 -9.90 -9.52
C THR D 92 62.66 -10.34 -8.79
N ALA D 93 61.74 -10.94 -9.53
CA ALA D 93 60.47 -11.36 -8.97
C ALA D 93 59.77 -12.37 -9.88
N THR D 94 58.68 -12.94 -9.38
CA THR D 94 57.83 -13.80 -10.19
C THR D 94 56.75 -12.94 -10.84
N TYR D 95 56.66 -12.99 -12.16
CA TYR D 95 55.72 -12.15 -12.89
C TYR D 95 54.51 -12.93 -13.37
N TYR D 96 53.35 -12.58 -12.82
CA TYR D 96 52.10 -13.22 -13.20
C TYR D 96 51.33 -12.34 -14.17
N CYS D 97 50.59 -12.99 -15.07
CA CYS D 97 49.57 -12.30 -15.85
C CYS D 97 48.22 -12.88 -15.43
N ALA D 98 47.19 -12.04 -15.38
CA ALA D 98 45.90 -12.51 -14.90
C ALA D 98 44.74 -11.81 -15.60
N ARG D 99 43.66 -12.55 -15.85
CA ARG D 99 42.47 -11.94 -16.42
C ARG D 99 41.71 -11.23 -15.31
N ALA D 100 41.09 -10.11 -15.65
CA ALA D 100 40.28 -9.38 -14.70
C ALA D 100 38.91 -9.08 -15.31
N THR D 101 37.86 -9.58 -14.66
CA THR D 101 36.49 -9.21 -15.03
C THR D 101 35.89 -8.34 -13.94
N ASN D 102 34.82 -7.63 -14.28
CA ASN D 102 34.19 -6.73 -13.33
C ASN D 102 32.89 -7.26 -12.77
N TYR D 103 32.72 -7.14 -11.46
CA TYR D 103 31.47 -7.49 -10.81
C TYR D 103 30.39 -6.48 -11.22
N ASP D 104 29.38 -6.97 -11.93
CA ASP D 104 28.42 -6.11 -12.61
C ASP D 104 27.17 -5.76 -11.80
N SER D 105 26.71 -6.70 -10.99
CA SER D 105 25.41 -6.57 -10.35
C SER D 105 25.40 -5.56 -9.20
N SER D 106 24.20 -5.04 -8.92
CA SER D 106 23.91 -4.26 -7.72
C SER D 106 24.70 -2.95 -7.64
N GLY D 107 24.90 -2.29 -8.78
CA GLY D 107 25.54 -0.99 -8.80
C GLY D 107 27.03 -1.06 -8.50
N TYR D 108 27.60 -2.22 -8.72
CA TYR D 108 29.02 -2.42 -8.50
C TYR D 108 29.79 -2.48 -9.81
N TYR D 109 31.09 -2.25 -9.71
CA TYR D 109 32.00 -2.46 -10.81
C TYR D 109 33.36 -2.81 -10.25
N SER D 110 33.38 -3.86 -9.43
CA SER D 110 34.59 -4.26 -8.69
C SER D 110 35.41 -5.27 -9.48
N LEU D 111 36.47 -4.78 -10.12
CA LEU D 111 37.40 -5.60 -10.83
C LEU D 111 38.02 -6.67 -9.93
N TYR D 112 38.21 -7.87 -10.47
CA TYR D 112 38.85 -8.94 -9.72
C TYR D 112 39.54 -9.92 -10.66
N PHE D 113 40.63 -10.52 -10.19
CA PHE D 113 41.42 -11.43 -11.00
C PHE D 113 40.98 -12.88 -10.79
N ASP D 114 40.08 -13.36 -11.64
CA ASP D 114 39.51 -14.69 -11.46
C ASP D 114 40.42 -15.81 -11.99
N TYR D 115 41.33 -15.45 -12.90
CA TYR D 115 42.22 -16.45 -13.50
C TYR D 115 43.64 -15.96 -13.59
N TRP D 116 44.58 -16.79 -13.15
CA TRP D 116 45.99 -16.43 -13.13
C TRP D 116 46.86 -17.37 -13.97
N GLY D 117 47.89 -16.82 -14.59
CA GLY D 117 48.88 -17.63 -15.25
C GLY D 117 49.73 -18.31 -14.20
N GLN D 118 50.49 -19.33 -14.60
CA GLN D 118 51.32 -20.07 -13.65
C GLN D 118 52.40 -19.16 -13.07
N GLY D 119 52.84 -18.18 -13.85
CA GLY D 119 53.88 -17.25 -13.44
C GLY D 119 55.24 -17.67 -13.95
N THR D 120 56.00 -16.73 -14.48
CA THR D 120 57.38 -17.00 -14.89
C THR D 120 58.33 -16.19 -14.02
N LEU D 121 59.42 -16.83 -13.59
CA LEU D 121 60.39 -16.18 -12.72
C LEU D 121 61.46 -15.45 -13.53
N VAL D 122 61.57 -14.16 -13.31
CA VAL D 122 62.58 -13.36 -14.00
C VAL D 122 63.64 -12.92 -13.00
N THR D 123 64.86 -13.40 -13.22
CA THR D 123 66.00 -13.07 -12.38
C THR D 123 66.84 -12.00 -13.05
N VAL D 124 67.32 -11.04 -12.27
CA VAL D 124 68.18 -9.99 -12.79
C VAL D 124 69.56 -10.09 -12.16
N SER D 125 70.56 -10.38 -12.99
CA SER D 125 71.91 -10.57 -12.51
C SER D 125 72.93 -10.46 -13.63
N SER D 126 74.10 -9.94 -13.29
CA SER D 126 75.20 -9.86 -14.25
C SER D 126 75.87 -11.22 -14.38
N ALA D 127 75.57 -12.13 -13.46
CA ALA D 127 76.10 -13.48 -13.48
C ALA D 127 75.61 -14.24 -14.71
N SER D 128 76.38 -15.24 -15.13
CA SER D 128 76.06 -15.97 -16.36
C SER D 128 75.29 -17.25 -16.08
N THR D 129 74.66 -17.78 -17.13
CA THR D 129 73.87 -19.00 -17.01
C THR D 129 74.77 -20.23 -16.92
N LYS D 130 74.47 -21.11 -15.97
CA LYS D 130 75.21 -22.35 -15.80
C LYS D 130 74.26 -23.53 -15.60
N GLY D 131 74.51 -24.63 -16.31
CA GLY D 131 73.72 -25.84 -16.15
C GLY D 131 74.10 -26.60 -14.89
N PRO D 132 73.16 -27.40 -14.36
CA PRO D 132 73.36 -28.07 -13.08
C PRO D 132 74.15 -29.38 -13.18
N SER D 133 74.80 -29.76 -12.09
CA SER D 133 75.43 -31.07 -11.98
C SER D 133 74.55 -31.97 -11.11
N VAL D 134 74.30 -33.18 -11.59
CA VAL D 134 73.40 -34.09 -10.89
C VAL D 134 74.14 -35.29 -10.33
N PHE D 135 74.05 -35.46 -9.01
CA PHE D 135 74.69 -36.60 -8.35
C PHE D 135 73.66 -37.41 -7.58
N PRO D 136 73.87 -38.73 -7.48
CA PRO D 136 72.91 -39.59 -6.78
C PRO D 136 73.15 -39.71 -5.27
N LEU D 137 72.07 -39.58 -4.51
CA LEU D 137 72.09 -39.84 -3.07
C LEU D 137 71.66 -41.28 -2.83
N ALA D 138 72.64 -42.17 -2.69
CA ALA D 138 72.36 -43.61 -2.63
C ALA D 138 71.75 -44.04 -1.30
N PRO D 139 70.72 -44.89 -1.36
CA PRO D 139 70.00 -45.42 -0.19
C PRO D 139 70.80 -46.46 0.60
N SER D 140 70.24 -46.94 1.71
CA SER D 140 70.88 -47.97 2.51
C SER D 140 69.90 -49.06 2.91
N GLY D 147 60.51 -50.44 7.91
CA GLY D 147 61.68 -50.73 7.08
C GLY D 147 61.61 -50.06 5.72
N THR D 148 61.67 -48.73 5.71
CA THR D 148 61.67 -47.98 4.46
C THR D 148 62.85 -47.00 4.41
N ALA D 149 63.67 -47.10 3.38
CA ALA D 149 64.85 -46.26 3.27
C ALA D 149 64.60 -45.07 2.35
N ALA D 150 65.52 -44.12 2.35
CA ALA D 150 65.37 -42.90 1.55
C ALA D 150 66.48 -42.76 0.53
N LEU D 151 66.10 -42.32 -0.67
CA LEU D 151 67.07 -42.07 -1.74
C LEU D 151 66.73 -40.76 -2.42
N GLY D 152 67.68 -40.22 -3.18
CA GLY D 152 67.43 -38.99 -3.91
C GLY D 152 68.59 -38.62 -4.82
N CYS D 153 68.52 -37.42 -5.40
CA CYS D 153 69.63 -36.93 -6.20
C CYS D 153 69.92 -35.46 -5.89
N LEU D 154 71.18 -35.07 -6.08
CA LEU D 154 71.65 -33.75 -5.72
C LEU D 154 71.85 -32.87 -6.96
N VAL D 155 71.07 -31.79 -7.03
CA VAL D 155 71.19 -30.83 -8.13
C VAL D 155 72.06 -29.65 -7.70
N LYS D 156 73.33 -29.69 -8.08
CA LYS D 156 74.31 -28.75 -7.55
C LYS D 156 74.83 -27.75 -8.60
N ASP D 157 75.05 -26.51 -8.16
CA ASP D 157 75.74 -25.48 -8.95
C ASP D 157 75.03 -25.13 -10.26
N TYR D 158 73.98 -24.33 -10.18
CA TYR D 158 73.27 -23.88 -11.37
C TYR D 158 72.76 -22.45 -11.20
N PHE D 159 72.63 -21.75 -12.31
CA PHE D 159 72.13 -20.37 -12.30
C PHE D 159 71.44 -20.06 -13.63
N PRO D 160 70.30 -19.36 -13.59
CA PRO D 160 69.60 -18.96 -12.37
C PRO D 160 68.48 -19.92 -12.04
N GLU D 161 67.56 -19.50 -11.18
CA GLU D 161 66.36 -20.26 -10.91
C GLU D 161 65.48 -20.29 -12.16
N PRO D 162 64.59 -21.28 -12.28
CA PRO D 162 64.37 -22.41 -11.38
C PRO D 162 64.83 -23.74 -11.96
N VAL D 163 64.80 -24.77 -11.13
CA VAL D 163 65.06 -26.13 -11.56
C VAL D 163 63.83 -26.97 -11.18
N THR D 164 63.46 -27.92 -12.05
CA THR D 164 62.36 -28.82 -11.72
C THR D 164 62.81 -30.27 -11.73
N VAL D 165 62.60 -30.96 -10.61
CA VAL D 165 62.95 -32.36 -10.48
C VAL D 165 61.69 -33.22 -10.47
N SER D 166 61.74 -34.34 -11.18
CA SER D 166 60.67 -35.33 -11.12
C SER D 166 61.28 -36.70 -10.90
N TRP D 167 60.43 -37.72 -10.76
CA TRP D 167 60.89 -39.07 -10.51
C TRP D 167 60.15 -40.09 -11.38
N ASN D 168 60.93 -40.90 -12.10
CA ASN D 168 60.38 -41.88 -13.03
C ASN D 168 59.44 -41.25 -14.05
N SER D 169 59.82 -40.06 -14.51
CA SER D 169 59.05 -39.29 -15.49
C SER D 169 57.64 -38.95 -14.99
N GLY D 170 57.52 -38.72 -13.69
CA GLY D 170 56.25 -38.32 -13.11
C GLY D 170 55.39 -39.47 -12.61
N ALA D 171 55.92 -40.68 -12.69
CA ALA D 171 55.19 -41.86 -12.25
C ALA D 171 55.20 -41.97 -10.73
N LEU D 172 56.33 -41.64 -10.13
CA LEU D 172 56.49 -41.65 -8.69
C LEU D 172 56.23 -40.26 -8.10
N THR D 173 55.16 -40.14 -7.32
CA THR D 173 54.76 -38.85 -6.75
C THR D 173 54.72 -38.92 -5.23
N SER D 174 54.19 -40.02 -4.71
CA SER D 174 53.99 -40.19 -3.28
C SER D 174 55.32 -40.30 -2.53
N GLY D 175 55.49 -39.48 -1.50
CA GLY D 175 56.68 -39.53 -0.67
C GLY D 175 57.87 -38.80 -1.26
N VAL D 176 57.63 -37.92 -2.22
CA VAL D 176 58.70 -37.18 -2.88
C VAL D 176 58.82 -35.76 -2.33
N HIS D 177 60.01 -35.40 -1.89
CA HIS D 177 60.27 -34.05 -1.40
C HIS D 177 61.38 -33.36 -2.18
N THR D 178 61.04 -32.23 -2.79
CA THR D 178 62.02 -31.38 -3.44
C THR D 178 62.20 -30.11 -2.62
N PHE D 179 63.44 -29.83 -2.23
CA PHE D 179 63.72 -28.69 -1.35
C PHE D 179 63.90 -27.39 -2.14
N PRO D 180 63.56 -26.25 -1.51
CA PRO D 180 63.84 -24.95 -2.12
C PRO D 180 65.32 -24.75 -2.33
N ALA D 181 65.70 -24.14 -3.45
CA ALA D 181 67.11 -23.95 -3.76
C ALA D 181 67.80 -23.08 -2.71
N VAL D 182 69.08 -23.33 -2.51
CA VAL D 182 69.89 -22.54 -1.60
C VAL D 182 71.02 -21.88 -2.37
N LEU D 183 71.16 -20.57 -2.23
CA LEU D 183 72.21 -19.85 -2.94
C LEU D 183 73.55 -20.09 -2.23
N GLN D 184 74.38 -20.93 -2.83
CA GLN D 184 75.68 -21.28 -2.25
C GLN D 184 76.60 -20.08 -2.17
N SER D 185 77.66 -20.20 -1.37
CA SER D 185 78.60 -19.10 -1.17
C SER D 185 79.31 -18.76 -2.46
N SER D 186 79.31 -19.69 -3.41
CA SER D 186 79.96 -19.50 -4.70
C SER D 186 79.11 -18.66 -5.65
N GLY D 187 77.88 -18.39 -5.25
CA GLY D 187 76.97 -17.58 -6.06
C GLY D 187 76.07 -18.41 -6.96
N LEU D 188 76.21 -19.73 -6.87
CA LEU D 188 75.39 -20.66 -7.65
C LEU D 188 74.34 -21.31 -6.76
N TYR D 189 73.23 -21.74 -7.36
CA TYR D 189 72.17 -22.37 -6.58
C TYR D 189 72.40 -23.87 -6.41
N SER D 190 71.61 -24.48 -5.53
CA SER D 190 71.75 -25.90 -5.23
C SER D 190 70.55 -26.41 -4.43
N LEU D 191 69.99 -27.54 -4.85
CA LEU D 191 68.90 -28.17 -4.11
C LEU D 191 69.02 -29.69 -4.16
N SER D 192 68.23 -30.36 -3.33
CA SER D 192 68.18 -31.80 -3.33
C SER D 192 66.74 -32.28 -3.40
N SER D 193 66.52 -33.37 -4.12
CA SER D 193 65.20 -33.99 -4.18
C SER D 193 65.28 -35.42 -3.67
N VAL D 194 64.61 -35.70 -2.56
CA VAL D 194 64.63 -37.03 -1.96
C VAL D 194 63.27 -37.71 -2.08
N VAL D 195 63.24 -39.01 -1.82
CA VAL D 195 62.00 -39.77 -1.90
C VAL D 195 62.08 -41.02 -1.02
N THR D 196 61.01 -41.28 -0.27
CA THR D 196 60.96 -42.44 0.61
C THR D 196 60.28 -43.62 -0.08
N VAL D 197 60.97 -44.75 -0.13
CA VAL D 197 60.44 -45.95 -0.76
C VAL D 197 60.72 -47.19 0.09
N PRO D 198 59.83 -48.20 0.01
CA PRO D 198 60.05 -49.49 0.67
C PRO D 198 61.40 -50.10 0.30
N SER D 199 62.14 -50.54 1.31
CA SER D 199 63.50 -51.04 1.11
C SER D 199 63.54 -52.36 0.32
N SER D 200 62.43 -53.08 0.34
CA SER D 200 62.34 -54.36 -0.36
C SER D 200 62.36 -54.18 -1.87
N SER D 201 62.06 -52.96 -2.32
CA SER D 201 61.96 -52.66 -3.75
C SER D 201 63.22 -52.01 -4.29
N LEU D 202 64.27 -51.95 -3.47
CA LEU D 202 65.51 -51.31 -3.88
C LEU D 202 66.22 -52.08 -4.99
N GLY D 203 65.95 -53.37 -5.09
CA GLY D 203 66.59 -54.21 -6.09
C GLY D 203 65.67 -54.62 -7.22
N THR D 204 64.39 -54.30 -7.10
CA THR D 204 63.39 -54.68 -8.10
C THR D 204 62.88 -53.48 -8.88
N GLN D 205 62.87 -52.32 -8.23
CA GLN D 205 62.37 -51.09 -8.86
C GLN D 205 63.51 -50.14 -9.18
N THR D 206 63.45 -49.52 -10.35
CA THR D 206 64.44 -48.54 -10.76
C THR D 206 63.97 -47.13 -10.41
N TYR D 207 64.88 -46.31 -9.91
CA TYR D 207 64.54 -44.92 -9.59
C TYR D 207 65.43 -43.95 -10.35
N ILE D 208 64.79 -43.08 -11.13
CA ILE D 208 65.51 -42.09 -11.92
C ILE D 208 64.95 -40.69 -11.69
N CYS D 209 65.82 -39.76 -11.32
CA CYS D 209 65.39 -38.38 -11.13
C CYS D 209 65.63 -37.57 -12.39
N ASN D 210 64.58 -36.93 -12.88
CA ASN D 210 64.65 -36.12 -14.09
C ASN D 210 64.80 -34.64 -13.76
N VAL D 211 65.98 -34.09 -14.02
CA VAL D 211 66.22 -32.68 -13.75
C VAL D 211 66.01 -31.86 -15.01
N ASN D 212 65.45 -30.67 -14.85
CA ASN D 212 65.19 -29.77 -15.97
C ASN D 212 65.58 -28.33 -15.63
N HIS D 213 66.69 -27.88 -16.18
CA HIS D 213 67.08 -26.48 -16.05
C HIS D 213 66.87 -25.77 -17.38
N LYS D 214 65.68 -25.21 -17.55
CA LYS D 214 65.30 -24.58 -18.81
C LYS D 214 66.10 -23.32 -19.19
N PRO D 215 66.56 -22.52 -18.22
CA PRO D 215 67.40 -21.37 -18.63
C PRO D 215 68.69 -21.77 -19.35
N SER D 216 69.12 -23.02 -19.22
CA SER D 216 70.33 -23.50 -19.87
C SER D 216 70.06 -24.67 -20.79
N ASN D 217 68.78 -24.94 -21.04
CA ASN D 217 68.35 -26.03 -21.93
C ASN D 217 68.89 -27.39 -21.52
N THR D 218 69.17 -27.58 -20.23
CA THR D 218 69.78 -28.81 -19.76
C THR D 218 68.76 -29.80 -19.20
N LYS D 219 68.65 -30.94 -19.86
CA LYS D 219 67.86 -32.06 -19.33
C LYS D 219 68.80 -33.18 -18.90
N VAL D 220 68.58 -33.72 -17.71
CA VAL D 220 69.41 -34.79 -17.16
C VAL D 220 68.54 -35.84 -16.47
N ASP D 221 68.85 -37.11 -16.72
CA ASP D 221 68.19 -38.22 -16.04
C ASP D 221 69.22 -39.03 -15.26
N LYS D 222 68.89 -39.42 -14.04
CA LYS D 222 69.89 -40.02 -13.16
C LYS D 222 69.40 -41.27 -12.43
N LYS D 223 70.05 -42.40 -12.68
CA LYS D 223 69.78 -43.63 -11.95
C LYS D 223 70.36 -43.56 -10.55
N VAL D 224 69.63 -44.12 -9.58
CA VAL D 224 70.09 -44.17 -8.19
C VAL D 224 70.03 -45.60 -7.68
N GLU D 225 71.14 -46.12 -7.17
CA GLU D 225 71.20 -47.49 -6.68
C GLU D 225 71.84 -47.61 -5.31
N ASP E 1 48.00 6.68 -2.63
CA ASP E 1 47.54 5.33 -2.90
C ASP E 1 46.84 4.74 -1.68
N ILE E 2 45.90 3.81 -1.92
CA ILE E 2 45.16 3.16 -0.84
C ILE E 2 45.95 2.02 -0.24
N GLN E 3 46.26 2.12 1.06
CA GLN E 3 47.05 1.11 1.73
C GLN E 3 46.18 0.05 2.39
N MET E 4 46.57 -1.21 2.23
CA MET E 4 45.85 -2.33 2.83
C MET E 4 46.65 -2.92 3.98
N THR E 5 45.98 -3.13 5.11
CA THR E 5 46.65 -3.65 6.30
C THR E 5 46.00 -4.93 6.79
N GLN E 6 46.68 -6.05 6.61
CA GLN E 6 46.18 -7.33 7.08
C GLN E 6 46.60 -7.60 8.52
N SER E 7 45.79 -8.37 9.23
CA SER E 7 46.12 -8.75 10.60
C SER E 7 45.43 -10.07 10.95
N PRO E 8 46.19 -11.01 11.53
CA PRO E 8 47.61 -10.85 11.83
C PRO E 8 48.51 -11.11 10.62
N SER E 9 49.81 -10.99 10.81
CA SER E 9 50.76 -11.35 9.76
C SER E 9 50.96 -12.87 9.74
N SER E 10 51.09 -13.46 10.92
CA SER E 10 51.29 -14.89 11.08
C SER E 10 50.18 -15.50 11.93
N LEU E 11 49.91 -16.78 11.75
CA LEU E 11 48.79 -17.42 12.42
C LEU E 11 48.93 -18.94 12.48
N SER E 12 48.72 -19.51 13.66
CA SER E 12 48.75 -20.96 13.83
C SER E 12 47.45 -21.46 14.47
N ALA E 13 46.87 -22.50 13.86
CA ALA E 13 45.61 -23.04 14.34
C ALA E 13 45.47 -24.52 14.01
N SER E 14 44.80 -25.26 14.88
CA SER E 14 44.57 -26.69 14.69
C SER E 14 43.52 -26.95 13.62
N VAL E 15 43.51 -28.16 13.08
CA VAL E 15 42.50 -28.55 12.11
C VAL E 15 41.12 -28.56 12.77
N GLY E 16 40.21 -27.73 12.26
CA GLY E 16 38.87 -27.63 12.80
C GLY E 16 38.61 -26.28 13.40
N ASP E 17 39.68 -25.55 13.71
CA ASP E 17 39.58 -24.21 14.30
C ASP E 17 38.86 -23.23 13.39
N ARG E 18 38.31 -22.17 13.97
CA ARG E 18 37.72 -21.09 13.21
C ARG E 18 38.70 -19.94 13.06
N VAL E 19 39.30 -19.83 11.87
CA VAL E 19 40.32 -18.82 11.60
C VAL E 19 39.71 -17.52 11.06
N THR E 20 40.14 -16.39 11.61
CA THR E 20 39.55 -15.09 11.28
C THR E 20 40.61 -14.04 10.93
N ILE E 21 40.70 -13.70 9.65
CA ILE E 21 41.68 -12.73 9.16
C ILE E 21 41.05 -11.36 8.93
N THR E 22 41.76 -10.30 9.34
CA THR E 22 41.26 -8.94 9.21
C THR E 22 42.00 -8.15 8.14
N CYS E 23 41.26 -7.43 7.31
CA CYS E 23 41.86 -6.48 6.38
C CYS E 23 41.31 -5.09 6.65
N ARG E 24 42.15 -4.08 6.47
CA ARG E 24 41.73 -2.70 6.70
C ARG E 24 42.31 -1.76 5.64
N ALA E 25 41.45 -0.92 5.07
CA ALA E 25 41.88 0.02 4.03
C ALA E 25 42.12 1.42 4.60
N SER E 26 43.03 2.15 3.96
CA SER E 26 43.39 3.50 4.42
C SER E 26 42.25 4.48 4.24
N GLN E 27 41.27 4.09 3.44
CA GLN E 27 40.08 4.91 3.20
C GLN E 27 38.91 4.00 2.86
N SER E 28 37.70 4.55 2.91
CA SER E 28 36.50 3.75 2.66
C SER E 28 36.43 3.35 1.19
N ILE E 29 36.27 2.05 0.94
CA ILE E 29 36.27 1.52 -0.42
C ILE E 29 35.04 0.68 -0.73
N SER E 30 33.94 0.94 -0.03
CA SER E 30 32.68 0.24 -0.28
C SER E 30 32.87 -1.27 -0.17
N SER E 31 32.41 -2.01 -1.17
CA SER E 31 32.60 -3.45 -1.21
C SER E 31 33.57 -3.84 -2.32
N TYR E 32 34.48 -2.92 -2.64
CA TYR E 32 35.48 -3.18 -3.67
C TYR E 32 36.71 -3.86 -3.07
N LEU E 33 36.53 -5.11 -2.67
CA LEU E 33 37.55 -5.85 -1.93
C LEU E 33 37.55 -7.32 -2.35
N ASN E 34 38.75 -7.85 -2.58
CA ASN E 34 38.91 -9.25 -2.98
C ASN E 34 39.83 -10.04 -2.05
N TRP E 35 39.57 -11.34 -1.92
CA TRP E 35 40.43 -12.21 -1.14
C TRP E 35 41.08 -13.28 -2.02
N TYR E 36 42.39 -13.43 -1.88
CA TYR E 36 43.12 -14.44 -2.62
C TYR E 36 43.84 -15.43 -1.71
N GLN E 37 43.95 -16.67 -2.19
CA GLN E 37 44.71 -17.71 -1.51
C GLN E 37 45.89 -18.15 -2.37
N GLN E 38 47.09 -18.09 -1.81
CA GLN E 38 48.29 -18.48 -2.55
C GLN E 38 49.07 -19.60 -1.84
N LYS E 39 48.96 -20.81 -2.36
CA LYS E 39 49.70 -21.94 -1.81
C LYS E 39 51.15 -21.88 -2.30
N PRO E 40 52.07 -22.57 -1.60
CA PRO E 40 53.50 -22.56 -1.96
C PRO E 40 53.79 -22.91 -3.41
N GLY E 41 54.53 -22.04 -4.09
CA GLY E 41 54.97 -22.29 -5.45
C GLY E 41 53.94 -21.99 -6.52
N LYS E 42 52.67 -21.92 -6.11
CA LYS E 42 51.59 -21.69 -7.06
C LYS E 42 51.22 -20.21 -7.17
N ALA E 43 50.45 -19.89 -8.19
CA ALA E 43 49.92 -18.55 -8.38
C ALA E 43 48.77 -18.31 -7.40
N PRO E 44 48.50 -17.04 -7.07
CA PRO E 44 47.35 -16.74 -6.21
C PRO E 44 46.05 -17.21 -6.84
N LYS E 45 45.05 -17.49 -6.00
CA LYS E 45 43.77 -17.98 -6.46
C LYS E 45 42.63 -17.21 -5.81
N LEU E 46 41.66 -16.81 -6.62
CA LEU E 46 40.52 -16.06 -6.13
C LEU E 46 39.70 -16.86 -5.12
N LEU E 47 39.41 -16.24 -3.98
CA LEU E 47 38.52 -16.82 -2.98
C LEU E 47 37.20 -16.08 -2.94
N ILE E 48 37.28 -14.83 -2.48
CA ILE E 48 36.12 -13.96 -2.31
C ILE E 48 36.29 -12.69 -3.12
N TYR E 49 35.31 -12.35 -3.95
CA TYR E 49 35.34 -11.08 -4.67
C TYR E 49 34.16 -10.22 -4.22
N ALA E 50 34.30 -8.90 -4.36
CA ALA E 50 33.30 -7.95 -3.89
C ALA E 50 32.97 -8.18 -2.41
N ALA E 51 34.00 -8.18 -1.59
CA ALA E 51 33.89 -8.32 -0.13
C ALA E 51 33.30 -9.65 0.36
N SER E 52 32.16 -10.05 -0.19
CA SER E 52 31.42 -11.18 0.38
C SER E 52 30.91 -12.21 -0.64
N SER E 53 31.17 -12.00 -1.92
CA SER E 53 30.74 -12.98 -2.92
C SER E 53 31.76 -14.12 -3.02
N LEU E 54 31.26 -15.34 -2.85
CA LEU E 54 32.10 -16.53 -2.93
C LEU E 54 32.27 -16.99 -4.36
N GLN E 55 33.52 -17.16 -4.79
CA GLN E 55 33.82 -17.65 -6.13
C GLN E 55 33.49 -19.13 -6.24
N SER E 56 32.82 -19.51 -7.33
CA SER E 56 32.46 -20.90 -7.58
C SER E 56 33.70 -21.78 -7.66
N GLY E 57 33.68 -22.90 -6.95
CA GLY E 57 34.82 -23.80 -6.89
C GLY E 57 35.42 -23.84 -5.51
N VAL E 58 35.50 -22.68 -4.86
CA VAL E 58 36.01 -22.55 -3.51
C VAL E 58 35.04 -23.17 -2.50
N PRO E 59 35.56 -24.02 -1.59
CA PRO E 59 34.74 -24.68 -0.57
C PRO E 59 33.98 -23.70 0.31
N SER E 60 32.80 -24.10 0.75
CA SER E 60 31.86 -23.20 1.43
C SER E 60 32.34 -22.73 2.81
N ARG E 61 33.39 -23.35 3.33
CA ARG E 61 33.93 -22.97 4.63
C ARG E 61 34.67 -21.62 4.55
N PHE E 62 34.85 -21.12 3.33
CA PHE E 62 35.38 -19.78 3.12
C PHE E 62 34.24 -18.77 3.00
N SER E 63 34.38 -17.64 3.69
CA SER E 63 33.37 -16.59 3.64
C SER E 63 34.00 -15.23 3.90
N GLY E 64 33.59 -14.26 3.09
CA GLY E 64 34.05 -12.89 3.25
C GLY E 64 32.99 -12.03 3.91
N SER E 65 33.44 -10.92 4.50
CA SER E 65 32.55 -10.01 5.19
C SER E 65 33.12 -8.60 5.17
N GLY E 66 32.28 -7.62 5.49
CA GLY E 66 32.74 -6.25 5.65
C GLY E 66 32.37 -5.31 4.52
N SER E 67 32.44 -4.01 4.82
CA SER E 67 32.17 -2.96 3.85
C SER E 67 32.71 -1.65 4.40
N GLY E 68 33.26 -0.83 3.53
CA GLY E 68 33.87 0.41 3.96
C GLY E 68 35.37 0.26 4.16
N THR E 69 35.79 0.18 5.41
CA THR E 69 37.21 0.05 5.72
C THR E 69 37.59 -1.34 6.22
N ASP E 70 36.80 -1.88 7.14
CA ASP E 70 37.15 -3.15 7.79
C ASP E 70 36.50 -4.36 7.13
N PHE E 71 37.33 -5.33 6.72
CA PHE E 71 36.85 -6.54 6.06
C PHE E 71 37.36 -7.78 6.78
N THR E 72 36.72 -8.92 6.52
CA THR E 72 37.02 -10.14 7.25
C THR E 72 36.96 -11.40 6.40
N LEU E 73 38.08 -12.12 6.32
CA LEU E 73 38.12 -13.45 5.73
C LEU E 73 37.96 -14.50 6.82
N THR E 74 37.14 -15.51 6.56
CA THR E 74 36.83 -16.51 7.59
C THR E 74 36.87 -17.95 7.06
N ILE E 75 37.52 -18.83 7.82
CA ILE E 75 37.44 -20.26 7.60
C ILE E 75 36.71 -20.90 8.79
N SER E 76 35.57 -21.52 8.54
CA SER E 76 34.74 -22.05 9.61
C SER E 76 35.40 -23.26 10.29
N SER E 77 36.01 -24.12 9.49
CA SER E 77 36.83 -25.22 10.01
C SER E 77 38.09 -25.39 9.17
N LEU E 78 39.20 -24.89 9.70
CA LEU E 78 40.50 -24.99 9.04
C LEU E 78 40.84 -26.43 8.72
N GLN E 79 41.57 -26.64 7.63
CA GLN E 79 41.86 -28.00 7.18
C GLN E 79 43.28 -28.12 6.63
N PRO E 80 43.87 -29.34 6.62
CA PRO E 80 45.26 -29.58 6.24
C PRO E 80 45.72 -28.89 4.95
N GLU E 81 44.81 -28.64 4.01
CA GLU E 81 45.19 -28.07 2.73
C GLU E 81 44.99 -26.56 2.69
N ASP E 82 44.47 -26.00 3.76
CA ASP E 82 44.23 -24.57 3.83
C ASP E 82 45.51 -23.80 4.13
N PHE E 83 46.60 -24.53 4.26
CA PHE E 83 47.91 -23.90 4.42
C PHE E 83 48.25 -23.07 3.19
N ALA E 84 48.35 -21.77 3.40
CA ALA E 84 48.67 -20.82 2.34
C ALA E 84 48.81 -19.42 2.91
N THR E 85 49.20 -18.47 2.07
CA THR E 85 49.19 -17.07 2.45
C THR E 85 47.98 -16.40 1.81
N TYR E 86 47.22 -15.66 2.61
CA TYR E 86 45.98 -15.07 2.15
C TYR E 86 46.12 -13.56 1.96
N TYR E 87 45.72 -13.08 0.78
CA TYR E 87 45.88 -11.68 0.43
C TYR E 87 44.55 -10.97 0.17
N CYS E 88 44.41 -9.77 0.72
CA CYS E 88 43.26 -8.93 0.42
C CYS E 88 43.68 -7.86 -0.59
N GLN E 89 42.77 -7.49 -1.48
CA GLN E 89 43.07 -6.54 -2.54
C GLN E 89 41.90 -5.61 -2.85
N GLN E 90 42.17 -4.32 -3.00
CA GLN E 90 41.12 -3.34 -3.27
C GLN E 90 41.02 -3.00 -4.77
N SER E 91 39.79 -2.87 -5.26
CA SER E 91 39.54 -2.56 -6.66
C SER E 91 38.89 -1.19 -6.82
N TYR E 92 39.07 -0.35 -5.82
CA TYR E 92 38.43 0.95 -5.78
C TYR E 92 39.16 1.97 -6.66
N SER E 93 40.38 2.33 -6.27
CA SER E 93 41.13 3.36 -6.99
C SER E 93 42.17 2.77 -7.94
N THR E 94 42.66 3.60 -8.86
CA THR E 94 43.44 3.17 -10.02
C THR E 94 44.62 2.23 -9.72
N PRO E 95 45.53 2.60 -8.80
CA PRO E 95 46.61 1.63 -8.58
C PRO E 95 46.22 0.54 -7.58
N TYR E 96 45.78 -0.60 -8.10
CA TYR E 96 45.25 -1.70 -7.29
C TYR E 96 46.29 -2.20 -6.29
N THR E 97 45.87 -2.34 -5.04
CA THR E 97 46.80 -2.64 -3.97
C THR E 97 46.43 -3.92 -3.22
N PHE E 98 47.46 -4.70 -2.89
CA PHE E 98 47.28 -5.88 -2.05
C PHE E 98 47.73 -5.59 -0.63
N GLY E 99 47.35 -6.45 0.31
CA GLY E 99 47.77 -6.32 1.69
C GLY E 99 49.07 -7.06 1.94
N GLY E 100 49.70 -6.79 3.08
CA GLY E 100 50.99 -7.36 3.42
C GLY E 100 51.03 -8.88 3.38
N GLY E 101 49.87 -9.50 3.54
CA GLY E 101 49.77 -10.95 3.53
C GLY E 101 49.53 -11.51 4.91
N THR E 102 48.91 -12.69 4.97
CA THR E 102 48.68 -13.39 6.22
C THR E 102 49.01 -14.87 6.05
N LYS E 103 50.18 -15.29 6.54
CA LYS E 103 50.55 -16.69 6.42
C LYS E 103 49.85 -17.50 7.50
N VAL E 104 49.20 -18.58 7.08
CA VAL E 104 48.48 -19.45 8.01
C VAL E 104 49.04 -20.87 7.95
N GLU E 105 49.74 -21.27 9.01
CA GLU E 105 50.22 -22.64 9.13
C GLU E 105 49.23 -23.45 9.97
N ILE E 106 49.51 -24.74 10.11
CA ILE E 106 48.59 -25.64 10.79
C ILE E 106 49.25 -26.36 11.95
N LYS E 107 48.64 -26.26 13.12
CA LYS E 107 49.17 -26.89 14.33
C LYS E 107 48.66 -28.32 14.46
N ARG E 108 49.60 -29.27 14.54
CA ARG E 108 49.28 -30.67 14.71
C ARG E 108 50.04 -31.27 15.88
N THR E 109 49.96 -32.59 16.03
CA THR E 109 50.69 -33.28 17.10
C THR E 109 52.16 -33.45 16.74
N VAL E 110 53.02 -33.35 17.76
CA VAL E 110 54.46 -33.47 17.57
C VAL E 110 54.85 -34.79 16.94
N ALA E 111 55.55 -34.71 15.81
CA ALA E 111 56.01 -35.90 15.11
C ALA E 111 57.53 -35.85 14.96
N ALA E 112 58.18 -36.98 15.27
CA ALA E 112 59.64 -37.06 15.23
C ALA E 112 60.15 -37.24 13.81
N PRO E 113 61.26 -36.56 13.48
CA PRO E 113 61.89 -36.66 12.16
C PRO E 113 62.59 -37.99 11.93
N SER E 114 62.35 -38.62 10.77
CA SER E 114 63.15 -39.76 10.36
C SER E 114 64.42 -39.25 9.71
N VAL E 115 65.57 -39.61 10.28
CA VAL E 115 66.84 -39.08 9.81
C VAL E 115 67.57 -40.05 8.88
N PHE E 116 68.14 -39.50 7.81
CA PHE E 116 68.98 -40.27 6.89
C PHE E 116 70.26 -39.49 6.59
N ILE E 117 71.36 -40.20 6.35
CA ILE E 117 72.58 -39.55 5.93
C ILE E 117 73.05 -40.10 4.58
N PHE E 118 73.66 -39.24 3.79
CA PHE E 118 74.14 -39.62 2.46
C PHE E 118 75.60 -39.24 2.27
N PRO E 119 76.43 -40.24 1.98
CA PRO E 119 77.82 -39.96 1.58
C PRO E 119 77.86 -39.29 0.21
N PRO E 120 78.96 -38.61 -0.13
CA PRO E 120 79.04 -38.04 -1.47
C PRO E 120 79.19 -39.14 -2.52
N SER E 121 78.65 -38.92 -3.71
CA SER E 121 78.75 -39.89 -4.78
C SER E 121 80.18 -39.95 -5.31
N ASP E 122 80.55 -41.09 -5.87
CA ASP E 122 81.86 -41.25 -6.50
C ASP E 122 82.00 -40.25 -7.64
N GLU E 123 80.89 -39.96 -8.31
CA GLU E 123 80.89 -39.05 -9.45
C GLU E 123 81.28 -37.63 -9.05
N GLN E 124 80.70 -37.14 -7.96
CA GLN E 124 80.99 -35.78 -7.49
C GLN E 124 82.42 -35.67 -6.97
N LEU E 125 82.87 -36.73 -6.31
CA LEU E 125 84.22 -36.75 -5.74
C LEU E 125 85.29 -36.62 -6.80
N LYS E 126 84.99 -37.04 -8.01
CA LYS E 126 85.95 -36.96 -9.10
C LYS E 126 86.32 -35.51 -9.41
N SER E 127 85.35 -34.61 -9.28
CA SER E 127 85.54 -33.22 -9.67
C SER E 127 86.09 -32.33 -8.54
N GLY E 128 86.48 -32.94 -7.44
CA GLY E 128 87.20 -32.24 -6.38
C GLY E 128 86.38 -31.52 -5.32
N THR E 129 85.17 -32.02 -5.08
CA THR E 129 84.31 -31.45 -4.04
C THR E 129 83.37 -32.53 -3.51
N ALA E 130 83.24 -32.60 -2.19
CA ALA E 130 82.35 -33.58 -1.57
C ALA E 130 81.17 -32.92 -0.87
N SER E 131 79.96 -33.41 -1.14
CA SER E 131 78.77 -32.91 -0.47
C SER E 131 78.14 -33.99 0.40
N VAL E 132 78.00 -33.69 1.68
CA VAL E 132 77.37 -34.61 2.62
C VAL E 132 75.96 -34.12 2.96
N VAL E 133 74.97 -34.99 2.74
CA VAL E 133 73.56 -34.61 2.92
C VAL E 133 72.90 -35.33 4.10
N CYS E 134 72.15 -34.58 4.91
CA CYS E 134 71.37 -35.16 6.00
C CYS E 134 69.89 -34.85 5.83
N LEU E 135 69.06 -35.89 5.81
CA LEU E 135 67.62 -35.72 5.58
C LEU E 135 66.80 -35.91 6.85
N LEU E 136 66.09 -34.85 7.23
CA LEU E 136 65.09 -34.94 8.29
C LEU E 136 63.72 -34.99 7.63
N ASN E 137 63.04 -36.13 7.70
CA ASN E 137 61.81 -36.30 6.95
C ASN E 137 60.55 -36.37 7.79
N ASN E 138 59.57 -35.54 7.43
CA ASN E 138 58.24 -35.56 8.03
C ASN E 138 58.23 -35.37 9.55
N PHE E 139 58.40 -34.11 9.99
CA PHE E 139 58.41 -33.82 11.42
C PHE E 139 57.62 -32.55 11.75
N TYR E 140 57.35 -32.37 13.04
CA TYR E 140 56.63 -31.20 13.53
C TYR E 140 56.93 -30.99 15.02
N PRO E 141 57.14 -29.72 15.45
CA PRO E 141 57.09 -28.48 14.67
C PRO E 141 58.30 -28.27 13.76
N ARG E 142 58.36 -27.12 13.11
CA ARG E 142 59.41 -26.82 12.14
C ARG E 142 60.78 -26.72 12.80
N GLU E 143 60.82 -26.13 13.99
CA GLU E 143 62.06 -25.88 14.70
C GLU E 143 62.84 -27.15 15.00
N ALA E 144 63.99 -27.29 14.34
CA ALA E 144 64.91 -28.41 14.59
C ALA E 144 66.35 -27.93 14.50
N LYS E 145 67.24 -28.57 15.27
CA LYS E 145 68.65 -28.21 15.25
C LYS E 145 69.49 -29.35 14.68
N VAL E 146 70.27 -29.04 13.65
CA VAL E 146 71.14 -30.02 13.02
C VAL E 146 72.61 -29.64 13.16
N GLN E 147 73.43 -30.56 13.63
CA GLN E 147 74.87 -30.32 13.77
C GLN E 147 75.70 -31.37 13.05
N TRP E 148 76.79 -30.94 12.44
CA TRP E 148 77.69 -31.84 11.73
C TRP E 148 78.95 -32.14 12.53
N LYS E 149 79.20 -33.42 12.79
CA LYS E 149 80.43 -33.82 13.45
C LYS E 149 81.33 -34.63 12.52
N VAL E 150 82.42 -34.01 12.06
CA VAL E 150 83.41 -34.71 11.25
C VAL E 150 84.54 -35.21 12.16
N ASP E 151 84.52 -36.51 12.44
CA ASP E 151 85.40 -37.11 13.44
C ASP E 151 85.23 -36.39 14.78
N ASN E 152 83.98 -36.34 15.25
CA ASN E 152 83.64 -35.76 16.54
C ASN E 152 84.11 -34.32 16.69
N ALA E 153 83.93 -33.53 15.65
CA ALA E 153 84.29 -32.12 15.66
C ALA E 153 83.16 -31.29 15.08
N LEU E 154 82.64 -30.34 15.85
CA LEU E 154 81.54 -29.50 15.37
C LEU E 154 81.98 -28.58 14.25
N GLN E 155 81.24 -28.61 13.14
CA GLN E 155 81.56 -27.80 11.97
C GLN E 155 80.89 -26.43 12.05
N SER E 156 81.36 -25.50 11.24
CA SER E 156 80.76 -24.17 11.16
C SER E 156 81.09 -23.46 9.86
N GLY E 157 80.07 -22.84 9.27
CA GLY E 157 80.23 -22.05 8.05
C GLY E 157 80.48 -22.90 6.82
N ASN E 158 80.18 -24.18 6.92
CA ASN E 158 80.39 -25.09 5.80
C ASN E 158 79.16 -25.94 5.50
N SER E 159 78.03 -25.55 6.08
CA SER E 159 76.77 -26.25 5.82
C SER E 159 75.64 -25.27 5.55
N GLN E 160 74.70 -25.69 4.72
CA GLN E 160 73.49 -24.92 4.44
C GLN E 160 72.28 -25.85 4.49
N GLU E 161 71.17 -25.34 5.01
CA GLU E 161 69.95 -26.12 5.10
C GLU E 161 68.78 -25.40 4.45
N SER E 162 67.79 -26.17 4.02
CA SER E 162 66.54 -25.60 3.54
C SER E 162 65.38 -26.49 3.99
N VAL E 163 64.26 -25.86 4.33
CA VAL E 163 63.09 -26.58 4.80
C VAL E 163 61.98 -26.55 3.76
N THR E 164 61.30 -27.68 3.58
CA THR E 164 60.13 -27.71 2.72
C THR E 164 59.00 -26.93 3.36
N GLU E 165 58.03 -26.53 2.55
CA GLU E 165 56.83 -25.93 3.10
C GLU E 165 55.99 -27.01 3.78
N GLN E 166 55.04 -26.58 4.58
CA GLN E 166 54.21 -27.53 5.32
C GLN E 166 53.41 -28.39 4.36
N ASP E 167 53.28 -29.67 4.68
CA ASP E 167 52.59 -30.60 3.79
C ASP E 167 51.09 -30.32 3.79
N SER E 168 50.45 -30.57 2.67
CA SER E 168 49.03 -30.31 2.52
C SER E 168 48.18 -31.47 3.02
N LYS E 169 48.81 -32.48 3.60
CA LYS E 169 48.10 -33.67 4.04
C LYS E 169 48.41 -34.04 5.49
N ASP E 170 49.68 -34.26 5.81
CA ASP E 170 50.06 -34.60 7.18
C ASP E 170 50.58 -33.38 7.95
N SER E 171 50.65 -32.24 7.26
CA SER E 171 51.08 -30.97 7.85
C SER E 171 52.45 -31.04 8.53
N THR E 172 53.34 -31.87 7.98
CA THR E 172 54.69 -32.00 8.52
C THR E 172 55.69 -31.17 7.73
N TYR E 173 56.92 -31.11 8.23
CA TYR E 173 58.01 -30.43 7.53
C TYR E 173 59.09 -31.44 7.17
N SER E 174 60.00 -31.01 6.31
CA SER E 174 61.20 -31.81 6.02
C SER E 174 62.36 -30.86 5.76
N LEU E 175 63.55 -31.28 6.18
CA LEU E 175 64.71 -30.42 6.12
C LEU E 175 65.91 -31.17 5.57
N SER E 176 66.80 -30.45 4.90
CA SER E 176 68.02 -31.05 4.38
C SER E 176 69.22 -30.18 4.70
N SER E 177 70.13 -30.68 5.52
CA SER E 177 71.39 -29.99 5.77
C SER E 177 72.47 -30.57 4.85
N THR E 178 73.17 -29.70 4.15
CA THR E 178 74.19 -30.14 3.21
C THR E 178 75.57 -29.65 3.62
N LEU E 179 76.44 -30.60 3.94
CA LEU E 179 77.82 -30.29 4.32
C LEU E 179 78.72 -30.27 3.09
N THR E 180 79.13 -29.08 2.67
CA THR E 180 80.02 -28.94 1.53
C THR E 180 81.47 -28.76 1.98
N LEU E 181 82.35 -29.62 1.46
CA LEU E 181 83.79 -29.53 1.75
C LEU E 181 84.60 -30.18 0.63
N SER E 182 85.88 -29.83 0.54
CA SER E 182 86.72 -30.26 -0.58
C SER E 182 87.10 -31.74 -0.51
N LYS E 183 87.43 -32.31 -1.66
CA LYS E 183 87.86 -33.71 -1.73
C LYS E 183 89.11 -33.94 -0.90
N ALA E 184 89.95 -32.91 -0.83
CA ALA E 184 91.16 -32.97 0.00
C ALA E 184 90.81 -33.22 1.47
N ASP E 185 90.05 -32.32 2.06
CA ASP E 185 89.68 -32.42 3.46
C ASP E 185 88.71 -33.56 3.74
N TYR E 186 87.94 -33.95 2.72
CA TYR E 186 86.95 -35.01 2.90
C TYR E 186 87.62 -36.35 3.16
N GLU E 187 88.75 -36.60 2.52
CA GLU E 187 89.41 -37.89 2.66
C GLU E 187 90.50 -37.85 3.72
N LYS E 188 90.56 -36.76 4.46
CA LYS E 188 91.45 -36.66 5.61
C LYS E 188 90.67 -37.00 6.89
N HIS E 189 89.41 -37.42 6.72
CA HIS E 189 88.56 -37.74 7.86
C HIS E 189 87.75 -39.00 7.60
N LYS E 190 87.45 -39.74 8.67
CA LYS E 190 86.83 -41.05 8.54
C LYS E 190 85.35 -41.04 8.94
N VAL E 191 85.07 -40.46 10.11
CA VAL E 191 83.73 -40.50 10.68
C VAL E 191 82.91 -39.25 10.37
N TYR E 192 81.82 -39.43 9.64
CA TYR E 192 80.92 -38.32 9.30
C TYR E 192 79.56 -38.49 9.95
N ALA E 193 79.20 -37.56 10.82
CA ALA E 193 78.00 -37.69 11.64
C ALA E 193 77.06 -36.50 11.51
N CYS E 194 75.78 -36.81 11.36
CA CYS E 194 74.71 -35.82 11.38
C CYS E 194 73.90 -35.95 12.66
N GLU E 195 74.04 -34.97 13.56
CA GLU E 195 73.37 -35.04 14.86
C GLU E 195 72.12 -34.16 14.92
N VAL E 196 70.98 -34.78 15.19
CA VAL E 196 69.71 -34.07 15.12
C VAL E 196 69.06 -33.86 16.50
N THR E 197 68.69 -32.62 16.78
CA THR E 197 67.95 -32.31 18.00
C THR E 197 66.54 -31.82 17.64
N HIS E 198 65.53 -32.41 18.26
CA HIS E 198 64.14 -32.02 18.02
C HIS E 198 63.28 -32.30 19.25
N GLN E 199 62.10 -31.70 19.29
CA GLN E 199 61.19 -31.90 20.41
C GLN E 199 60.64 -33.33 20.47
N GLY E 200 60.58 -33.98 19.30
CA GLY E 200 60.04 -35.32 19.22
C GLY E 200 61.03 -36.40 19.62
N LEU E 201 62.26 -35.99 19.89
CA LEU E 201 63.30 -36.93 20.28
C LEU E 201 63.68 -36.76 21.75
N SER E 202 63.56 -37.84 22.52
CA SER E 202 63.95 -37.84 23.92
C SER E 202 65.41 -37.46 24.07
N SER E 203 66.24 -38.08 23.24
CA SER E 203 67.66 -37.74 23.13
C SER E 203 67.95 -37.46 21.66
N PRO E 204 68.94 -36.61 21.39
CA PRO E 204 69.37 -36.34 20.01
C PRO E 204 69.75 -37.60 19.23
N VAL E 205 69.23 -37.72 18.02
CA VAL E 205 69.53 -38.85 17.15
C VAL E 205 70.68 -38.52 16.20
N THR E 206 71.70 -39.37 16.20
CA THR E 206 72.87 -39.14 15.35
C THR E 206 73.04 -40.26 14.34
N LYS E 207 72.92 -39.90 13.05
CA LYS E 207 73.20 -40.83 11.97
C LYS E 207 74.61 -40.59 11.43
N SER E 208 75.32 -41.66 11.09
CA SER E 208 76.72 -41.53 10.71
C SER E 208 77.19 -42.62 9.76
N PHE E 209 78.23 -42.31 8.99
CA PHE E 209 78.87 -43.30 8.13
C PHE E 209 80.39 -43.15 8.19
N ASN E 210 81.09 -44.18 7.73
CA ASN E 210 82.55 -44.12 7.64
C ASN E 210 83.00 -44.20 6.18
N ARG E 211 83.84 -43.26 5.79
CA ARG E 211 84.33 -43.15 4.42
C ARG E 211 85.01 -44.44 3.95
N GLY E 212 84.35 -45.15 3.04
CA GLY E 212 84.88 -46.40 2.52
C GLY E 212 84.48 -47.60 3.35
C1 NAG F . -85.03 -3.94 20.00
C2 NAG F . -85.03 -3.94 18.49
C3 NAG F . -84.51 -2.66 17.96
C4 NAG F . -85.26 -1.50 18.50
C5 NAG F . -85.45 -1.56 20.00
C6 NAG F . -86.41 -0.48 20.44
C7 NAG F . -82.98 -5.45 18.23
C8 NAG F . -82.42 -6.71 17.64
N2 NAG F . -84.32 -5.13 17.97
O3 NAG F . -84.61 -2.65 16.49
O4 NAG F . -84.54 -0.28 18.17
O5 NAG F . -85.93 -2.86 20.48
O6 NAG F . -87.70 -0.76 19.94
O7 NAG F . -82.27 -4.75 18.93
C1 NAG G . -73.73 2.08 44.19
C2 NAG G . -72.89 3.34 43.94
C3 NAG G . -71.64 3.38 44.72
C4 NAG G . -71.78 2.92 46.13
C5 NAG G . -72.53 1.62 46.19
C6 NAG G . -72.62 1.14 47.61
C7 NAG G . -73.11 4.19 41.58
C8 NAG G . -72.58 4.23 40.19
N2 NAG G . -72.45 3.41 42.54
O3 NAG G . -71.15 4.77 44.69
O4 NAG G . -70.45 2.73 46.69
O5 NAG G . -73.88 1.76 45.62
O6 NAG G . -73.45 -0.01 47.64
O7 NAG G . -74.11 4.81 41.87
C1 NAG H . -72.11 -23.17 33.92
C2 NAG H . -70.91 -23.86 34.51
C3 NAG H . -70.18 -24.71 33.56
C4 NAG H . -71.10 -25.65 32.88
C5 NAG H . -72.24 -24.90 32.22
C6 NAG H . -73.13 -25.88 31.53
C7 NAG H . -69.41 -21.81 34.46
C8 NAG H . -68.51 -20.90 35.24
N2 NAG H . -70.01 -22.89 35.14
O3 NAG H . -69.19 -25.49 34.32
O4 NAG H . -70.36 -26.40 31.88
O5 NAG H . -73.00 -24.10 33.20
O6 NAG H . -73.95 -26.51 32.51
O7 NAG H . -69.59 -21.61 33.28
#